data_1EXK
#
_entry.id   1EXK
#
_cell.length_a   1.000
_cell.length_b   1.000
_cell.length_c   1.000
_cell.angle_alpha   90.00
_cell.angle_beta   90.00
_cell.angle_gamma   90.00
#
_symmetry.space_group_name_H-M   'P 1'
#
loop_
_entity.id
_entity.type
_entity.pdbx_description
1 polymer 'DNAJ PROTEIN'
2 non-polymer 'ZINC ION'
#
_entity_poly.entity_id   1
_entity_poly.type   'polypeptide(L)'
_entity_poly.pdbx_seq_one_letter_code
;GVTKEIRIPTLEECDVCHGSGAKPGTQPQTCPTCHGSGQVQMRQGFFAVQQTCPHCQGRGTLIKDPCNKCHGHGRVERS
;
_entity_poly.pdbx_strand_id   A
#
loop_
_chem_comp.id
_chem_comp.type
_chem_comp.name
_chem_comp.formula
ZN non-polymer 'ZINC ION' 'Zn 2'
#
# COMPACT_ATOMS: atom_id res chain seq x y z
N GLY A 1 3.35 -35.85 -7.99
CA GLY A 1 3.37 -34.82 -9.03
C GLY A 1 2.40 -33.72 -8.63
N VAL A 2 1.10 -33.98 -8.80
CA VAL A 2 0.02 -33.07 -8.41
C VAL A 2 0.11 -32.67 -6.93
N THR A 3 0.78 -33.52 -6.13
CA THR A 3 1.05 -33.34 -4.72
C THR A 3 2.00 -32.16 -4.50
N LYS A 4 2.96 -31.95 -5.40
CA LYS A 4 3.93 -30.87 -5.35
C LYS A 4 3.40 -29.69 -6.17
N GLU A 5 2.96 -29.99 -7.40
CA GLU A 5 2.39 -29.05 -8.34
C GLU A 5 0.96 -28.72 -7.89
N ILE A 6 0.83 -28.07 -6.73
CA ILE A 6 -0.46 -27.74 -6.14
C ILE A 6 -1.20 -26.64 -6.93
N ARG A 7 -1.72 -27.03 -8.09
CA ARG A 7 -2.49 -26.20 -9.02
C ARG A 7 -3.88 -25.82 -8.50
N ILE A 8 -3.94 -25.20 -7.31
CA ILE A 8 -5.15 -24.70 -6.68
C ILE A 8 -4.87 -23.26 -6.26
N PRO A 9 -5.06 -22.27 -7.14
CA PRO A 9 -4.75 -20.87 -6.89
C PRO A 9 -5.15 -20.35 -5.51
N THR A 10 -4.26 -19.55 -4.90
CA THR A 10 -4.50 -18.88 -3.63
C THR A 10 -3.50 -17.73 -3.56
N LEU A 11 -3.90 -16.62 -2.93
CA LEU A 11 -3.05 -15.45 -2.79
C LEU A 11 -2.22 -15.55 -1.51
N GLU A 12 -1.00 -15.00 -1.55
CA GLU A 12 -0.07 -14.98 -0.45
C GLU A 12 0.58 -13.61 -0.39
N GLU A 13 0.85 -13.13 0.83
CA GLU A 13 1.53 -11.87 1.03
C GLU A 13 3.00 -12.10 0.68
N CYS A 14 3.65 -11.11 0.08
CA CYS A 14 5.05 -11.25 -0.26
C CYS A 14 5.85 -11.05 1.02
N ASP A 15 6.05 -12.15 1.75
CA ASP A 15 6.79 -12.25 3.01
C ASP A 15 8.08 -11.43 2.97
N VAL A 16 8.78 -11.49 1.84
CA VAL A 16 10.02 -10.75 1.58
C VAL A 16 9.85 -9.26 1.87
N CYS A 17 8.76 -8.63 1.40
CA CYS A 17 8.46 -7.23 1.72
C CYS A 17 7.44 -7.14 2.85
N HIS A 18 7.26 -8.21 3.61
CA HIS A 18 6.38 -8.31 4.75
C HIS A 18 4.96 -7.91 4.35
N GLY A 19 4.58 -8.28 3.11
CA GLY A 19 3.26 -7.99 2.59
C GLY A 19 3.01 -6.53 2.23
N SER A 20 3.99 -5.63 2.35
CA SER A 20 3.78 -4.22 2.01
C SER A 20 3.86 -4.01 0.51
N GLY A 21 5.08 -4.03 -0.01
CA GLY A 21 5.42 -3.82 -1.41
C GLY A 21 6.83 -3.26 -1.58
N ALA A 22 7.45 -2.67 -0.55
CA ALA A 22 8.80 -2.11 -0.68
C ALA A 22 9.87 -3.20 -0.53
N LYS A 23 11.04 -3.05 -1.15
CA LYS A 23 12.09 -4.07 -1.09
C LYS A 23 12.43 -4.47 0.36
N PRO A 24 12.89 -5.72 0.60
CA PRO A 24 13.20 -6.21 1.94
C PRO A 24 14.12 -5.24 2.70
N GLY A 25 13.83 -5.03 3.99
CA GLY A 25 14.56 -4.11 4.87
C GLY A 25 14.21 -2.66 4.56
N THR A 26 14.31 -2.29 3.29
CA THR A 26 14.03 -1.00 2.70
C THR A 26 12.51 -0.76 2.75
N GLN A 27 12.00 -0.52 3.96
CA GLN A 27 10.57 -0.37 4.20
C GLN A 27 9.94 0.74 3.36
N PRO A 28 8.61 0.71 3.14
CA PRO A 28 7.92 1.77 2.42
C PRO A 28 8.23 3.11 3.08
N GLN A 29 8.34 4.16 2.27
CA GLN A 29 8.68 5.47 2.79
C GLN A 29 7.40 6.14 3.30
N THR A 30 7.37 6.54 4.56
CA THR A 30 6.23 7.22 5.18
C THR A 30 5.80 8.39 4.30
N CYS A 31 4.55 8.42 3.83
CA CYS A 31 4.10 9.51 3.00
C CYS A 31 4.11 10.80 3.83
N PRO A 32 4.92 11.82 3.49
CA PRO A 32 4.99 13.03 4.28
C PRO A 32 3.71 13.85 4.15
N THR A 33 3.14 13.90 2.94
CA THR A 33 1.92 14.63 2.60
C THR A 33 0.80 14.44 3.63
N CYS A 34 0.63 13.22 4.14
CA CYS A 34 -0.38 12.88 5.15
C CYS A 34 0.27 12.46 6.47
N HIS A 35 1.55 12.76 6.68
CA HIS A 35 2.29 12.39 7.89
C HIS A 35 2.05 10.92 8.23
N GLY A 36 2.20 10.04 7.23
CA GLY A 36 1.97 8.60 7.35
C GLY A 36 0.56 8.19 7.79
N SER A 37 -0.36 9.14 7.96
CA SER A 37 -1.70 8.90 8.46
C SER A 37 -2.72 8.61 7.34
N GLY A 38 -2.26 8.55 6.08
CA GLY A 38 -3.10 8.22 4.94
C GLY A 38 -4.12 9.28 4.51
N GLN A 39 -4.30 10.35 5.28
CA GLN A 39 -5.25 11.41 5.00
C GLN A 39 -4.53 12.76 4.99
N VAL A 40 -4.75 13.56 3.95
CA VAL A 40 -4.22 14.90 3.83
C VAL A 40 -5.22 15.83 4.50
N GLN A 41 -4.77 16.88 5.18
CA GLN A 41 -5.66 17.86 5.77
C GLN A 41 -5.74 19.05 4.82
N MET A 42 -6.91 19.23 4.19
CA MET A 42 -7.20 20.33 3.30
C MET A 42 -7.44 21.57 4.16
N ARG A 43 -6.35 22.09 4.71
CA ARG A 43 -6.26 23.25 5.60
C ARG A 43 -6.59 24.56 4.90
N GLN A 44 -7.78 24.64 4.28
CA GLN A 44 -8.28 25.83 3.60
C GLN A 44 -8.84 26.79 4.66
N GLY A 45 -7.94 27.28 5.51
CA GLY A 45 -8.29 28.16 6.61
C GLY A 45 -9.17 27.40 7.61
N PHE A 46 -10.33 27.97 7.94
CA PHE A 46 -11.27 27.43 8.92
C PHE A 46 -11.66 25.97 8.64
N PHE A 47 -12.02 25.68 7.40
CA PHE A 47 -12.53 24.36 7.02
C PHE A 47 -11.42 23.35 6.85
N ALA A 48 -10.62 23.14 7.90
CA ALA A 48 -9.47 22.24 7.87
C ALA A 48 -9.88 20.78 7.99
N VAL A 49 -10.70 20.30 7.05
CA VAL A 49 -11.09 18.90 6.96
C VAL A 49 -10.05 18.15 6.15
N GLN A 50 -10.20 16.82 6.03
CA GLN A 50 -9.24 15.98 5.34
C GLN A 50 -9.81 15.31 4.09
N GLN A 51 -8.91 14.69 3.33
CA GLN A 51 -9.21 13.90 2.15
C GLN A 51 -8.25 12.71 2.19
N THR A 52 -8.60 11.59 1.56
CA THR A 52 -7.69 10.45 1.49
C THR A 52 -6.49 10.88 0.65
N CYS A 53 -5.26 10.55 1.05
CA CYS A 53 -4.08 10.92 0.28
C CYS A 53 -4.03 10.07 -1.00
N PRO A 54 -4.12 10.67 -2.20
CA PRO A 54 -4.10 9.91 -3.44
C PRO A 54 -2.70 9.35 -3.72
N HIS A 55 -1.65 10.13 -3.43
CA HIS A 55 -0.26 9.79 -3.67
C HIS A 55 0.10 8.37 -3.20
N CYS A 56 -0.40 7.98 -2.03
CA CYS A 56 -0.18 6.67 -1.45
C CYS A 56 -1.49 5.89 -1.32
N GLN A 57 -2.52 6.25 -2.10
CA GLN A 57 -3.81 5.57 -2.14
C GLN A 57 -4.34 5.30 -0.72
N GLY A 58 -4.21 6.27 0.19
CA GLY A 58 -4.67 6.14 1.56
C GLY A 58 -3.84 5.20 2.45
N ARG A 59 -2.84 4.50 1.91
CA ARG A 59 -2.02 3.55 2.66
C ARG A 59 -0.94 4.23 3.52
N GLY A 60 -0.79 5.56 3.42
CA GLY A 60 0.21 6.33 4.14
C GLY A 60 1.67 5.94 3.84
N THR A 61 1.90 5.03 2.88
CA THR A 61 3.21 4.47 2.57
C THR A 61 3.52 4.56 1.09
N LEU A 62 4.72 5.04 0.75
CA LEU A 62 5.19 5.19 -0.62
C LEU A 62 6.17 4.09 -0.97
N ILE A 63 5.83 3.31 -2.00
CA ILE A 63 6.64 2.24 -2.55
C ILE A 63 7.72 2.88 -3.43
N LYS A 64 8.62 3.65 -2.81
CA LYS A 64 9.70 4.33 -3.52
C LYS A 64 10.53 3.30 -4.28
N ASP A 65 10.85 2.19 -3.59
CA ASP A 65 11.66 1.08 -4.07
C ASP A 65 10.76 -0.16 -4.17
N PRO A 66 10.26 -0.53 -5.36
CA PRO A 66 9.36 -1.67 -5.49
C PRO A 66 10.07 -3.00 -5.27
N CYS A 67 9.49 -3.86 -4.43
CA CYS A 67 9.97 -5.21 -4.17
C CYS A 67 9.82 -6.01 -5.47
N ASN A 68 10.93 -6.16 -6.20
CA ASN A 68 11.03 -6.87 -7.47
C ASN A 68 10.21 -8.18 -7.48
N LYS A 69 10.37 -9.03 -6.47
CA LYS A 69 9.68 -10.31 -6.34
C LYS A 69 8.18 -10.21 -6.64
N CYS A 70 7.53 -9.14 -6.19
CA CYS A 70 6.09 -8.93 -6.41
C CYS A 70 5.85 -7.65 -7.23
N HIS A 71 6.87 -7.18 -7.94
CA HIS A 71 6.83 -5.96 -8.74
C HIS A 71 6.19 -4.81 -7.95
N GLY A 72 6.54 -4.66 -6.67
CA GLY A 72 6.02 -3.60 -5.83
C GLY A 72 4.56 -3.74 -5.37
N HIS A 73 3.82 -4.77 -5.82
CA HIS A 73 2.41 -4.92 -5.41
C HIS A 73 2.32 -5.20 -3.91
N GLY A 74 3.01 -6.25 -3.47
CA GLY A 74 3.09 -6.65 -2.07
C GLY A 74 2.49 -8.02 -1.78
N ARG A 75 1.79 -8.63 -2.73
CA ARG A 75 1.20 -9.95 -2.60
C ARG A 75 1.18 -10.57 -3.99
N VAL A 76 1.14 -11.90 -4.05
CA VAL A 76 1.19 -12.64 -5.30
C VAL A 76 0.35 -13.90 -5.18
N GLU A 77 0.07 -14.54 -6.33
CA GLU A 77 -0.59 -15.82 -6.36
C GLU A 77 0.50 -16.85 -6.08
N ARG A 78 0.21 -17.84 -5.23
CA ARG A 78 1.15 -18.88 -4.88
C ARG A 78 1.73 -19.50 -6.16
N SER A 79 3.04 -19.34 -6.36
CA SER A 79 3.74 -19.81 -7.54
C SER A 79 5.24 -19.70 -7.28
ZN ZN B . 7.32 -8.13 -2.22
ZN ZN C . -0.03 10.03 1.62
N GLY A 1 -19.21 -32.56 -1.11
CA GLY A 1 -18.90 -31.16 -1.30
C GLY A 1 -17.61 -30.78 -0.56
N VAL A 2 -16.61 -31.67 -0.63
CA VAL A 2 -15.31 -31.47 0.02
C VAL A 2 -14.64 -30.20 -0.53
N THR A 3 -14.71 -30.01 -1.84
CA THR A 3 -14.17 -28.85 -2.53
C THR A 3 -14.75 -28.85 -3.95
N LYS A 4 -14.17 -28.03 -4.83
CA LYS A 4 -14.55 -27.88 -6.24
C LYS A 4 -13.43 -27.08 -6.91
N GLU A 5 -13.69 -26.44 -8.06
CA GLU A 5 -12.73 -25.60 -8.74
C GLU A 5 -12.60 -24.25 -8.01
N ILE A 6 -12.07 -24.28 -6.78
CA ILE A 6 -11.92 -23.10 -5.93
C ILE A 6 -10.81 -22.15 -6.42
N ARG A 7 -10.94 -21.60 -7.63
CA ARG A 7 -9.99 -20.64 -8.17
C ARG A 7 -10.27 -19.27 -7.54
N ILE A 8 -10.13 -19.19 -6.22
CA ILE A 8 -10.27 -17.95 -5.47
C ILE A 8 -8.96 -17.18 -5.67
N PRO A 9 -8.98 -15.86 -5.95
CA PRO A 9 -7.76 -15.08 -6.13
C PRO A 9 -6.99 -15.08 -4.81
N THR A 10 -6.09 -16.06 -4.65
CA THR A 10 -5.33 -16.35 -3.46
C THR A 10 -4.27 -15.29 -3.16
N LEU A 11 -4.70 -14.05 -2.91
CA LEU A 11 -3.79 -12.97 -2.60
C LEU A 11 -3.16 -13.21 -1.23
N GLU A 12 -1.86 -13.51 -1.23
CA GLU A 12 -1.07 -13.73 -0.02
C GLU A 12 0.03 -12.68 0.01
N GLU A 13 0.41 -12.25 1.22
CA GLU A 13 1.42 -11.23 1.39
C GLU A 13 2.77 -11.71 0.83
N CYS A 14 3.47 -10.81 0.15
CA CYS A 14 4.79 -11.12 -0.36
C CYS A 14 5.76 -11.09 0.82
N ASP A 15 6.09 -12.28 1.34
CA ASP A 15 6.98 -12.48 2.48
C ASP A 15 8.26 -11.66 2.35
N VAL A 16 8.84 -11.64 1.14
CA VAL A 16 10.06 -10.93 0.80
C VAL A 16 10.00 -9.45 1.23
N CYS A 17 8.81 -8.84 1.27
CA CYS A 17 8.62 -7.47 1.73
C CYS A 17 7.57 -7.41 2.85
N HIS A 18 7.32 -8.55 3.52
CA HIS A 18 6.33 -8.70 4.57
C HIS A 18 5.01 -8.01 4.20
N GLY A 19 4.56 -8.19 2.95
CA GLY A 19 3.31 -7.63 2.48
C GLY A 19 3.32 -6.14 2.12
N SER A 20 4.38 -5.39 2.43
CA SER A 20 4.37 -3.95 2.12
C SER A 20 4.47 -3.72 0.62
N GLY A 21 5.64 -4.06 0.09
CA GLY A 21 6.07 -3.83 -1.28
C GLY A 21 7.49 -3.23 -1.27
N ALA A 22 8.03 -2.91 -0.08
CA ALA A 22 9.38 -2.37 0.06
C ALA A 22 10.40 -3.50 -0.04
N LYS A 23 11.44 -3.36 -0.85
CA LYS A 23 12.44 -4.40 -1.06
C LYS A 23 13.07 -4.89 0.26
N PRO A 24 13.66 -6.11 0.28
CA PRO A 24 14.26 -6.69 1.48
C PRO A 24 15.08 -5.72 2.32
N GLY A 25 14.91 -5.82 3.65
CA GLY A 25 15.60 -5.01 4.64
C GLY A 25 15.48 -3.50 4.41
N THR A 26 14.49 -3.06 3.64
CA THR A 26 14.29 -1.66 3.33
C THR A 26 12.84 -1.30 3.66
N GLN A 27 12.64 -0.15 4.31
CA GLN A 27 11.33 0.33 4.72
C GLN A 27 10.72 1.21 3.62
N PRO A 28 9.39 1.20 3.45
CA PRO A 28 8.76 2.09 2.49
C PRO A 28 8.90 3.51 3.06
N GLN A 29 8.81 4.52 2.20
CA GLN A 29 9.00 5.89 2.65
C GLN A 29 7.66 6.48 3.09
N THR A 30 7.52 6.78 4.38
CA THR A 30 6.30 7.36 4.95
C THR A 30 5.84 8.54 4.10
N CYS A 31 4.60 8.52 3.62
CA CYS A 31 4.09 9.62 2.80
C CYS A 31 4.07 10.90 3.64
N PRO A 32 4.87 11.93 3.29
CA PRO A 32 4.93 13.15 4.07
C PRO A 32 3.65 13.95 3.93
N THR A 33 3.05 13.96 2.74
CA THR A 33 1.82 14.67 2.41
C THR A 33 0.73 14.48 3.46
N CYS A 34 0.60 13.26 3.99
CA CYS A 34 -0.39 12.92 5.02
C CYS A 34 0.28 12.54 6.33
N HIS A 35 1.59 12.80 6.49
CA HIS A 35 2.36 12.45 7.67
C HIS A 35 2.12 10.97 8.02
N GLY A 36 2.09 10.09 7.01
CA GLY A 36 1.84 8.67 7.21
C GLY A 36 0.38 8.31 7.57
N SER A 37 -0.49 9.29 7.82
CA SER A 37 -1.89 9.07 8.21
C SER A 37 -2.75 8.49 7.09
N GLY A 38 -2.23 8.41 5.87
CA GLY A 38 -2.92 7.88 4.71
C GLY A 38 -4.13 8.72 4.27
N GLN A 39 -4.29 9.92 4.81
CA GLN A 39 -5.41 10.79 4.49
C GLN A 39 -4.98 12.25 4.50
N VAL A 40 -5.55 13.03 3.59
CA VAL A 40 -5.34 14.46 3.43
C VAL A 40 -6.53 15.16 4.08
N GLN A 41 -6.32 16.39 4.58
CA GLN A 41 -7.38 17.24 5.11
C GLN A 41 -7.34 18.57 4.38
N MET A 42 -8.42 18.91 3.69
CA MET A 42 -8.59 20.15 2.96
C MET A 42 -9.51 21.07 3.76
N ARG A 43 -8.99 22.26 4.11
CA ARG A 43 -9.72 23.29 4.84
C ARG A 43 -10.31 24.28 3.84
N GLN A 44 -11.64 24.32 3.71
CA GLN A 44 -12.31 25.28 2.85
C GLN A 44 -12.51 26.58 3.63
N GLY A 45 -11.42 27.10 4.20
CA GLY A 45 -11.41 28.32 4.99
C GLY A 45 -12.14 28.17 6.33
N PHE A 46 -13.48 28.06 6.28
CA PHE A 46 -14.31 27.94 7.46
C PHE A 46 -14.32 26.49 7.95
N PHE A 47 -14.92 25.57 7.19
CA PHE A 47 -14.97 24.15 7.52
C PHE A 47 -13.80 23.41 6.86
N ALA A 48 -13.66 22.13 7.17
CA ALA A 48 -12.64 21.27 6.61
C ALA A 48 -13.18 19.86 6.46
N VAL A 49 -12.60 19.08 5.56
CA VAL A 49 -12.91 17.68 5.33
C VAL A 49 -11.63 16.95 4.96
N GLN A 50 -11.69 15.63 5.04
CA GLN A 50 -10.57 14.75 4.76
C GLN A 50 -10.92 13.73 3.69
N GLN A 51 -9.90 13.27 2.96
CA GLN A 51 -10.02 12.26 1.92
C GLN A 51 -8.81 11.35 1.97
N THR A 52 -8.91 10.14 1.41
CA THR A 52 -7.81 9.20 1.32
C THR A 52 -6.66 9.86 0.54
N CYS A 53 -5.42 9.71 1.00
CA CYS A 53 -4.28 10.31 0.29
C CYS A 53 -4.02 9.53 -1.01
N PRO A 54 -4.15 10.15 -2.19
CA PRO A 54 -3.95 9.46 -3.46
C PRO A 54 -2.47 9.09 -3.66
N HIS A 55 -1.56 10.01 -3.30
CA HIS A 55 -0.12 9.84 -3.46
C HIS A 55 0.38 8.47 -3.00
N CYS A 56 -0.20 7.93 -1.93
CA CYS A 56 0.16 6.61 -1.39
C CYS A 56 -1.04 5.67 -1.37
N GLN A 57 -2.07 5.93 -2.19
CA GLN A 57 -3.29 5.13 -2.27
C GLN A 57 -3.82 4.75 -0.88
N GLY A 58 -3.83 5.71 0.06
CA GLY A 58 -4.30 5.50 1.42
C GLY A 58 -3.42 4.62 2.30
N ARG A 59 -2.33 4.03 1.77
CA ARG A 59 -1.46 3.14 2.54
C ARG A 59 -0.51 3.90 3.46
N GLY A 60 -0.45 5.22 3.37
CA GLY A 60 0.44 6.07 4.16
C GLY A 60 1.93 5.84 3.88
N THR A 61 2.28 4.91 3.00
CA THR A 61 3.64 4.49 2.70
C THR A 61 3.86 4.53 1.19
N LEU A 62 5.01 5.08 0.77
CA LEU A 62 5.42 5.18 -0.61
C LEU A 62 6.44 4.09 -0.90
N ILE A 63 6.11 3.22 -1.85
CA ILE A 63 6.96 2.12 -2.29
C ILE A 63 8.05 2.69 -3.20
N LYS A 64 8.94 3.50 -2.62
CA LYS A 64 10.04 4.12 -3.35
C LYS A 64 10.99 3.05 -3.88
N ASP A 65 11.16 1.98 -3.10
CA ASP A 65 12.03 0.83 -3.32
C ASP A 65 11.18 -0.42 -3.62
N PRO A 66 10.65 -0.56 -4.85
CA PRO A 66 9.74 -1.65 -5.20
C PRO A 66 10.35 -3.06 -5.15
N CYS A 67 9.69 -3.92 -4.38
CA CYS A 67 10.00 -5.33 -4.25
C CYS A 67 9.62 -6.02 -5.57
N ASN A 68 10.60 -6.17 -6.45
CA ASN A 68 10.47 -6.77 -7.78
C ASN A 68 9.54 -7.99 -7.79
N LYS A 69 9.73 -8.92 -6.86
CA LYS A 69 8.93 -10.15 -6.75
C LYS A 69 7.43 -9.88 -6.89
N CYS A 70 6.92 -8.84 -6.24
CA CYS A 70 5.50 -8.47 -6.31
C CYS A 70 5.34 -7.13 -7.02
N HIS A 71 6.34 -6.71 -7.80
CA HIS A 71 6.36 -5.43 -8.50
C HIS A 71 5.98 -4.29 -7.56
N GLY A 72 6.48 -4.33 -6.31
CA GLY A 72 6.19 -3.33 -5.31
C GLY A 72 4.70 -3.19 -4.97
N HIS A 73 3.87 -4.20 -5.28
CA HIS A 73 2.45 -4.14 -4.95
C HIS A 73 2.31 -4.38 -3.46
N GLY A 74 2.62 -5.62 -3.02
CA GLY A 74 2.58 -6.02 -1.63
C GLY A 74 2.18 -7.49 -1.49
N ARG A 75 1.15 -7.92 -2.22
CA ARG A 75 0.64 -9.29 -2.19
C ARG A 75 0.65 -9.89 -3.60
N VAL A 76 0.59 -11.22 -3.69
CA VAL A 76 0.60 -11.96 -4.94
C VAL A 76 -0.45 -13.08 -4.91
N GLU A 77 -1.01 -13.42 -6.07
CA GLU A 77 -2.01 -14.47 -6.23
C GLU A 77 -1.33 -15.84 -6.13
N ARG A 78 -0.93 -16.17 -4.90
CA ARG A 78 -0.22 -17.38 -4.52
C ARG A 78 -1.19 -18.57 -4.59
N SER A 79 -1.60 -18.88 -5.82
CA SER A 79 -2.59 -19.90 -6.15
C SER A 79 -2.15 -21.28 -5.67
ZN ZN B . 7.14 -8.10 -2.30
ZN ZN C . -0.08 9.92 1.62
N GLY A 1 -1.51 -22.65 -5.94
CA GLY A 1 -0.55 -23.63 -5.45
C GLY A 1 -1.30 -24.90 -5.06
N VAL A 2 -1.88 -24.92 -3.86
CA VAL A 2 -2.72 -26.05 -3.43
C VAL A 2 -4.01 -25.92 -4.23
N THR A 3 -4.61 -24.72 -4.21
CA THR A 3 -5.77 -24.37 -4.99
C THR A 3 -5.29 -24.11 -6.41
N LYS A 4 -4.84 -25.16 -7.10
CA LYS A 4 -4.29 -25.11 -8.45
C LYS A 4 -5.20 -24.34 -9.40
N GLU A 5 -6.51 -24.50 -9.24
CA GLU A 5 -7.54 -23.87 -10.04
C GLU A 5 -7.65 -22.38 -9.69
N ILE A 6 -6.58 -21.61 -9.95
CA ILE A 6 -6.51 -20.18 -9.66
C ILE A 6 -7.34 -19.36 -10.64
N ARG A 7 -8.63 -19.68 -10.78
CA ARG A 7 -9.58 -18.96 -11.64
C ARG A 7 -10.39 -17.98 -10.78
N ILE A 8 -9.71 -17.40 -9.79
CA ILE A 8 -10.19 -16.45 -8.80
C ILE A 8 -8.93 -15.71 -8.33
N PRO A 9 -9.05 -14.48 -7.81
CA PRO A 9 -7.92 -13.68 -7.36
C PRO A 9 -7.25 -14.31 -6.13
N THR A 10 -6.50 -15.39 -6.36
CA THR A 10 -5.80 -16.16 -5.35
C THR A 10 -4.53 -15.40 -4.97
N LEU A 11 -4.72 -14.24 -4.32
CA LEU A 11 -3.66 -13.34 -3.91
C LEU A 11 -3.36 -13.49 -2.41
N GLU A 12 -2.09 -13.41 -2.03
CA GLU A 12 -1.60 -13.46 -0.66
C GLU A 12 -0.67 -12.27 -0.43
N GLU A 13 -0.51 -11.87 0.83
CA GLU A 13 0.36 -10.77 1.21
C GLU A 13 1.81 -11.09 0.82
N CYS A 14 2.52 -10.12 0.26
CA CYS A 14 3.92 -10.30 -0.09
C CYS A 14 4.76 -10.23 1.19
N ASP A 15 4.81 -11.34 1.91
CA ASP A 15 5.57 -11.53 3.15
C ASP A 15 7.00 -10.97 3.03
N VAL A 16 7.61 -11.16 1.86
CA VAL A 16 8.94 -10.67 1.51
C VAL A 16 9.12 -9.19 1.87
N CYS A 17 8.11 -8.36 1.61
CA CYS A 17 8.13 -6.94 1.94
C CYS A 17 7.12 -6.64 3.07
N HIS A 18 6.74 -7.67 3.82
CA HIS A 18 5.77 -7.60 4.90
C HIS A 18 4.50 -6.89 4.42
N GLY A 19 4.10 -7.14 3.17
CA GLY A 19 2.93 -6.53 2.58
C GLY A 19 3.02 -5.02 2.33
N SER A 20 4.13 -4.36 2.66
CA SER A 20 4.24 -2.92 2.43
C SER A 20 4.40 -2.63 0.95
N GLY A 21 5.46 -3.22 0.39
CA GLY A 21 5.92 -3.04 -0.98
C GLY A 21 7.42 -2.75 -0.97
N ALA A 22 8.02 -2.46 0.20
CA ALA A 22 9.43 -2.14 0.32
C ALA A 22 10.33 -3.34 -0.03
N LYS A 23 11.31 -3.11 -0.90
CA LYS A 23 12.30 -4.08 -1.35
C LYS A 23 12.85 -4.93 -0.18
N PRO A 24 13.17 -6.22 -0.41
CA PRO A 24 13.73 -7.10 0.61
C PRO A 24 14.73 -6.40 1.53
N GLY A 25 14.58 -6.59 2.85
CA GLY A 25 15.45 -6.01 3.86
C GLY A 25 15.51 -4.48 3.83
N THR A 26 14.58 -3.82 3.13
CA THR A 26 14.51 -2.36 3.02
C THR A 26 13.16 -1.91 3.60
N GLN A 27 13.08 -0.65 4.02
CA GLN A 27 11.89 -0.04 4.61
C GLN A 27 11.31 0.98 3.63
N PRO A 28 10.01 1.26 3.67
CA PRO A 28 9.39 2.26 2.81
C PRO A 28 9.69 3.65 3.37
N GLN A 29 9.17 4.70 2.72
CA GLN A 29 9.40 6.07 3.11
C GLN A 29 8.06 6.71 3.48
N THR A 30 7.94 7.30 4.68
CA THR A 30 6.74 7.94 5.17
C THR A 30 6.15 8.87 4.11
N CYS A 31 4.89 8.67 3.70
CA CYS A 31 4.29 9.52 2.70
C CYS A 31 4.12 10.93 3.29
N PRO A 32 4.78 11.97 2.75
CA PRO A 32 4.69 13.30 3.32
C PRO A 32 3.31 13.90 3.06
N THR A 33 2.72 13.63 1.89
CA THR A 33 1.42 14.11 1.45
C THR A 33 0.34 13.97 2.54
N CYS A 34 0.36 12.86 3.29
CA CYS A 34 -0.57 12.58 4.37
C CYS A 34 0.16 12.46 5.71
N HIS A 35 1.39 12.99 5.81
CA HIS A 35 2.21 12.95 7.03
C HIS A 35 2.22 11.54 7.65
N GLY A 36 2.36 10.52 6.80
CA GLY A 36 2.40 9.13 7.22
C GLY A 36 1.06 8.54 7.70
N SER A 37 -0.01 9.32 7.83
CA SER A 37 -1.28 8.80 8.33
C SER A 37 -1.92 7.83 7.35
N GLY A 38 -1.92 8.21 6.07
CA GLY A 38 -2.56 7.50 4.97
C GLY A 38 -3.80 8.25 4.49
N GLN A 39 -4.10 9.42 5.05
CA GLN A 39 -5.26 10.22 4.70
C GLN A 39 -4.84 11.66 4.39
N VAL A 40 -5.28 12.20 3.25
CA VAL A 40 -5.03 13.58 2.85
C VAL A 40 -6.20 14.40 3.37
N GLN A 41 -5.94 15.53 4.02
CA GLN A 41 -6.97 16.43 4.50
C GLN A 41 -6.83 17.76 3.78
N MET A 42 -7.86 18.12 3.01
CA MET A 42 -7.97 19.39 2.33
C MET A 42 -8.17 20.47 3.38
N ARG A 43 -7.87 21.73 3.07
CA ARG A 43 -8.03 22.86 3.98
C ARG A 43 -8.47 24.11 3.20
N GLN A 44 -9.39 23.91 2.25
CA GLN A 44 -9.94 24.94 1.39
C GLN A 44 -11.18 24.36 0.70
N GLY A 45 -11.66 25.00 -0.38
CA GLY A 45 -12.81 24.53 -1.12
C GLY A 45 -14.10 24.85 -0.39
N PHE A 46 -14.30 24.30 0.80
CA PHE A 46 -15.48 24.53 1.61
C PHE A 46 -15.21 24.22 3.08
N PHE A 47 -14.85 22.97 3.40
CA PHE A 47 -14.55 22.50 4.74
C PHE A 47 -13.29 21.64 4.65
N ALA A 48 -12.56 21.51 5.75
CA ALA A 48 -11.32 20.74 5.78
C ALA A 48 -11.58 19.23 5.79
N VAL A 49 -12.19 18.71 4.72
CA VAL A 49 -12.50 17.28 4.57
C VAL A 49 -11.26 16.49 4.18
N GLN A 50 -11.38 15.17 4.17
CA GLN A 50 -10.25 14.31 3.87
C GLN A 50 -10.64 13.13 2.97
N GLN A 51 -9.62 12.48 2.39
CA GLN A 51 -9.76 11.29 1.57
C GLN A 51 -8.56 10.39 1.81
N THR A 52 -8.65 9.11 1.46
CA THR A 52 -7.54 8.18 1.55
C THR A 52 -6.45 8.68 0.59
N CYS A 53 -5.18 8.72 1.02
CA CYS A 53 -4.11 9.20 0.16
C CYS A 53 -3.93 8.22 -1.02
N PRO A 54 -4.14 8.66 -2.27
CA PRO A 54 -4.00 7.78 -3.42
C PRO A 54 -2.54 7.42 -3.66
N HIS A 55 -1.63 8.39 -3.50
CA HIS A 55 -0.20 8.23 -3.76
C HIS A 55 0.41 6.98 -3.11
N CYS A 56 0.00 6.65 -1.88
CA CYS A 56 0.45 5.48 -1.14
C CYS A 56 -0.70 4.47 -0.94
N GLN A 57 -1.79 4.61 -1.70
CA GLN A 57 -2.96 3.73 -1.64
C GLN A 57 -3.40 3.53 -0.18
N GLY A 58 -3.44 4.62 0.59
CA GLY A 58 -3.84 4.61 1.98
C GLY A 58 -2.85 3.95 2.96
N ARG A 59 -1.73 3.38 2.49
CA ARG A 59 -0.78 2.70 3.36
C ARG A 59 0.13 3.65 4.14
N GLY A 60 0.02 4.96 3.92
CA GLY A 60 0.84 5.98 4.58
C GLY A 60 2.34 5.87 4.25
N THR A 61 2.74 4.90 3.44
CA THR A 61 4.12 4.59 3.11
C THR A 61 4.30 4.58 1.60
N LEU A 62 5.30 5.31 1.12
CA LEU A 62 5.70 5.36 -0.27
C LEU A 62 6.78 4.32 -0.47
N ILE A 63 6.76 3.71 -1.65
CA ILE A 63 7.65 2.65 -2.04
C ILE A 63 8.63 3.17 -3.09
N LYS A 64 9.62 3.98 -2.69
CA LYS A 64 10.64 4.42 -3.64
C LYS A 64 11.47 3.20 -4.07
N ASP A 65 11.56 2.19 -3.18
CA ASP A 65 12.28 0.93 -3.35
C ASP A 65 11.27 -0.21 -3.62
N PRO A 66 10.78 -0.38 -4.86
CA PRO A 66 9.77 -1.38 -5.19
C PRO A 66 10.24 -2.83 -5.05
N CYS A 67 9.54 -3.60 -4.21
CA CYS A 67 9.73 -5.02 -4.08
C CYS A 67 9.23 -5.65 -5.39
N ASN A 68 10.15 -5.81 -6.35
CA ASN A 68 9.89 -6.34 -7.68
C ASN A 68 8.91 -7.52 -7.67
N LYS A 69 9.08 -8.46 -6.74
CA LYS A 69 8.22 -9.63 -6.58
C LYS A 69 6.73 -9.27 -6.68
N CYS A 70 6.33 -8.12 -6.15
CA CYS A 70 4.96 -7.61 -6.20
C CYS A 70 4.90 -6.22 -6.82
N HIS A 71 5.97 -5.77 -7.48
CA HIS A 71 6.10 -4.43 -8.04
C HIS A 71 5.63 -3.37 -7.03
N GLY A 72 6.03 -3.52 -5.75
CA GLY A 72 5.67 -2.58 -4.70
C GLY A 72 4.17 -2.51 -4.34
N HIS A 73 3.31 -3.38 -4.87
CA HIS A 73 1.88 -3.36 -4.55
C HIS A 73 1.63 -3.94 -3.14
N GLY A 74 2.38 -4.98 -2.80
CA GLY A 74 2.33 -5.63 -1.49
C GLY A 74 1.63 -7.00 -1.48
N ARG A 75 1.29 -7.57 -2.63
CA ARG A 75 0.63 -8.86 -2.71
C ARG A 75 1.16 -9.64 -3.91
N VAL A 76 1.07 -10.98 -3.85
CA VAL A 76 1.52 -11.90 -4.88
C VAL A 76 0.44 -12.95 -5.12
N GLU A 77 0.42 -13.55 -6.31
CA GLU A 77 -0.54 -14.59 -6.66
C GLU A 77 0.01 -15.95 -6.27
N ARG A 78 -0.86 -16.89 -5.91
CA ARG A 78 -0.49 -18.27 -5.57
C ARG A 78 -0.16 -19.06 -6.84
N SER A 79 0.68 -18.51 -7.72
CA SER A 79 1.02 -19.13 -8.99
C SER A 79 1.67 -20.51 -8.78
ZN ZN B . 6.64 -7.46 -2.05
ZN ZN C . 0.08 9.18 1.41
N GLY A 1 3.95 -32.08 -11.03
CA GLY A 1 3.94 -32.05 -9.58
C GLY A 1 3.16 -30.83 -9.12
N VAL A 2 3.78 -29.65 -9.22
CA VAL A 2 3.14 -28.37 -8.91
C VAL A 2 1.83 -28.25 -9.71
N THR A 3 1.85 -28.78 -10.94
CA THR A 3 0.75 -28.86 -11.87
C THR A 3 -0.41 -29.72 -11.32
N LYS A 4 -0.09 -30.76 -10.55
CA LYS A 4 -1.06 -31.67 -9.97
C LYS A 4 -1.60 -31.09 -8.66
N GLU A 5 -0.69 -30.51 -7.87
CA GLU A 5 -1.00 -29.87 -6.60
C GLU A 5 -2.06 -28.78 -6.83
N ILE A 6 -2.95 -28.57 -5.85
CA ILE A 6 -4.05 -27.62 -5.94
C ILE A 6 -3.58 -26.16 -5.87
N ARG A 7 -2.83 -25.70 -6.87
CA ARG A 7 -2.34 -24.32 -6.97
C ARG A 7 -3.47 -23.41 -7.47
N ILE A 8 -4.60 -23.41 -6.75
CA ILE A 8 -5.74 -22.58 -7.05
C ILE A 8 -5.39 -21.11 -6.75
N PRO A 9 -5.67 -20.16 -7.66
CA PRO A 9 -5.42 -18.74 -7.47
C PRO A 9 -5.88 -18.23 -6.10
N THR A 10 -4.93 -18.03 -5.18
CA THR A 10 -5.19 -17.53 -3.85
C THR A 10 -4.15 -16.44 -3.57
N LEU A 11 -4.58 -15.26 -3.13
CA LEU A 11 -3.66 -14.16 -2.87
C LEU A 11 -2.91 -14.41 -1.56
N GLU A 12 -1.60 -14.17 -1.54
CA GLU A 12 -0.74 -14.35 -0.38
C GLU A 12 0.15 -13.12 -0.25
N GLU A 13 0.48 -12.72 0.98
CA GLU A 13 1.33 -11.56 1.18
C GLU A 13 2.75 -11.88 0.70
N CYS A 14 3.44 -10.89 0.12
CA CYS A 14 4.80 -11.09 -0.32
C CYS A 14 5.73 -10.96 0.89
N ASP A 15 6.00 -12.09 1.54
CA ASP A 15 6.86 -12.21 2.72
C ASP A 15 8.17 -11.44 2.55
N VAL A 16 8.74 -11.48 1.34
CA VAL A 16 9.96 -10.78 0.95
C VAL A 16 9.90 -9.30 1.36
N CYS A 17 8.77 -8.64 1.14
CA CYS A 17 8.57 -7.24 1.56
C CYS A 17 7.61 -7.16 2.74
N HIS A 18 7.45 -8.26 3.46
CA HIS A 18 6.60 -8.38 4.64
C HIS A 18 5.19 -7.87 4.33
N GLY A 19 4.71 -8.19 3.12
CA GLY A 19 3.39 -7.80 2.67
C GLY A 19 3.24 -6.32 2.29
N SER A 20 4.27 -5.48 2.44
CA SER A 20 4.13 -4.05 2.13
C SER A 20 4.20 -3.81 0.63
N GLY A 21 5.41 -3.90 0.07
CA GLY A 21 5.70 -3.65 -1.32
C GLY A 21 7.11 -3.13 -1.52
N ALA A 22 7.78 -2.60 -0.48
CA ALA A 22 9.15 -2.09 -0.62
C ALA A 22 10.14 -3.25 -0.49
N LYS A 23 11.21 -3.26 -1.30
CA LYS A 23 12.19 -4.34 -1.30
C LYS A 23 12.74 -4.67 0.12
N PRO A 24 13.27 -5.87 0.35
CA PRO A 24 13.77 -6.33 1.65
C PRO A 24 14.58 -5.29 2.44
N GLY A 25 14.32 -5.20 3.75
CA GLY A 25 15.03 -4.30 4.65
C GLY A 25 14.60 -2.84 4.48
N THR A 26 14.77 -2.29 3.28
CA THR A 26 14.42 -0.91 2.98
C THR A 26 12.89 -0.76 2.96
N GLN A 27 12.29 -0.67 4.15
CA GLN A 27 10.86 -0.55 4.33
C GLN A 27 10.29 0.68 3.59
N PRO A 28 8.95 0.74 3.38
CA PRO A 28 8.33 1.89 2.74
C PRO A 28 8.65 3.16 3.54
N GLN A 29 8.65 4.31 2.86
CA GLN A 29 8.97 5.58 3.51
C GLN A 29 7.67 6.31 3.88
N THR A 30 7.58 6.85 5.10
CA THR A 30 6.41 7.57 5.58
C THR A 30 5.97 8.64 4.59
N CYS A 31 4.71 8.62 4.14
CA CYS A 31 4.23 9.62 3.20
C CYS A 31 4.18 10.98 3.89
N PRO A 32 4.97 11.98 3.46
CA PRO A 32 4.96 13.27 4.12
C PRO A 32 3.66 14.01 3.84
N THR A 33 3.09 13.85 2.64
CA THR A 33 1.85 14.49 2.20
C THR A 33 0.72 14.41 3.24
N CYS A 34 0.61 13.28 3.95
CA CYS A 34 -0.37 13.07 5.01
C CYS A 34 0.33 12.80 6.35
N HIS A 35 1.62 13.08 6.46
CA HIS A 35 2.42 12.84 7.67
C HIS A 35 2.22 11.39 8.15
N GLY A 36 2.17 10.44 7.21
CA GLY A 36 1.96 9.02 7.51
C GLY A 36 0.52 8.67 7.92
N SER A 37 -0.36 9.65 8.13
CA SER A 37 -1.73 9.46 8.58
C SER A 37 -2.60 8.69 7.57
N GLY A 38 -2.27 8.80 6.28
CA GLY A 38 -2.95 8.09 5.19
C GLY A 38 -3.97 8.93 4.42
N GLN A 39 -4.42 10.06 4.96
CA GLN A 39 -5.40 10.93 4.32
C GLN A 39 -4.92 12.37 4.33
N VAL A 40 -5.29 13.10 3.28
CA VAL A 40 -5.02 14.51 3.10
C VAL A 40 -6.25 15.28 3.57
N GLN A 41 -6.06 16.54 3.97
CA GLN A 41 -7.14 17.42 4.38
C GLN A 41 -7.02 18.71 3.57
N MET A 42 -8.00 18.98 2.72
CA MET A 42 -8.03 20.18 1.88
C MET A 42 -8.43 21.37 2.75
N ARG A 43 -7.51 21.82 3.61
CA ARG A 43 -7.70 22.92 4.55
C ARG A 43 -7.82 24.29 3.85
N GLN A 44 -8.82 24.45 2.98
CA GLN A 44 -9.08 25.69 2.26
C GLN A 44 -9.76 26.71 3.17
N GLY A 45 -9.22 26.92 4.38
CA GLY A 45 -9.78 27.85 5.35
C GLY A 45 -11.06 27.32 6.01
N PHE A 46 -12.12 27.07 5.22
CA PHE A 46 -13.41 26.66 5.73
C PHE A 46 -13.68 25.16 5.55
N PHE A 47 -13.94 24.71 4.32
CA PHE A 47 -14.27 23.32 4.01
C PHE A 47 -13.05 22.41 4.12
N ALA A 48 -12.53 22.21 5.34
CA ALA A 48 -11.38 21.37 5.62
C ALA A 48 -11.75 19.88 5.49
N VAL A 49 -12.20 19.44 4.32
CA VAL A 49 -12.60 18.06 4.07
C VAL A 49 -11.39 17.17 3.86
N GLN A 50 -11.55 15.89 4.20
CA GLN A 50 -10.50 14.89 4.10
C GLN A 50 -10.72 13.95 2.93
N GLN A 51 -9.61 13.41 2.39
CA GLN A 51 -9.63 12.47 1.27
C GLN A 51 -8.49 11.49 1.48
N THR A 52 -8.62 10.26 0.99
CA THR A 52 -7.55 9.28 1.04
C THR A 52 -6.35 9.84 0.28
N CYS A 53 -5.12 9.72 0.80
CA CYS A 53 -3.96 10.25 0.10
C CYS A 53 -3.65 9.34 -1.11
N PRO A 54 -3.74 9.84 -2.35
CA PRO A 54 -3.50 9.01 -3.53
C PRO A 54 -2.02 8.64 -3.66
N HIS A 55 -1.13 9.58 -3.33
CA HIS A 55 0.33 9.45 -3.39
C HIS A 55 0.81 8.11 -2.80
N CYS A 56 0.23 7.71 -1.66
CA CYS A 56 0.55 6.46 -0.98
C CYS A 56 -0.64 5.50 -0.95
N GLN A 57 -1.60 5.67 -1.87
CA GLN A 57 -2.77 4.81 -2.00
C GLN A 57 -3.43 4.55 -0.64
N GLY A 58 -3.53 5.58 0.21
CA GLY A 58 -4.12 5.47 1.54
C GLY A 58 -3.30 4.70 2.56
N ARG A 59 -2.19 4.06 2.18
CA ARG A 59 -1.37 3.26 3.09
C ARG A 59 -0.50 4.10 4.03
N GLY A 60 -0.41 5.41 3.79
CA GLY A 60 0.46 6.31 4.55
C GLY A 60 1.95 6.01 4.34
N THR A 61 2.28 5.04 3.47
CA THR A 61 3.61 4.54 3.20
C THR A 61 3.88 4.56 1.70
N LEU A 62 5.05 5.07 1.31
CA LEU A 62 5.50 5.18 -0.06
C LEU A 62 6.46 4.06 -0.39
N ILE A 63 6.10 3.30 -1.44
CA ILE A 63 6.86 2.19 -1.98
C ILE A 63 7.93 2.79 -2.89
N LYS A 64 8.88 3.50 -2.30
CA LYS A 64 9.94 4.19 -3.04
C LYS A 64 10.76 3.24 -3.92
N ASP A 65 11.02 2.02 -3.42
CA ASP A 65 11.82 0.99 -4.09
C ASP A 65 11.02 -0.32 -4.17
N PRO A 66 10.16 -0.46 -5.20
CA PRO A 66 9.30 -1.61 -5.42
C PRO A 66 9.98 -2.98 -5.36
N CYS A 67 9.36 -3.89 -4.61
CA CYS A 67 9.74 -5.28 -4.48
C CYS A 67 9.34 -5.97 -5.77
N ASN A 68 10.28 -6.08 -6.71
CA ASN A 68 10.12 -6.68 -8.03
C ASN A 68 9.20 -7.92 -8.02
N LYS A 69 9.46 -8.86 -7.10
CA LYS A 69 8.68 -10.09 -6.95
C LYS A 69 7.16 -9.88 -7.00
N CYS A 70 6.67 -8.76 -6.44
CA CYS A 70 5.26 -8.42 -6.44
C CYS A 70 5.01 -7.06 -7.10
N HIS A 71 6.00 -6.54 -7.84
CA HIS A 71 5.95 -5.25 -8.50
C HIS A 71 5.37 -4.18 -7.57
N GLY A 72 5.83 -4.14 -6.31
CA GLY A 72 5.38 -3.16 -5.34
C GLY A 72 3.93 -3.30 -4.83
N HIS A 73 3.14 -4.26 -5.33
CA HIS A 73 1.76 -4.42 -4.88
C HIS A 73 1.71 -4.87 -3.42
N GLY A 74 2.66 -5.73 -3.04
CA GLY A 74 2.78 -6.26 -1.68
C GLY A 74 2.26 -7.69 -1.54
N ARG A 75 1.59 -8.22 -2.57
CA ARG A 75 1.04 -9.57 -2.54
C ARG A 75 1.33 -10.28 -3.85
N VAL A 76 1.23 -11.61 -3.84
CA VAL A 76 1.43 -12.49 -4.98
C VAL A 76 0.23 -13.43 -5.07
N GLU A 77 -0.02 -13.98 -6.26
CA GLU A 77 -1.11 -14.92 -6.50
C GLU A 77 -0.54 -16.33 -6.58
N ARG A 78 -1.09 -17.25 -5.79
CA ARG A 78 -0.74 -18.66 -5.80
C ARG A 78 -1.41 -19.30 -7.03
N SER A 79 -1.03 -18.86 -8.23
CA SER A 79 -1.62 -19.34 -9.47
C SER A 79 -1.44 -20.85 -9.62
ZN ZN B . 7.09 -8.04 -2.37
ZN ZN C . 0.06 9.92 1.75
N GLY A 1 -28.93 -8.33 -2.58
CA GLY A 1 -27.98 -7.79 -3.52
C GLY A 1 -26.56 -8.14 -3.07
N VAL A 2 -25.55 -7.73 -3.84
CA VAL A 2 -24.17 -7.99 -3.50
C VAL A 2 -23.78 -7.18 -2.26
N THR A 3 -22.80 -7.68 -1.49
CA THR A 3 -22.33 -6.98 -0.31
C THR A 3 -21.67 -5.66 -0.71
N LYS A 4 -21.67 -4.70 0.22
CA LYS A 4 -20.94 -3.46 0.06
C LYS A 4 -19.45 -3.77 0.02
N GLU A 5 -19.02 -4.85 0.68
CA GLU A 5 -17.63 -5.23 0.75
C GLU A 5 -17.17 -5.95 -0.52
N ILE A 6 -17.32 -5.29 -1.67
CA ILE A 6 -16.84 -5.83 -2.94
C ILE A 6 -15.32 -5.93 -2.96
N ARG A 7 -14.66 -5.25 -2.03
CA ARG A 7 -13.22 -5.23 -1.83
C ARG A 7 -12.79 -6.54 -1.16
N ILE A 8 -13.21 -7.68 -1.73
CA ILE A 8 -12.88 -8.99 -1.19
C ILE A 8 -11.36 -9.15 -1.04
N PRO A 9 -10.87 -9.74 0.06
CA PRO A 9 -9.44 -9.87 0.34
C PRO A 9 -8.77 -10.96 -0.50
N THR A 10 -8.94 -10.93 -1.83
CA THR A 10 -8.31 -11.89 -2.72
C THR A 10 -6.87 -11.40 -2.98
N LEU A 11 -6.10 -11.21 -1.90
CA LEU A 11 -4.74 -10.70 -1.92
C LEU A 11 -3.90 -11.47 -0.91
N GLU A 12 -2.68 -11.84 -1.29
CA GLU A 12 -1.71 -12.56 -0.48
C GLU A 12 -0.59 -11.58 -0.13
N GLU A 13 -0.26 -11.47 1.16
CA GLU A 13 0.79 -10.59 1.64
C GLU A 13 2.13 -10.97 1.01
N CYS A 14 2.85 -10.01 0.43
CA CYS A 14 4.15 -10.30 -0.16
C CYS A 14 5.19 -10.38 0.95
N ASP A 15 5.38 -11.58 1.50
CA ASP A 15 6.35 -11.88 2.55
C ASP A 15 7.74 -11.34 2.20
N VAL A 16 8.10 -11.40 0.91
CA VAL A 16 9.36 -10.91 0.37
C VAL A 16 9.64 -9.49 0.87
N CYS A 17 8.65 -8.58 0.77
CA CYS A 17 8.76 -7.22 1.28
C CYS A 17 8.01 -7.06 2.60
N HIS A 18 7.81 -8.17 3.30
CA HIS A 18 7.21 -8.23 4.61
C HIS A 18 5.86 -7.53 4.63
N GLY A 19 5.12 -7.65 3.52
CA GLY A 19 3.80 -7.05 3.37
C GLY A 19 3.80 -5.54 3.19
N SER A 20 4.96 -4.87 3.15
CA SER A 20 4.99 -3.42 2.99
C SER A 20 4.90 -3.06 1.52
N GLY A 21 5.98 -3.36 0.80
CA GLY A 21 6.19 -3.04 -0.60
C GLY A 21 7.68 -2.79 -0.86
N ALA A 22 8.44 -2.40 0.17
CA ALA A 22 9.86 -2.09 0.07
C ALA A 22 10.67 -3.38 -0.04
N LYS A 23 11.61 -3.43 -1.00
CA LYS A 23 12.45 -4.62 -1.21
C LYS A 23 13.06 -5.13 0.12
N PRO A 24 13.19 -6.46 0.29
CA PRO A 24 13.67 -7.15 1.48
C PRO A 24 14.53 -6.35 2.46
N GLY A 25 14.15 -6.32 3.74
CA GLY A 25 14.89 -5.64 4.79
C GLY A 25 14.70 -4.11 4.75
N THR A 26 14.84 -3.51 3.57
CA THR A 26 14.73 -2.09 3.34
C THR A 26 13.35 -1.60 3.77
N GLN A 27 13.29 -0.55 4.60
CA GLN A 27 12.04 -0.01 5.08
C GLN A 27 11.40 0.94 4.06
N PRO A 28 10.07 1.09 4.05
CA PRO A 28 9.40 2.09 3.23
C PRO A 28 9.78 3.48 3.75
N GLN A 29 9.27 4.53 3.10
CA GLN A 29 9.55 5.92 3.48
C GLN A 29 8.20 6.60 3.78
N THR A 30 8.09 7.31 4.91
CA THR A 30 6.86 7.97 5.34
C THR A 30 6.25 8.83 4.22
N CYS A 31 4.98 8.61 3.86
CA CYS A 31 4.33 9.45 2.85
C CYS A 31 4.07 10.83 3.47
N PRO A 32 4.67 11.92 2.98
CA PRO A 32 4.45 13.24 3.56
C PRO A 32 3.03 13.72 3.28
N THR A 33 2.52 13.44 2.08
CA THR A 33 1.19 13.82 1.60
C THR A 33 0.08 13.55 2.64
N CYS A 34 0.18 12.43 3.36
CA CYS A 34 -0.77 12.06 4.40
C CYS A 34 -0.04 11.83 5.73
N HIS A 35 1.07 12.54 5.95
CA HIS A 35 1.87 12.50 7.17
C HIS A 35 2.00 11.08 7.76
N GLY A 36 2.35 10.10 6.92
CA GLY A 36 2.58 8.73 7.34
C GLY A 36 1.33 7.91 7.67
N SER A 37 0.12 8.48 7.65
CA SER A 37 -1.08 7.74 8.02
C SER A 37 -1.64 6.94 6.84
N GLY A 38 -2.17 7.62 5.81
CA GLY A 38 -2.73 6.96 4.64
C GLY A 38 -3.87 7.69 3.93
N GLN A 39 -4.37 8.83 4.45
CA GLN A 39 -5.50 9.53 3.82
C GLN A 39 -5.25 11.05 3.73
N VAL A 40 -5.72 11.65 2.65
CA VAL A 40 -5.63 13.07 2.36
C VAL A 40 -6.97 13.71 2.72
N GLN A 41 -6.95 14.81 3.48
CA GLN A 41 -8.14 15.51 3.90
C GLN A 41 -8.30 16.78 3.07
N MET A 42 -9.26 16.75 2.14
CA MET A 42 -9.59 17.87 1.27
C MET A 42 -10.42 18.85 2.10
N ARG A 43 -9.73 19.54 3.01
CA ARG A 43 -10.26 20.49 3.99
C ARG A 43 -10.93 21.71 3.35
N GLN A 44 -12.03 21.50 2.62
CA GLN A 44 -12.79 22.56 1.99
C GLN A 44 -13.66 23.23 3.05
N GLY A 45 -13.00 23.96 3.96
CA GLY A 45 -13.63 24.63 5.07
C GLY A 45 -14.13 23.62 6.08
N PHE A 46 -15.34 23.83 6.61
CA PHE A 46 -15.97 22.96 7.60
C PHE A 46 -16.03 21.50 7.14
N PHE A 47 -16.23 21.30 5.84
CA PHE A 47 -16.38 19.98 5.24
C PHE A 47 -15.01 19.29 5.17
N ALA A 48 -14.50 18.87 6.33
CA ALA A 48 -13.22 18.20 6.46
C ALA A 48 -13.28 16.75 5.93
N VAL A 49 -13.63 16.59 4.66
CA VAL A 49 -13.73 15.30 4.02
C VAL A 49 -12.36 14.83 3.58
N GLN A 50 -12.21 13.51 3.42
CA GLN A 50 -10.92 12.93 3.12
C GLN A 50 -11.07 11.74 2.19
N GLN A 51 -9.94 11.32 1.60
CA GLN A 51 -9.87 10.26 0.62
C GLN A 51 -8.57 9.49 0.85
N THR A 52 -8.52 8.22 0.48
CA THR A 52 -7.33 7.41 0.60
C THR A 52 -6.20 8.02 -0.25
N CYS A 53 -4.97 8.09 0.28
CA CYS A 53 -3.85 8.62 -0.48
C CYS A 53 -3.47 7.62 -1.58
N PRO A 54 -3.59 7.97 -2.87
CA PRO A 54 -3.31 7.02 -3.95
C PRO A 54 -1.81 6.70 -4.05
N HIS A 55 -0.95 7.71 -3.85
CA HIS A 55 0.49 7.58 -3.99
C HIS A 55 1.08 6.39 -3.21
N CYS A 56 0.54 6.12 -2.01
CA CYS A 56 0.96 5.00 -1.17
C CYS A 56 -0.17 3.96 -1.04
N GLN A 57 -1.16 4.00 -1.93
CA GLN A 57 -2.30 3.09 -1.96
C GLN A 57 -2.91 2.94 -0.56
N GLY A 58 -3.06 4.06 0.16
CA GLY A 58 -3.62 4.10 1.50
C GLY A 58 -2.74 3.52 2.60
N ARG A 59 -1.53 3.06 2.32
CA ARG A 59 -0.66 2.44 3.31
C ARG A 59 0.23 3.44 4.07
N GLY A 60 0.04 4.75 3.85
CA GLY A 60 0.81 5.80 4.51
C GLY A 60 2.32 5.79 4.21
N THR A 61 2.81 4.80 3.46
CA THR A 61 4.21 4.56 3.19
C THR A 61 4.48 4.58 1.69
N LEU A 62 5.44 5.41 1.29
CA LEU A 62 5.96 5.47 -0.07
C LEU A 62 7.04 4.42 -0.19
N ILE A 63 7.24 3.93 -1.41
CA ILE A 63 8.20 2.90 -1.70
C ILE A 63 9.01 3.32 -2.93
N LYS A 64 10.06 4.11 -2.71
CA LYS A 64 10.96 4.52 -3.79
C LYS A 64 11.73 3.30 -4.32
N ASP A 65 11.85 2.26 -3.50
CA ASP A 65 12.53 0.98 -3.74
C ASP A 65 11.50 -0.15 -3.84
N PRO A 66 10.66 -0.19 -4.90
CA PRO A 66 9.55 -1.12 -5.01
C PRO A 66 9.95 -2.59 -5.22
N CYS A 67 9.30 -3.48 -4.46
CA CYS A 67 9.43 -4.91 -4.61
C CYS A 67 8.72 -5.29 -5.92
N ASN A 68 9.50 -5.36 -7.00
CA ASN A 68 9.05 -5.68 -8.35
C ASN A 68 8.00 -6.80 -8.37
N LYS A 69 8.26 -7.88 -7.62
CA LYS A 69 7.38 -9.04 -7.49
C LYS A 69 5.90 -8.64 -7.36
N CYS A 70 5.62 -7.58 -6.59
CA CYS A 70 4.28 -7.08 -6.36
C CYS A 70 4.18 -5.59 -6.73
N HIS A 71 5.07 -5.13 -7.61
CA HIS A 71 5.16 -3.74 -8.05
C HIS A 71 5.08 -2.78 -6.85
N GLY A 72 5.75 -3.12 -5.74
CA GLY A 72 5.76 -2.31 -4.54
C GLY A 72 4.39 -2.10 -3.88
N HIS A 73 3.35 -2.88 -4.23
CA HIS A 73 2.04 -2.77 -3.60
C HIS A 73 2.04 -3.48 -2.24
N GLY A 74 2.95 -4.43 -2.06
CA GLY A 74 3.14 -5.22 -0.85
C GLY A 74 2.29 -6.48 -0.77
N ARG A 75 1.52 -6.79 -1.82
CA ARG A 75 0.69 -7.98 -1.86
C ARG A 75 0.47 -8.38 -3.32
N VAL A 76 0.23 -9.67 -3.56
CA VAL A 76 -0.02 -10.23 -4.87
C VAL A 76 -1.45 -10.76 -4.90
N GLU A 77 -2.19 -10.57 -5.99
CA GLU A 77 -3.58 -11.01 -6.06
C GLU A 77 -3.66 -12.54 -6.01
N ARG A 78 -4.57 -13.08 -5.19
CA ARG A 78 -4.78 -14.51 -5.05
C ARG A 78 -5.58 -15.01 -6.25
N SER A 79 -4.99 -14.94 -7.45
CA SER A 79 -5.61 -15.35 -8.71
C SER A 79 -4.52 -15.65 -9.73
ZN ZN B . 6.64 -7.53 -2.45
ZN ZN C . 0.14 8.85 1.27
N GLY A 1 -11.54 9.06 -0.35
CA GLY A 1 -12.58 8.53 0.52
C GLY A 1 -13.72 7.95 -0.32
N VAL A 2 -13.36 7.07 -1.26
CA VAL A 2 -14.28 6.40 -2.16
C VAL A 2 -13.80 4.95 -2.33
N THR A 3 -14.56 4.12 -3.04
CA THR A 3 -14.25 2.72 -3.27
C THR A 3 -13.13 2.55 -4.31
N LYS A 4 -11.94 3.09 -4.01
CA LYS A 4 -10.75 3.00 -4.84
C LYS A 4 -9.93 1.81 -4.36
N GLU A 5 -9.78 1.68 -3.03
CA GLU A 5 -9.03 0.59 -2.42
C GLU A 5 -9.85 -0.70 -2.38
N ILE A 6 -10.41 -1.11 -3.52
CA ILE A 6 -11.19 -2.35 -3.64
C ILE A 6 -10.24 -3.54 -3.72
N ARG A 7 -9.44 -3.74 -2.67
CA ARG A 7 -8.52 -4.85 -2.57
C ARG A 7 -9.32 -6.09 -2.14
N ILE A 8 -10.13 -6.61 -3.08
CA ILE A 8 -10.96 -7.80 -2.91
C ILE A 8 -10.13 -8.88 -2.19
N PRO A 9 -10.68 -9.58 -1.18
CA PRO A 9 -9.96 -10.56 -0.38
C PRO A 9 -9.60 -11.84 -1.15
N THR A 10 -8.79 -11.72 -2.19
CA THR A 10 -8.25 -12.83 -2.96
C THR A 10 -6.83 -12.42 -3.32
N LEU A 11 -6.07 -12.07 -2.28
CA LEU A 11 -4.70 -11.58 -2.36
C LEU A 11 -3.92 -12.19 -1.18
N GLU A 12 -2.61 -12.29 -1.34
CA GLU A 12 -1.67 -12.84 -0.37
C GLU A 12 -0.50 -11.87 -0.23
N GLU A 13 -0.22 -11.44 1.00
CA GLU A 13 0.87 -10.53 1.31
C GLU A 13 2.21 -11.19 0.94
N CYS A 14 3.09 -10.44 0.28
CA CYS A 14 4.40 -10.90 -0.10
C CYS A 14 5.25 -11.05 1.16
N ASP A 15 5.63 -12.29 1.50
CA ASP A 15 6.47 -12.57 2.65
C ASP A 15 7.77 -11.75 2.61
N VAL A 16 8.39 -11.67 1.43
CA VAL A 16 9.65 -10.96 1.22
C VAL A 16 9.61 -9.50 1.72
N CYS A 17 8.58 -8.73 1.33
CA CYS A 17 8.44 -7.35 1.79
C CYS A 17 7.52 -7.24 3.01
N HIS A 18 6.97 -8.36 3.47
CA HIS A 18 6.13 -8.44 4.65
C HIS A 18 4.82 -7.70 4.39
N GLY A 19 4.28 -7.86 3.18
CA GLY A 19 3.03 -7.24 2.80
C GLY A 19 3.11 -5.73 2.52
N SER A 20 4.26 -5.08 2.71
CA SER A 20 4.34 -3.64 2.49
C SER A 20 4.37 -3.34 0.98
N GLY A 21 5.49 -3.71 0.38
CA GLY A 21 5.89 -3.45 -0.99
C GLY A 21 7.35 -2.97 -1.01
N ALA A 22 7.94 -2.71 0.16
CA ALA A 22 9.32 -2.25 0.27
C ALA A 22 10.30 -3.41 0.07
N LYS A 23 11.34 -3.20 -0.73
CA LYS A 23 12.38 -4.17 -1.02
C LYS A 23 12.86 -4.86 0.28
N PRO A 24 13.17 -6.17 0.23
CA PRO A 24 13.62 -6.91 1.40
C PRO A 24 14.78 -6.19 2.08
N GLY A 25 14.80 -6.22 3.42
CA GLY A 25 15.82 -5.57 4.24
C GLY A 25 15.95 -4.06 3.95
N THR A 26 14.91 -3.45 3.37
CA THR A 26 14.86 -2.03 3.03
C THR A 26 13.51 -1.50 3.51
N GLN A 27 13.39 -0.18 3.67
CA GLN A 27 12.20 0.47 4.20
C GLN A 27 11.62 1.49 3.21
N PRO A 28 10.29 1.70 3.22
CA PRO A 28 9.64 2.71 2.39
C PRO A 28 9.82 4.07 3.06
N GLN A 29 9.27 5.14 2.46
CA GLN A 29 9.37 6.47 3.05
C GLN A 29 7.97 6.99 3.38
N THR A 30 7.76 7.47 4.62
CA THR A 30 6.49 8.00 5.09
C THR A 30 5.92 9.01 4.09
N CYS A 31 4.69 8.81 3.60
CA CYS A 31 4.09 9.75 2.67
C CYS A 31 3.85 11.08 3.39
N PRO A 32 4.51 12.18 2.99
CA PRO A 32 4.36 13.46 3.67
C PRO A 32 2.98 14.05 3.44
N THR A 33 2.41 13.86 2.24
CA THR A 33 1.10 14.34 1.83
C THR A 33 0.00 14.08 2.88
N CYS A 34 0.06 12.91 3.54
CA CYS A 34 -0.88 12.52 4.59
C CYS A 34 -0.16 12.33 5.93
N HIS A 35 1.08 12.82 6.06
CA HIS A 35 1.89 12.69 7.26
C HIS A 35 1.93 11.22 7.72
N GLY A 36 2.04 10.28 6.79
CA GLY A 36 2.04 8.86 7.07
C GLY A 36 0.67 8.26 7.42
N SER A 37 -0.34 9.10 7.67
CA SER A 37 -1.68 8.67 8.09
C SER A 37 -2.45 7.89 7.01
N GLY A 38 -1.98 7.89 5.76
CA GLY A 38 -2.65 7.22 4.66
C GLY A 38 -3.90 7.96 4.16
N GLN A 39 -4.28 9.06 4.81
CA GLN A 39 -5.45 9.85 4.46
C GLN A 39 -5.04 11.32 4.38
N VAL A 40 -5.34 11.96 3.25
CA VAL A 40 -5.11 13.38 3.06
C VAL A 40 -6.23 14.07 3.80
N GLN A 41 -5.92 15.07 4.62
CA GLN A 41 -6.92 15.77 5.39
C GLN A 41 -7.00 17.21 4.91
N MET A 42 -8.13 17.56 4.28
CA MET A 42 -8.42 18.87 3.73
C MET A 42 -8.72 19.82 4.89
N ARG A 43 -7.67 20.18 5.65
CA ARG A 43 -7.71 21.02 6.84
C ARG A 43 -8.12 22.47 6.52
N GLN A 44 -9.35 22.67 6.02
CA GLN A 44 -9.91 23.97 5.69
C GLN A 44 -10.39 24.67 6.97
N GLY A 45 -9.51 24.77 7.97
CA GLY A 45 -9.80 25.41 9.24
C GLY A 45 -10.81 24.65 10.10
N PHE A 46 -12.07 24.57 9.65
CA PHE A 46 -13.18 23.95 10.37
C PHE A 46 -13.46 22.52 9.89
N PHE A 47 -14.03 22.34 8.69
CA PHE A 47 -14.38 20.99 8.22
C PHE A 47 -13.13 20.26 7.73
N ALA A 48 -12.24 19.90 8.65
CA ALA A 48 -11.01 19.19 8.35
C ALA A 48 -11.26 17.71 8.03
N VAL A 49 -12.07 17.44 6.99
CA VAL A 49 -12.36 16.08 6.56
C VAL A 49 -11.24 15.56 5.66
N GLN A 50 -11.21 14.23 5.47
CA GLN A 50 -10.16 13.56 4.74
C GLN A 50 -10.64 12.69 3.58
N GLN A 51 -9.67 12.21 2.79
CA GLN A 51 -9.85 11.30 1.68
C GLN A 51 -8.66 10.34 1.73
N THR A 52 -8.79 9.12 1.21
CA THR A 52 -7.67 8.18 1.16
C THR A 52 -6.57 8.79 0.28
N CYS A 53 -5.31 8.75 0.73
CA CYS A 53 -4.23 9.31 -0.06
C CYS A 53 -3.94 8.39 -1.26
N PRO A 54 -4.12 8.86 -2.51
CA PRO A 54 -3.89 8.04 -3.68
C PRO A 54 -2.40 7.79 -3.90
N HIS A 55 -1.56 8.80 -3.62
CA HIS A 55 -0.10 8.74 -3.81
C HIS A 55 0.52 7.47 -3.23
N CYS A 56 0.03 7.05 -2.05
CA CYS A 56 0.46 5.82 -1.39
C CYS A 56 -0.70 4.84 -1.25
N GLN A 57 -1.75 4.97 -2.06
CA GLN A 57 -2.92 4.09 -2.08
C GLN A 57 -3.40 3.73 -0.67
N GLY A 58 -3.49 4.71 0.23
CA GLY A 58 -3.92 4.48 1.60
C GLY A 58 -2.91 3.75 2.49
N ARG A 59 -1.81 3.22 1.93
CA ARG A 59 -0.78 2.46 2.65
C ARG A 59 0.11 3.37 3.52
N GLY A 60 -0.02 4.70 3.39
CA GLY A 60 0.75 5.68 4.16
C GLY A 60 2.24 5.72 3.83
N THR A 61 2.76 4.73 3.12
CA THR A 61 4.16 4.54 2.81
C THR A 61 4.41 4.65 1.31
N LEU A 62 5.45 5.40 0.94
CA LEU A 62 5.90 5.56 -0.43
C LEU A 62 6.93 4.48 -0.68
N ILE A 63 6.59 3.60 -1.62
CA ILE A 63 7.39 2.49 -2.06
C ILE A 63 8.52 3.01 -2.96
N LYS A 64 9.43 3.78 -2.38
CA LYS A 64 10.57 4.31 -3.12
C LYS A 64 11.45 3.16 -3.62
N ASP A 65 11.51 2.09 -2.81
CA ASP A 65 12.26 0.86 -3.02
C ASP A 65 11.29 -0.30 -3.35
N PRO A 66 10.82 -0.42 -4.60
CA PRO A 66 9.84 -1.44 -4.97
C PRO A 66 10.35 -2.88 -4.87
N CYS A 67 9.62 -3.72 -4.13
CA CYS A 67 9.85 -5.14 -4.04
C CYS A 67 9.48 -5.76 -5.39
N ASN A 68 10.45 -5.77 -6.30
CA ASN A 68 10.33 -6.28 -7.67
C ASN A 68 9.48 -7.54 -7.76
N LYS A 69 9.69 -8.50 -6.85
CA LYS A 69 8.96 -9.76 -6.78
C LYS A 69 7.44 -9.56 -6.94
N CYS A 70 6.88 -8.51 -6.33
CA CYS A 70 5.47 -8.17 -6.43
C CYS A 70 5.31 -6.75 -6.98
N HIS A 71 6.30 -6.29 -7.75
CA HIS A 71 6.36 -4.96 -8.36
C HIS A 71 6.00 -3.86 -7.35
N GLY A 72 6.42 -4.01 -6.10
CA GLY A 72 6.14 -3.04 -5.05
C GLY A 72 4.66 -2.90 -4.68
N HIS A 73 3.77 -3.77 -5.17
CA HIS A 73 2.36 -3.76 -4.81
C HIS A 73 2.18 -4.20 -3.36
N GLY A 74 3.08 -5.11 -2.92
CA GLY A 74 3.13 -5.64 -1.57
C GLY A 74 2.41 -6.97 -1.41
N ARG A 75 1.44 -7.27 -2.28
CA ARG A 75 0.68 -8.51 -2.24
C ARG A 75 0.49 -9.04 -3.66
N VAL A 76 0.37 -10.36 -3.78
CA VAL A 76 0.16 -11.06 -5.04
C VAL A 76 -1.25 -11.64 -5.01
N GLU A 77 -1.88 -11.87 -6.17
CA GLU A 77 -3.23 -12.43 -6.20
C GLU A 77 -3.22 -13.88 -5.73
N ARG A 78 -4.27 -14.29 -4.99
CA ARG A 78 -4.43 -15.63 -4.45
C ARG A 78 -4.69 -16.62 -5.60
N SER A 79 -3.65 -16.87 -6.38
CA SER A 79 -3.66 -17.69 -7.56
C SER A 79 -3.94 -19.15 -7.21
ZN ZN B . 6.96 -8.01 -2.04
ZN ZN C . -0.05 9.39 1.34
N GLY A 1 -7.57 -8.60 5.55
CA GLY A 1 -6.43 -8.43 6.43
C GLY A 1 -6.55 -7.14 7.24
N VAL A 2 -7.56 -7.09 8.11
CA VAL A 2 -7.93 -5.96 8.98
C VAL A 2 -6.77 -5.45 9.86
N THR A 3 -5.79 -4.81 9.23
CA THR A 3 -4.60 -4.26 9.83
C THR A 3 -4.24 -2.98 9.07
N LYS A 4 -3.64 -3.15 7.90
CA LYS A 4 -3.24 -2.13 6.93
C LYS A 4 -3.54 -2.72 5.55
N GLU A 5 -2.96 -3.89 5.27
CA GLU A 5 -3.21 -4.62 4.04
C GLU A 5 -4.59 -5.28 4.12
N ILE A 6 -5.64 -4.46 4.01
CA ILE A 6 -7.05 -4.87 4.07
C ILE A 6 -7.44 -5.69 2.82
N ARG A 7 -6.82 -6.84 2.66
CA ARG A 7 -7.02 -7.74 1.54
C ARG A 7 -8.33 -8.53 1.67
N ILE A 8 -9.45 -7.82 1.73
CA ILE A 8 -10.76 -8.47 1.74
C ILE A 8 -10.96 -9.29 0.45
N PRO A 9 -10.72 -8.68 -0.72
CA PRO A 9 -10.79 -9.35 -2.01
C PRO A 9 -9.67 -10.38 -2.13
N THR A 10 -9.67 -11.13 -3.23
CA THR A 10 -8.75 -12.20 -3.59
C THR A 10 -7.28 -11.78 -3.69
N LEU A 11 -6.66 -11.27 -2.62
CA LEU A 11 -5.28 -10.82 -2.59
C LEU A 11 -4.52 -11.37 -1.37
N GLU A 12 -3.22 -11.66 -1.51
CA GLU A 12 -2.34 -12.14 -0.46
C GLU A 12 -1.19 -11.16 -0.25
N GLU A 13 -0.77 -10.98 1.01
CA GLU A 13 0.31 -10.07 1.35
C GLU A 13 1.62 -10.55 0.71
N CYS A 14 2.38 -9.63 0.12
CA CYS A 14 3.66 -9.93 -0.46
C CYS A 14 4.69 -10.05 0.67
N ASP A 15 4.79 -11.26 1.22
CA ASP A 15 5.71 -11.62 2.30
C ASP A 15 7.12 -11.09 2.03
N VAL A 16 7.55 -11.14 0.77
CA VAL A 16 8.84 -10.65 0.30
C VAL A 16 9.11 -9.24 0.83
N CYS A 17 8.11 -8.35 0.79
CA CYS A 17 8.24 -6.99 1.30
C CYS A 17 7.52 -6.81 2.63
N HIS A 18 7.13 -7.90 3.27
CA HIS A 18 6.49 -7.91 4.57
C HIS A 18 5.25 -6.99 4.57
N GLY A 19 4.57 -6.90 3.42
CA GLY A 19 3.41 -6.04 3.25
C GLY A 19 3.71 -4.54 3.28
N SER A 20 4.98 -4.12 3.37
CA SER A 20 5.34 -2.70 3.41
C SER A 20 5.43 -2.09 2.01
N GLY A 21 5.69 -2.95 1.02
CA GLY A 21 5.93 -2.53 -0.35
C GLY A 21 7.44 -2.35 -0.61
N ALA A 22 8.27 -2.37 0.44
CA ALA A 22 9.72 -2.20 0.31
C ALA A 22 10.44 -3.55 0.29
N LYS A 23 11.45 -3.69 -0.57
CA LYS A 23 12.23 -4.91 -0.69
C LYS A 23 12.74 -5.40 0.69
N PRO A 24 13.02 -6.72 0.85
CA PRO A 24 13.44 -7.34 2.09
C PRO A 24 14.18 -6.44 3.09
N GLY A 25 13.62 -6.33 4.30
CA GLY A 25 14.15 -5.57 5.42
C GLY A 25 14.57 -4.13 5.13
N THR A 26 14.15 -3.54 4.01
CA THR A 26 14.53 -2.19 3.64
C THR A 26 13.46 -1.23 4.16
N GLN A 27 13.86 -0.30 5.02
CA GLN A 27 12.96 0.66 5.63
C GLN A 27 12.26 1.51 4.55
N PRO A 28 10.92 1.64 4.55
CA PRO A 28 10.21 2.48 3.60
C PRO A 28 10.48 3.97 3.84
N GLN A 29 9.81 4.83 3.08
CA GLN A 29 9.89 6.28 3.15
C GLN A 29 8.48 6.80 3.41
N THR A 30 8.26 7.52 4.51
CA THR A 30 6.98 8.07 4.89
C THR A 30 6.32 8.82 3.73
N CYS A 31 5.08 8.48 3.34
CA CYS A 31 4.40 9.20 2.28
C CYS A 31 4.09 10.62 2.77
N PRO A 32 4.63 11.67 2.16
CA PRO A 32 4.39 13.03 2.62
C PRO A 32 2.93 13.44 2.35
N THR A 33 2.39 13.03 1.19
CA THR A 33 1.04 13.34 0.73
C THR A 33 -0.03 13.12 1.81
N CYS A 34 0.10 12.06 2.61
CA CYS A 34 -0.81 11.74 3.70
C CYS A 34 -0.08 11.77 5.06
N HIS A 35 1.05 12.47 5.14
CA HIS A 35 1.85 12.59 6.35
C HIS A 35 2.04 11.24 7.06
N GLY A 36 2.33 10.19 6.27
CA GLY A 36 2.57 8.85 6.78
C GLY A 36 1.32 8.10 7.28
N SER A 37 0.14 8.69 7.31
CA SER A 37 -1.05 8.02 7.83
C SER A 37 -1.48 6.86 6.92
N GLY A 38 -1.75 7.23 5.66
CA GLY A 38 -2.28 6.37 4.62
C GLY A 38 -3.56 6.97 4.03
N GLN A 39 -3.98 8.17 4.46
CA GLN A 39 -5.18 8.83 3.96
C GLN A 39 -4.92 10.31 3.71
N VAL A 40 -5.30 10.80 2.53
CA VAL A 40 -5.19 12.19 2.13
C VAL A 40 -6.43 12.94 2.61
N GLN A 41 -6.30 14.26 2.75
CA GLN A 41 -7.39 15.16 3.11
C GLN A 41 -7.51 16.22 2.01
N MET A 42 -8.61 16.20 1.26
CA MET A 42 -8.90 17.16 0.23
C MET A 42 -9.35 18.45 0.91
N ARG A 43 -8.41 19.18 1.53
CA ARG A 43 -8.65 20.40 2.27
C ARG A 43 -9.07 21.56 1.37
N GLN A 44 -10.23 21.43 0.72
CA GLN A 44 -10.79 22.44 -0.17
C GLN A 44 -11.41 23.58 0.63
N GLY A 45 -10.61 24.24 1.46
CA GLY A 45 -11.02 25.36 2.29
C GLY A 45 -11.93 24.94 3.46
N PHE A 46 -13.14 24.46 3.15
CA PHE A 46 -14.14 24.09 4.15
C PHE A 46 -14.37 22.58 4.23
N PHE A 47 -14.90 21.96 3.17
CA PHE A 47 -15.20 20.52 3.16
C PHE A 47 -13.93 19.68 3.06
N ALA A 48 -13.11 19.69 4.11
CA ALA A 48 -11.85 18.99 4.18
C ALA A 48 -12.04 17.48 4.37
N VAL A 49 -12.65 16.82 3.37
CA VAL A 49 -12.92 15.39 3.40
C VAL A 49 -11.66 14.58 3.17
N GLN A 50 -11.70 13.30 3.57
CA GLN A 50 -10.57 12.40 3.53
C GLN A 50 -10.79 11.20 2.63
N GLN A 51 -9.70 10.66 2.08
CA GLN A 51 -9.72 9.52 1.17
C GLN A 51 -8.44 8.69 1.39
N THR A 52 -8.46 7.40 1.08
CA THR A 52 -7.26 6.58 1.15
C THR A 52 -6.21 7.16 0.19
N CYS A 53 -4.94 7.20 0.57
CA CYS A 53 -3.90 7.71 -0.30
C CYS A 53 -3.59 6.65 -1.37
N PRO A 54 -3.83 6.95 -2.67
CA PRO A 54 -3.58 5.98 -3.73
C PRO A 54 -2.08 5.80 -3.94
N HIS A 55 -1.30 6.88 -3.84
CA HIS A 55 0.15 6.90 -4.08
C HIS A 55 0.90 5.79 -3.33
N CYS A 56 0.49 5.49 -2.10
CA CYS A 56 1.06 4.44 -1.26
C CYS A 56 0.03 3.35 -0.98
N GLN A 57 -0.99 3.21 -1.82
CA GLN A 57 -2.04 2.19 -1.74
C GLN A 57 -2.50 1.97 -0.29
N GLY A 58 -2.81 3.07 0.41
CA GLY A 58 -3.30 3.06 1.79
C GLY A 58 -2.27 2.65 2.86
N ARG A 59 -1.05 2.26 2.52
CA ARG A 59 -0.07 1.85 3.52
C ARG A 59 0.50 3.02 4.31
N GLY A 60 0.58 4.19 3.67
CA GLY A 60 1.19 5.39 4.25
C GLY A 60 2.69 5.45 3.98
N THR A 61 3.26 4.39 3.41
CA THR A 61 4.68 4.26 3.14
C THR A 61 4.96 4.17 1.64
N LEU A 62 5.79 5.08 1.14
CA LEU A 62 6.33 5.02 -0.21
C LEU A 62 7.65 4.29 -0.11
N ILE A 63 8.24 3.98 -1.27
CA ILE A 63 9.53 3.33 -1.36
C ILE A 63 10.17 3.88 -2.62
N LYS A 64 11.38 4.41 -2.54
CA LYS A 64 12.07 4.89 -3.73
C LYS A 64 12.41 3.67 -4.61
N ASP A 65 12.78 2.56 -3.95
CA ASP A 65 13.12 1.26 -4.52
C ASP A 65 11.99 0.26 -4.15
N PRO A 66 10.84 0.31 -4.83
CA PRO A 66 9.69 -0.54 -4.50
C PRO A 66 9.92 -2.02 -4.82
N CYS A 67 9.16 -2.87 -4.14
CA CYS A 67 9.16 -4.31 -4.35
C CYS A 67 8.52 -4.63 -5.70
N ASN A 68 9.34 -4.58 -6.75
CA ASN A 68 8.97 -4.86 -8.14
C ASN A 68 7.96 -6.01 -8.27
N LYS A 69 8.21 -7.12 -7.57
CA LYS A 69 7.36 -8.31 -7.53
C LYS A 69 5.86 -7.96 -7.45
N CYS A 70 5.52 -6.94 -6.67
CA CYS A 70 4.15 -6.49 -6.47
C CYS A 70 4.00 -5.00 -6.76
N HIS A 71 4.89 -4.43 -7.58
CA HIS A 71 4.91 -3.00 -7.88
C HIS A 71 4.86 -2.18 -6.58
N GLY A 72 5.52 -2.69 -5.53
CA GLY A 72 5.53 -2.07 -4.21
C GLY A 72 4.16 -1.81 -3.60
N HIS A 73 3.10 -2.53 -4.04
CA HIS A 73 1.76 -2.36 -3.49
C HIS A 73 1.63 -2.99 -2.11
N GLY A 74 2.45 -4.01 -1.86
CA GLY A 74 2.48 -4.76 -0.62
C GLY A 74 1.66 -6.05 -0.70
N ARG A 75 0.90 -6.24 -1.78
CA ARG A 75 0.02 -7.39 -1.97
C ARG A 75 0.07 -7.90 -3.41
N VAL A 76 -0.21 -9.19 -3.60
CA VAL A 76 -0.30 -9.89 -4.87
C VAL A 76 -1.65 -10.60 -4.90
N GLU A 77 -2.02 -11.21 -6.02
CA GLU A 77 -3.31 -11.89 -6.12
C GLU A 77 -3.28 -13.26 -5.42
N ARG A 78 -4.37 -13.60 -4.73
CA ARG A 78 -4.60 -14.85 -3.99
C ARG A 78 -4.79 -15.97 -5.02
N SER A 79 -3.72 -16.27 -5.74
CA SER A 79 -3.66 -17.22 -6.82
C SER A 79 -3.96 -18.64 -6.31
ZN ZN B . 6.20 -7.04 -2.46
ZN ZN C . 0.26 8.33 1.02
N GLY A 1 -13.65 -29.28 3.68
CA GLY A 1 -13.54 -29.49 2.25
C GLY A 1 -13.19 -28.16 1.59
N VAL A 2 -14.15 -27.23 1.56
CA VAL A 2 -13.94 -25.88 1.04
C VAL A 2 -12.77 -25.20 1.77
N THR A 3 -12.55 -25.59 3.04
CA THR A 3 -11.46 -25.15 3.88
C THR A 3 -10.11 -25.41 3.21
N LYS A 4 -10.00 -26.51 2.46
CA LYS A 4 -8.81 -26.87 1.72
C LYS A 4 -8.94 -26.33 0.30
N GLU A 5 -10.07 -26.62 -0.34
CA GLU A 5 -10.38 -26.18 -1.70
C GLU A 5 -10.81 -24.70 -1.70
N ILE A 6 -9.92 -23.81 -1.25
CA ILE A 6 -10.14 -22.37 -1.29
C ILE A 6 -9.87 -21.89 -2.73
N ARG A 7 -10.67 -22.36 -3.68
CA ARG A 7 -10.56 -22.05 -5.10
C ARG A 7 -11.06 -20.62 -5.39
N ILE A 8 -10.41 -19.64 -4.76
CA ILE A 8 -10.68 -18.22 -4.87
C ILE A 8 -9.34 -17.50 -4.96
N PRO A 9 -9.27 -16.30 -5.57
CA PRO A 9 -8.05 -15.51 -5.72
C PRO A 9 -7.58 -15.00 -4.35
N THR A 10 -7.05 -15.92 -3.56
CA THR A 10 -6.61 -15.67 -2.20
C THR A 10 -5.36 -14.81 -2.21
N LEU A 11 -5.47 -13.57 -1.73
CA LEU A 11 -4.33 -12.67 -1.65
C LEU A 11 -3.46 -13.04 -0.45
N GLU A 12 -2.16 -12.80 -0.55
CA GLU A 12 -1.17 -13.08 0.47
C GLU A 12 -0.19 -11.90 0.48
N GLU A 13 0.41 -11.62 1.65
CA GLU A 13 1.37 -10.54 1.80
C GLU A 13 2.74 -11.00 1.27
N CYS A 14 3.45 -10.13 0.54
CA CYS A 14 4.76 -10.47 0.04
C CYS A 14 5.76 -10.35 1.21
N ASP A 15 5.94 -11.45 1.94
CA ASP A 15 6.83 -11.57 3.10
C ASP A 15 8.20 -10.93 2.85
N VAL A 16 8.73 -11.09 1.64
CA VAL A 16 10.00 -10.52 1.18
C VAL A 16 10.09 -9.03 1.49
N CYS A 17 9.00 -8.27 1.27
CA CYS A 17 8.92 -6.85 1.57
C CYS A 17 8.01 -6.60 2.78
N HIS A 18 7.78 -7.65 3.57
CA HIS A 18 6.93 -7.62 4.75
C HIS A 18 5.55 -7.05 4.39
N GLY A 19 5.07 -7.37 3.19
CA GLY A 19 3.78 -6.92 2.70
C GLY A 19 3.72 -5.43 2.33
N SER A 20 4.80 -4.66 2.49
CA SER A 20 4.75 -3.23 2.21
C SER A 20 4.70 -2.97 0.70
N GLY A 21 5.82 -3.30 0.05
CA GLY A 21 6.08 -3.08 -1.35
C GLY A 21 7.52 -2.60 -1.55
N ALA A 22 8.19 -2.13 -0.48
CA ALA A 22 9.59 -1.71 -0.54
C ALA A 22 10.46 -2.93 -0.86
N LYS A 23 11.63 -2.77 -1.47
CA LYS A 23 12.46 -3.89 -1.91
C LYS A 23 12.78 -4.90 -0.78
N PRO A 24 13.31 -6.10 -1.10
CA PRO A 24 13.60 -7.14 -0.13
C PRO A 24 14.19 -6.63 1.19
N GLY A 25 13.51 -6.96 2.30
CA GLY A 25 13.91 -6.58 3.65
C GLY A 25 14.22 -5.09 3.82
N THR A 26 13.63 -4.22 2.98
CA THR A 26 13.83 -2.79 3.02
C THR A 26 12.50 -2.16 3.41
N GLN A 27 12.52 -1.04 4.16
CA GLN A 27 11.30 -0.37 4.58
C GLN A 27 10.91 0.73 3.57
N PRO A 28 9.61 1.04 3.44
CA PRO A 28 9.16 2.15 2.63
C PRO A 28 9.43 3.45 3.40
N GLN A 29 9.08 4.61 2.83
CA GLN A 29 9.23 5.90 3.49
C GLN A 29 7.84 6.45 3.84
N THR A 30 7.60 6.78 5.10
CA THR A 30 6.33 7.33 5.58
C THR A 30 5.89 8.49 4.69
N CYS A 31 4.68 8.44 4.12
CA CYS A 31 4.20 9.52 3.27
C CYS A 31 4.00 10.77 4.15
N PRO A 32 4.73 11.87 3.92
CA PRO A 32 4.61 13.05 4.76
C PRO A 32 3.28 13.75 4.52
N THR A 33 2.80 13.78 3.28
CA THR A 33 1.57 14.41 2.84
C THR A 33 0.38 14.09 3.75
N CYS A 34 0.29 12.83 4.20
CA CYS A 34 -0.76 12.35 5.09
C CYS A 34 -0.20 11.96 6.47
N HIS A 35 1.02 12.39 6.80
CA HIS A 35 1.69 12.07 8.05
C HIS A 35 1.59 10.56 8.34
N GLY A 36 1.78 9.73 7.32
CA GLY A 36 1.70 8.28 7.45
C GLY A 36 0.31 7.71 7.72
N SER A 37 -0.73 8.52 7.92
CA SER A 37 -2.07 7.99 8.22
C SER A 37 -2.67 7.26 7.01
N GLY A 38 -2.39 7.76 5.82
CA GLY A 38 -2.89 7.23 4.55
C GLY A 38 -4.06 8.04 4.00
N GLN A 39 -4.43 9.16 4.61
CA GLN A 39 -5.52 10.01 4.15
C GLN A 39 -5.12 11.49 4.14
N VAL A 40 -5.71 12.25 3.23
CA VAL A 40 -5.51 13.69 3.10
C VAL A 40 -6.79 14.33 3.59
N GLN A 41 -6.70 15.31 4.49
CA GLN A 41 -7.84 16.02 5.03
C GLN A 41 -7.80 17.48 4.61
N MET A 42 -8.72 17.85 3.73
CA MET A 42 -8.90 19.19 3.22
C MET A 42 -9.51 20.02 4.35
N ARG A 43 -8.68 20.47 5.29
CA ARG A 43 -9.10 21.26 6.43
C ARG A 43 -9.45 22.70 5.98
N GLN A 44 -10.54 22.82 5.22
CA GLN A 44 -11.02 24.08 4.68
C GLN A 44 -11.65 24.94 5.79
N GLY A 45 -10.80 25.46 6.69
CA GLY A 45 -11.19 26.31 7.80
C GLY A 45 -11.88 25.52 8.90
N PHE A 46 -13.05 24.94 8.60
CA PHE A 46 -13.83 24.17 9.57
C PHE A 46 -14.58 23.01 8.93
N PHE A 47 -15.08 23.14 7.70
CA PHE A 47 -15.76 22.04 7.01
C PHE A 47 -14.74 21.01 6.51
N ALA A 48 -13.96 20.42 7.42
CA ALA A 48 -12.93 19.46 7.11
C ALA A 48 -13.51 18.18 6.51
N VAL A 49 -12.98 17.77 5.36
CA VAL A 49 -13.36 16.53 4.68
C VAL A 49 -12.07 15.88 4.21
N GLN A 50 -12.07 14.57 4.01
CA GLN A 50 -10.85 13.84 3.69
C GLN A 50 -11.05 12.77 2.63
N GLN A 51 -9.95 12.34 2.01
CA GLN A 51 -9.93 11.29 1.01
C GLN A 51 -8.67 10.44 1.22
N THR A 52 -8.62 9.26 0.62
CA THR A 52 -7.45 8.40 0.66
C THR A 52 -6.28 9.12 0.00
N CYS A 53 -5.08 9.06 0.56
CA CYS A 53 -3.93 9.74 -0.04
C CYS A 53 -3.54 9.01 -1.33
N PRO A 54 -3.61 9.65 -2.50
CA PRO A 54 -3.29 9.01 -3.76
C PRO A 54 -1.79 8.73 -3.88
N HIS A 55 -0.95 9.66 -3.43
CA HIS A 55 0.51 9.59 -3.51
C HIS A 55 1.08 8.24 -3.04
N CYS A 56 0.50 7.69 -1.96
CA CYS A 56 0.90 6.40 -1.40
C CYS A 56 -0.23 5.38 -1.49
N GLN A 57 -1.19 5.59 -2.41
CA GLN A 57 -2.31 4.69 -2.65
C GLN A 57 -2.94 4.20 -1.34
N GLY A 58 -3.15 5.12 -0.39
CA GLY A 58 -3.75 4.81 0.91
C GLY A 58 -2.88 4.01 1.89
N ARG A 59 -1.70 3.52 1.49
CA ARG A 59 -0.85 2.73 2.38
C ARG A 59 -0.12 3.59 3.42
N GLY A 60 -0.17 4.91 3.29
CA GLY A 60 0.58 5.83 4.14
C GLY A 60 2.10 5.70 3.96
N THR A 61 2.54 4.88 2.99
CA THR A 61 3.94 4.56 2.77
C THR A 61 4.30 4.66 1.28
N LEU A 62 5.42 5.35 1.02
CA LEU A 62 5.99 5.55 -0.29
C LEU A 62 6.97 4.41 -0.54
N ILE A 63 6.71 3.68 -1.63
CA ILE A 63 7.49 2.54 -2.06
C ILE A 63 8.79 3.04 -2.68
N LYS A 64 9.72 3.44 -1.81
CA LYS A 64 11.06 3.94 -2.11
C LYS A 64 11.67 3.19 -3.31
N ASP A 65 11.67 1.86 -3.24
CA ASP A 65 12.23 0.96 -4.23
C ASP A 65 11.21 -0.19 -4.38
N PRO A 66 10.63 -0.42 -5.56
CA PRO A 66 9.58 -1.42 -5.73
C PRO A 66 10.09 -2.87 -5.69
N CYS A 67 9.48 -3.67 -4.82
CA CYS A 67 9.76 -5.09 -4.68
C CYS A 67 9.25 -5.83 -5.92
N ASN A 68 10.12 -6.05 -6.91
CA ASN A 68 9.82 -6.75 -8.15
C ASN A 68 8.87 -7.93 -7.96
N LYS A 69 9.15 -8.82 -6.99
CA LYS A 69 8.32 -9.99 -6.70
C LYS A 69 6.81 -9.67 -6.70
N CYS A 70 6.41 -8.50 -6.18
CA CYS A 70 5.03 -8.06 -6.18
C CYS A 70 4.89 -6.71 -6.92
N HIS A 71 5.92 -6.26 -7.62
CA HIS A 71 5.97 -4.96 -8.29
C HIS A 71 5.47 -3.85 -7.38
N GLY A 72 5.93 -3.85 -6.13
CA GLY A 72 5.55 -2.84 -5.16
C GLY A 72 4.05 -2.85 -4.78
N HIS A 73 3.27 -3.85 -5.22
CA HIS A 73 1.86 -3.96 -4.87
C HIS A 73 1.71 -4.43 -3.41
N GLY A 74 2.80 -4.87 -2.78
CA GLY A 74 2.81 -5.32 -1.39
C GLY A 74 2.27 -6.74 -1.23
N ARG A 75 1.11 -7.02 -1.84
CA ARG A 75 0.49 -8.34 -1.82
C ARG A 75 0.73 -9.07 -3.15
N VAL A 76 0.43 -10.35 -3.17
CA VAL A 76 0.48 -11.25 -4.32
C VAL A 76 -0.77 -12.12 -4.24
N GLU A 77 -1.20 -12.69 -5.37
CA GLU A 77 -2.33 -13.59 -5.43
C GLU A 77 -1.80 -15.02 -5.44
N ARG A 78 -2.37 -15.89 -4.61
CA ARG A 78 -2.03 -17.32 -4.55
C ARG A 78 -2.54 -17.96 -5.86
N SER A 79 -1.80 -17.72 -6.93
CA SER A 79 -2.12 -18.13 -8.27
C SER A 79 -1.93 -19.63 -8.44
ZN ZN B . 7.06 -7.68 -2.26
ZN ZN C . 0.16 9.59 1.68
N GLY A 1 -21.46 -12.53 -16.08
CA GLY A 1 -20.09 -12.24 -16.47
C GLY A 1 -19.24 -12.08 -15.21
N VAL A 2 -19.29 -10.89 -14.60
CA VAL A 2 -18.60 -10.60 -13.35
C VAL A 2 -18.97 -11.63 -12.26
N THR A 3 -20.16 -12.21 -12.37
CA THR A 3 -20.69 -13.25 -11.51
C THR A 3 -19.91 -14.55 -11.68
N LYS A 4 -19.60 -14.90 -12.94
CA LYS A 4 -18.88 -16.11 -13.30
C LYS A 4 -17.37 -15.95 -13.06
N GLU A 5 -16.85 -14.76 -13.36
CA GLU A 5 -15.45 -14.42 -13.18
C GLU A 5 -15.13 -14.28 -11.69
N ILE A 6 -15.15 -15.40 -10.96
CA ILE A 6 -14.89 -15.47 -9.51
C ILE A 6 -13.44 -15.14 -9.15
N ARG A 7 -13.05 -13.89 -9.38
CA ARG A 7 -11.73 -13.33 -9.10
C ARG A 7 -11.56 -13.11 -7.58
N ILE A 8 -11.66 -14.19 -6.79
CA ILE A 8 -11.51 -14.10 -5.35
C ILE A 8 -10.15 -13.47 -5.02
N PRO A 9 -10.09 -12.34 -4.29
CA PRO A 9 -8.85 -11.65 -3.97
C PRO A 9 -8.04 -12.46 -2.97
N THR A 10 -7.43 -13.54 -3.46
CA THR A 10 -6.63 -14.47 -2.69
C THR A 10 -5.24 -13.86 -2.48
N LEU A 11 -5.20 -12.74 -1.77
CA LEU A 11 -3.99 -11.97 -1.56
C LEU A 11 -3.13 -12.58 -0.45
N GLU A 12 -1.89 -12.95 -0.78
CA GLU A 12 -0.92 -13.48 0.15
C GLU A 12 0.12 -12.40 0.44
N GLU A 13 0.41 -12.16 1.73
CA GLU A 13 1.37 -11.18 2.18
C GLU A 13 2.75 -11.47 1.57
N CYS A 14 3.35 -10.49 0.89
CA CYS A 14 4.65 -10.70 0.29
C CYS A 14 5.73 -10.59 1.37
N ASP A 15 6.01 -11.71 2.04
CA ASP A 15 7.03 -11.84 3.08
C ASP A 15 8.36 -11.23 2.65
N VAL A 16 8.70 -11.37 1.37
CA VAL A 16 9.91 -10.83 0.77
C VAL A 16 10.06 -9.35 1.13
N CYS A 17 9.01 -8.53 0.96
CA CYS A 17 9.02 -7.12 1.34
C CYS A 17 8.31 -6.92 2.69
N HIS A 18 8.17 -7.99 3.46
CA HIS A 18 7.61 -7.98 4.79
C HIS A 18 6.21 -7.38 4.75
N GLY A 19 5.49 -7.63 3.65
CA GLY A 19 4.14 -7.12 3.45
C GLY A 19 4.05 -5.62 3.15
N SER A 20 5.17 -4.87 3.14
CA SER A 20 5.11 -3.44 2.90
C SER A 20 4.87 -3.15 1.42
N GLY A 21 5.87 -3.48 0.61
CA GLY A 21 5.90 -3.25 -0.82
C GLY A 21 7.29 -2.90 -1.32
N ALA A 22 8.18 -2.40 -0.46
CA ALA A 22 9.54 -2.03 -0.87
C ALA A 22 10.47 -3.24 -0.71
N LYS A 23 11.48 -3.37 -1.57
CA LYS A 23 12.39 -4.52 -1.57
C LYS A 23 12.96 -4.86 -0.18
N PRO A 24 13.34 -6.13 0.07
CA PRO A 24 13.84 -6.64 1.35
C PRO A 24 14.68 -5.65 2.17
N GLY A 25 14.32 -5.47 3.45
CA GLY A 25 15.03 -4.60 4.38
C GLY A 25 14.79 -3.12 4.13
N THR A 26 14.92 -2.68 2.88
CA THR A 26 14.73 -1.30 2.45
C THR A 26 13.24 -0.98 2.41
N GLN A 27 12.64 -0.94 3.60
CA GLN A 27 11.24 -0.65 3.84
C GLN A 27 10.87 0.73 3.25
N PRO A 28 9.59 0.98 2.95
CA PRO A 28 9.16 2.25 2.38
C PRO A 28 9.35 3.39 3.37
N GLN A 29 9.05 4.62 2.94
CA GLN A 29 9.18 5.80 3.80
C GLN A 29 7.80 6.37 4.09
N THR A 30 7.54 6.76 5.34
CA THR A 30 6.25 7.29 5.75
C THR A 30 5.82 8.46 4.88
N CYS A 31 4.65 8.41 4.23
CA CYS A 31 4.19 9.54 3.45
C CYS A 31 3.83 10.67 4.42
N PRO A 32 4.48 11.84 4.35
CA PRO A 32 4.22 12.93 5.28
C PRO A 32 2.83 13.53 5.04
N THR A 33 2.39 13.64 3.79
CA THR A 33 1.12 14.21 3.37
C THR A 33 -0.06 13.68 4.19
N CYS A 34 -0.15 12.35 4.33
CA CYS A 34 -1.19 11.69 5.13
C CYS A 34 -0.67 11.30 6.52
N HIS A 35 0.50 11.79 6.93
CA HIS A 35 1.10 11.47 8.21
C HIS A 35 1.13 9.94 8.40
N GLY A 36 1.58 9.24 7.36
CA GLY A 36 1.63 7.77 7.32
C GLY A 36 0.27 7.08 7.43
N SER A 37 -0.83 7.83 7.59
CA SER A 37 -2.16 7.32 7.82
C SER A 37 -2.95 7.08 6.53
N GLY A 38 -2.30 7.13 5.36
CA GLY A 38 -2.93 6.83 4.07
C GLY A 38 -3.93 7.87 3.55
N GLN A 39 -4.58 8.65 4.42
CA GLN A 39 -5.58 9.63 4.07
C GLN A 39 -5.09 11.04 4.38
N VAL A 40 -5.32 11.96 3.45
CA VAL A 40 -5.09 13.38 3.62
C VAL A 40 -6.37 13.94 4.24
N GLN A 41 -6.27 15.10 4.89
CA GLN A 41 -7.43 15.73 5.53
C GLN A 41 -7.43 17.22 5.21
N MET A 42 -8.45 17.66 4.46
CA MET A 42 -8.63 19.06 4.09
C MET A 42 -9.18 19.78 5.32
N ARG A 43 -8.31 20.04 6.30
CA ARG A 43 -8.63 20.65 7.59
C ARG A 43 -9.05 22.12 7.47
N GLN A 44 -10.16 22.41 6.78
CA GLN A 44 -10.72 23.76 6.68
C GLN A 44 -11.46 24.15 7.96
N GLY A 45 -10.78 24.02 9.11
CA GLY A 45 -11.34 24.34 10.42
C GLY A 45 -12.46 23.40 10.87
N PHE A 46 -13.62 23.47 10.19
CA PHE A 46 -14.81 22.70 10.52
C PHE A 46 -14.94 21.42 9.69
N PHE A 47 -15.23 21.51 8.38
CA PHE A 47 -15.40 20.31 7.57
C PHE A 47 -14.04 19.70 7.20
N ALA A 48 -13.35 19.14 8.20
CA ALA A 48 -12.06 18.51 8.03
C ALA A 48 -12.21 17.14 7.35
N VAL A 49 -12.68 17.14 6.11
CA VAL A 49 -12.93 15.91 5.36
C VAL A 49 -11.66 15.26 4.85
N GLN A 50 -11.64 13.93 4.92
CA GLN A 50 -10.50 13.12 4.51
C GLN A 50 -10.62 12.69 3.05
N GLN A 51 -9.49 12.43 2.39
CA GLN A 51 -9.45 11.88 1.05
C GLN A 51 -8.27 10.89 1.00
N THR A 52 -8.34 9.87 0.15
CA THR A 52 -7.25 8.91 0.00
C THR A 52 -6.02 9.63 -0.55
N CYS A 53 -4.84 9.45 0.03
CA CYS A 53 -3.64 10.09 -0.47
C CYS A 53 -3.24 9.46 -1.81
N PRO A 54 -3.22 10.20 -2.93
CA PRO A 54 -2.87 9.63 -4.22
C PRO A 54 -1.38 9.30 -4.28
N HIS A 55 -0.53 10.15 -3.69
CA HIS A 55 0.93 10.03 -3.67
C HIS A 55 1.41 8.60 -3.37
N CYS A 56 0.71 7.90 -2.48
CA CYS A 56 1.02 6.53 -2.09
C CYS A 56 -0.21 5.63 -2.24
N GLN A 57 -1.15 5.98 -3.12
CA GLN A 57 -2.37 5.23 -3.39
C GLN A 57 -3.03 4.70 -2.10
N GLY A 58 -3.18 5.56 -1.10
CA GLY A 58 -3.80 5.20 0.17
C GLY A 58 -2.96 4.31 1.09
N ARG A 59 -1.82 3.78 0.64
CA ARG A 59 -0.99 2.89 1.44
C ARG A 59 -0.19 3.60 2.53
N GLY A 60 -0.17 4.94 2.53
CA GLY A 60 0.56 5.74 3.51
C GLY A 60 2.08 5.58 3.47
N THR A 61 2.59 4.75 2.56
CA THR A 61 3.99 4.38 2.45
C THR A 61 4.51 4.70 1.05
N LEU A 62 5.63 5.40 1.01
CA LEU A 62 6.34 5.76 -0.20
C LEU A 62 7.23 4.56 -0.53
N ILE A 63 6.84 3.83 -1.57
CA ILE A 63 7.52 2.63 -2.04
C ILE A 63 8.82 3.06 -2.74
N LYS A 64 9.81 3.45 -1.92
CA LYS A 64 11.12 3.92 -2.33
C LYS A 64 11.71 3.12 -3.51
N ASP A 65 11.70 1.79 -3.37
CA ASP A 65 12.22 0.83 -4.34
C ASP A 65 11.29 -0.39 -4.33
N PRO A 66 10.36 -0.51 -5.29
CA PRO A 66 9.32 -1.53 -5.28
C PRO A 66 9.79 -2.98 -5.44
N CYS A 67 9.12 -3.85 -4.70
CA CYS A 67 9.30 -5.29 -4.74
C CYS A 67 8.56 -5.82 -5.97
N ASN A 68 9.30 -5.95 -7.07
CA ASN A 68 8.84 -6.43 -8.38
C ASN A 68 7.90 -7.63 -8.24
N LYS A 69 8.25 -8.61 -7.41
CA LYS A 69 7.50 -9.82 -7.11
C LYS A 69 6.00 -9.55 -6.92
N CYS A 70 5.66 -8.44 -6.27
CA CYS A 70 4.28 -8.04 -5.99
C CYS A 70 3.99 -6.64 -6.56
N HIS A 71 4.77 -6.24 -7.56
CA HIS A 71 4.68 -4.94 -8.22
C HIS A 71 4.56 -3.80 -7.20
N GLY A 72 5.29 -3.90 -6.08
CA GLY A 72 5.28 -2.88 -5.06
C GLY A 72 4.02 -2.82 -4.19
N HIS A 73 2.98 -3.64 -4.44
CA HIS A 73 1.76 -3.62 -3.65
C HIS A 73 1.96 -4.22 -2.26
N GLY A 74 2.87 -5.17 -2.14
CA GLY A 74 3.22 -5.86 -0.91
C GLY A 74 2.46 -7.18 -0.70
N ARG A 75 1.71 -7.63 -1.69
CA ARG A 75 0.99 -8.89 -1.63
C ARG A 75 0.81 -9.45 -3.03
N VAL A 76 0.75 -10.78 -3.15
CA VAL A 76 0.59 -11.46 -4.43
C VAL A 76 -0.80 -12.09 -4.48
N GLU A 77 -1.52 -11.89 -5.58
CA GLU A 77 -2.86 -12.43 -5.78
C GLU A 77 -2.75 -13.86 -6.30
N ARG A 78 -2.94 -14.85 -5.43
CA ARG A 78 -2.90 -16.26 -5.78
C ARG A 78 -4.23 -16.65 -6.43
N SER A 79 -4.57 -16.03 -7.55
CA SER A 79 -5.79 -16.26 -8.31
C SER A 79 -5.73 -15.44 -9.59
ZN ZN B . 6.86 -7.90 -2.22
ZN ZN C . 0.33 9.56 1.41
N GLY A 1 -1.95 -28.45 -3.67
CA GLY A 1 -1.75 -27.42 -4.68
C GLY A 1 -2.97 -26.52 -4.80
N VAL A 2 -3.43 -26.00 -3.65
CA VAL A 2 -4.58 -25.11 -3.54
C VAL A 2 -4.49 -23.94 -4.54
N THR A 3 -3.26 -23.50 -4.80
CA THR A 3 -2.90 -22.46 -5.75
C THR A 3 -3.54 -22.69 -7.13
N LYS A 4 -3.73 -23.95 -7.54
CA LYS A 4 -4.35 -24.25 -8.81
C LYS A 4 -5.83 -23.83 -8.83
N GLU A 5 -6.49 -23.82 -7.67
CA GLU A 5 -7.91 -23.48 -7.56
C GLU A 5 -8.13 -21.96 -7.64
N ILE A 6 -7.64 -21.34 -8.71
CA ILE A 6 -7.78 -19.90 -8.96
C ILE A 6 -9.24 -19.47 -9.06
N ARG A 7 -10.13 -20.44 -9.29
CA ARG A 7 -11.57 -20.27 -9.34
C ARG A 7 -12.08 -19.65 -8.03
N ILE A 8 -11.38 -19.94 -6.95
CA ILE A 8 -11.61 -19.44 -5.61
C ILE A 8 -10.30 -18.80 -5.15
N PRO A 9 -10.04 -17.53 -5.50
CA PRO A 9 -8.79 -16.88 -5.18
C PRO A 9 -8.70 -16.47 -3.70
N THR A 10 -7.57 -15.87 -3.34
CA THR A 10 -7.28 -15.32 -2.04
C THR A 10 -6.06 -14.41 -2.25
N LEU A 11 -5.81 -13.46 -1.34
CA LEU A 11 -4.65 -12.58 -1.39
C LEU A 11 -3.70 -12.98 -0.25
N GLU A 12 -2.39 -12.89 -0.50
CA GLU A 12 -1.33 -13.22 0.43
C GLU A 12 -0.34 -12.07 0.45
N GLU A 13 0.17 -11.72 1.63
CA GLU A 13 1.15 -10.66 1.79
C GLU A 13 2.49 -11.13 1.23
N CYS A 14 3.22 -10.25 0.54
CA CYS A 14 4.53 -10.62 0.02
C CYS A 14 5.53 -10.58 1.17
N ASP A 15 5.75 -11.72 1.82
CA ASP A 15 6.67 -11.90 2.93
C ASP A 15 8.04 -11.28 2.64
N VAL A 16 8.49 -11.39 1.39
CA VAL A 16 9.75 -10.83 0.92
C VAL A 16 9.85 -9.34 1.25
N CYS A 17 8.75 -8.58 1.09
CA CYS A 17 8.72 -7.16 1.48
C CYS A 17 7.90 -6.98 2.76
N HIS A 18 7.72 -8.06 3.51
CA HIS A 18 7.05 -8.08 4.79
C HIS A 18 5.64 -7.49 4.66
N GLY A 19 5.01 -7.74 3.51
CA GLY A 19 3.67 -7.25 3.22
C GLY A 19 3.58 -5.74 2.95
N SER A 20 4.71 -5.01 2.84
CA SER A 20 4.66 -3.57 2.59
C SER A 20 4.55 -3.30 1.08
N GLY A 21 5.68 -3.50 0.39
CA GLY A 21 5.84 -3.28 -1.03
C GLY A 21 7.28 -2.90 -1.40
N ALA A 22 8.09 -2.40 -0.44
CA ALA A 22 9.48 -2.03 -0.72
C ALA A 22 10.40 -3.23 -0.55
N LYS A 23 11.55 -3.25 -1.23
CA LYS A 23 12.50 -4.37 -1.15
C LYS A 23 12.81 -4.77 0.32
N PRO A 24 13.08 -6.05 0.59
CA PRO A 24 13.33 -6.60 1.93
C PRO A 24 14.18 -5.70 2.82
N GLY A 25 13.78 -5.56 4.09
CA GLY A 25 14.47 -4.75 5.09
C GLY A 25 14.29 -3.25 4.86
N THR A 26 14.60 -2.78 3.65
CA THR A 26 14.51 -1.38 3.29
C THR A 26 13.04 -0.99 3.12
N GLN A 27 12.38 -0.75 4.27
CA GLN A 27 10.96 -0.41 4.32
C GLN A 27 10.66 0.84 3.48
N PRO A 28 9.41 1.03 3.03
CA PRO A 28 9.01 2.17 2.22
C PRO A 28 9.29 3.51 2.90
N GLN A 29 9.18 4.61 2.14
CA GLN A 29 9.34 5.94 2.70
C GLN A 29 7.98 6.44 3.15
N THR A 30 7.82 6.78 4.43
CA THR A 30 6.56 7.27 4.99
C THR A 30 6.04 8.44 4.17
N CYS A 31 4.80 8.37 3.66
CA CYS A 31 4.24 9.48 2.91
C CYS A 31 4.07 10.68 3.84
N PRO A 32 4.74 11.81 3.60
CA PRO A 32 4.64 12.95 4.48
C PRO A 32 3.26 13.60 4.43
N THR A 33 2.64 13.67 3.24
CA THR A 33 1.33 14.27 3.01
C THR A 33 0.28 13.84 4.04
N CYS A 34 0.19 12.54 4.32
CA CYS A 34 -0.73 11.96 5.31
C CYS A 34 0.00 11.65 6.62
N HIS A 35 1.28 12.01 6.75
CA HIS A 35 2.10 11.67 7.91
C HIS A 35 2.05 10.15 8.11
N GLY A 36 2.09 9.39 7.01
CA GLY A 36 1.99 7.93 7.02
C GLY A 36 0.57 7.41 7.27
N SER A 37 -0.39 8.27 7.64
CA SER A 37 -1.75 7.88 7.99
C SER A 37 -2.64 7.44 6.83
N GLY A 38 -2.11 7.32 5.61
CA GLY A 38 -2.84 6.82 4.44
C GLY A 38 -3.87 7.79 3.84
N GLN A 39 -4.46 8.66 4.64
CA GLN A 39 -5.45 9.63 4.22
C GLN A 39 -5.06 11.02 4.69
N VAL A 40 -5.55 12.02 3.95
CA VAL A 40 -5.37 13.43 4.21
C VAL A 40 -6.67 13.92 4.83
N GLN A 41 -6.59 14.90 5.74
CA GLN A 41 -7.75 15.47 6.39
C GLN A 41 -7.89 16.93 5.93
N MET A 42 -8.91 17.19 5.11
CA MET A 42 -9.21 18.50 4.54
C MET A 42 -10.37 19.13 5.32
N ARG A 43 -10.30 20.44 5.58
CA ARG A 43 -11.39 21.15 6.22
C ARG A 43 -12.29 21.67 5.09
N GLN A 44 -13.47 21.08 4.91
CA GLN A 44 -14.39 21.46 3.83
C GLN A 44 -15.11 22.78 4.12
N GLY A 45 -14.35 23.86 4.32
CA GLY A 45 -14.91 25.17 4.62
C GLY A 45 -15.34 25.27 6.09
N PHE A 46 -16.02 24.23 6.60
CA PHE A 46 -16.53 24.17 7.96
C PHE A 46 -15.82 23.08 8.77
N PHE A 47 -16.13 21.81 8.48
CA PHE A 47 -15.67 20.65 9.25
C PHE A 47 -14.52 19.91 8.57
N ALA A 48 -13.84 19.07 9.34
CA ALA A 48 -12.72 18.24 8.89
C ALA A 48 -13.26 16.94 8.31
N VAL A 49 -12.82 16.57 7.10
CA VAL A 49 -13.20 15.33 6.43
C VAL A 49 -11.94 14.71 5.84
N GLN A 50 -11.93 13.38 5.78
CA GLN A 50 -10.79 12.61 5.32
C GLN A 50 -10.96 12.14 3.88
N GLN A 51 -9.86 12.10 3.14
CA GLN A 51 -9.80 11.67 1.75
C GLN A 51 -8.57 10.78 1.61
N THR A 52 -8.64 9.72 0.80
CA THR A 52 -7.51 8.85 0.57
C THR A 52 -6.34 9.64 0.01
N CYS A 53 -5.12 9.43 0.50
CA CYS A 53 -3.96 10.15 -0.03
C CYS A 53 -3.57 9.53 -1.38
N PRO A 54 -3.62 10.27 -2.49
CA PRO A 54 -3.31 9.73 -3.80
C PRO A 54 -1.82 9.42 -3.96
N HIS A 55 -0.96 10.27 -3.41
CA HIS A 55 0.50 10.16 -3.51
C HIS A 55 1.01 8.74 -3.19
N CYS A 56 0.42 8.09 -2.19
CA CYS A 56 0.75 6.74 -1.75
C CYS A 56 -0.41 5.78 -1.99
N GLN A 57 -1.33 6.13 -2.89
CA GLN A 57 -2.47 5.32 -3.27
C GLN A 57 -3.17 4.73 -2.03
N GLY A 58 -3.37 5.55 -1.00
CA GLY A 58 -4.02 5.15 0.24
C GLY A 58 -3.20 4.25 1.17
N ARG A 59 -2.05 3.72 0.76
CA ARG A 59 -1.26 2.83 1.61
C ARG A 59 -0.70 3.59 2.82
N GLY A 60 -0.15 4.77 2.55
CA GLY A 60 0.55 5.61 3.53
C GLY A 60 2.06 5.55 3.30
N THR A 61 2.52 4.58 2.50
CA THR A 61 3.91 4.30 2.22
C THR A 61 4.24 4.56 0.75
N LEU A 62 5.33 5.30 0.52
CA LEU A 62 5.88 5.56 -0.81
C LEU A 62 6.89 4.46 -1.10
N ILE A 63 6.56 3.64 -2.10
CA ILE A 63 7.36 2.52 -2.56
C ILE A 63 8.51 3.08 -3.39
N LYS A 64 9.45 3.75 -2.74
CA LYS A 64 10.59 4.37 -3.40
C LYS A 64 11.42 3.31 -4.15
N ASP A 65 11.64 2.18 -3.49
CA ASP A 65 12.44 1.04 -3.92
C ASP A 65 11.56 -0.23 -3.96
N PRO A 66 10.80 -0.44 -5.05
CA PRO A 66 9.82 -1.52 -5.16
C PRO A 66 10.37 -2.95 -5.12
N CYS A 67 9.62 -3.80 -4.42
CA CYS A 67 9.86 -5.23 -4.36
C CYS A 67 9.42 -5.82 -5.70
N ASN A 68 10.34 -5.89 -6.65
CA ASN A 68 10.14 -6.39 -8.00
C ASN A 68 9.27 -7.65 -8.03
N LYS A 69 9.53 -8.60 -7.12
CA LYS A 69 8.79 -9.85 -7.03
C LYS A 69 7.28 -9.65 -7.09
N CYS A 70 6.75 -8.64 -6.38
CA CYS A 70 5.32 -8.32 -6.38
C CYS A 70 5.09 -6.96 -7.05
N HIS A 71 6.01 -6.55 -7.94
CA HIS A 71 5.97 -5.30 -8.67
C HIS A 71 5.65 -4.14 -7.73
N GLY A 72 6.27 -4.12 -6.54
CA GLY A 72 6.06 -3.05 -5.56
C GLY A 72 4.65 -2.96 -4.99
N HIS A 73 3.75 -3.91 -5.28
CA HIS A 73 2.39 -3.86 -4.77
C HIS A 73 2.42 -4.09 -3.26
N GLY A 74 2.95 -5.25 -2.86
CA GLY A 74 3.13 -5.65 -1.47
C GLY A 74 2.35 -6.91 -1.09
N ARG A 75 1.38 -7.30 -1.90
CA ARG A 75 0.58 -8.49 -1.71
C ARG A 75 0.27 -9.05 -3.10
N VAL A 76 0.04 -10.36 -3.19
CA VAL A 76 -0.17 -11.07 -4.44
C VAL A 76 -1.33 -12.05 -4.27
N GLU A 77 -1.91 -12.49 -5.39
CA GLU A 77 -2.99 -13.46 -5.38
C GLU A 77 -2.41 -14.86 -5.17
N ARG A 78 -3.19 -15.74 -4.54
CA ARG A 78 -2.86 -17.16 -4.34
C ARG A 78 -3.09 -17.89 -5.67
N SER A 79 -2.48 -17.41 -6.76
CA SER A 79 -2.66 -17.97 -8.09
C SER A 79 -2.21 -19.43 -8.13
ZN ZN B . 6.99 -7.87 -2.26
ZN ZN C . 0.07 9.66 1.57
N GLY A 1 -7.74 -26.90 -7.08
CA GLY A 1 -7.24 -25.61 -6.67
C GLY A 1 -7.78 -25.25 -5.30
N VAL A 2 -7.56 -26.14 -4.32
CA VAL A 2 -8.04 -26.00 -2.95
C VAL A 2 -7.86 -24.58 -2.41
N THR A 3 -6.68 -23.99 -2.66
CA THR A 3 -6.31 -22.64 -2.28
C THR A 3 -7.32 -21.59 -2.74
N LYS A 4 -7.92 -21.79 -3.92
CA LYS A 4 -8.93 -20.90 -4.49
C LYS A 4 -10.33 -21.37 -4.06
N GLU A 5 -10.53 -22.68 -3.92
CA GLU A 5 -11.82 -23.23 -3.53
C GLU A 5 -12.27 -22.73 -2.17
N ILE A 6 -11.33 -22.67 -1.24
CA ILE A 6 -11.58 -22.12 0.08
C ILE A 6 -11.98 -20.66 -0.12
N ARG A 7 -13.14 -20.26 0.41
CA ARG A 7 -13.70 -18.93 0.20
C ARG A 7 -12.98 -17.87 1.04
N ILE A 8 -11.66 -17.76 0.85
CA ILE A 8 -10.77 -16.80 1.47
C ILE A 8 -10.06 -16.11 0.29
N PRO A 9 -10.02 -14.77 0.22
CA PRO A 9 -9.36 -14.04 -0.86
C PRO A 9 -8.01 -14.68 -1.21
N THR A 10 -7.89 -15.20 -2.43
CA THR A 10 -6.76 -15.99 -2.90
C THR A 10 -5.46 -15.19 -3.06
N LEU A 11 -4.97 -14.61 -1.97
CA LEU A 11 -3.75 -13.82 -1.92
C LEU A 11 -2.97 -14.16 -0.64
N GLU A 12 -1.68 -13.82 -0.63
CA GLU A 12 -0.75 -13.97 0.48
C GLU A 12 0.14 -12.72 0.49
N GLU A 13 0.62 -12.31 1.66
CA GLU A 13 1.52 -11.17 1.76
C GLU A 13 2.88 -11.55 1.17
N CYS A 14 3.53 -10.62 0.49
CA CYS A 14 4.85 -10.89 -0.08
C CYS A 14 5.88 -10.79 1.05
N ASP A 15 6.16 -11.93 1.69
CA ASP A 15 7.12 -12.06 2.78
C ASP A 15 8.46 -11.41 2.44
N VAL A 16 8.86 -11.51 1.16
CA VAL A 16 10.07 -10.90 0.63
C VAL A 16 10.15 -9.42 1.01
N CYS A 17 9.05 -8.67 0.81
CA CYS A 17 8.98 -7.26 1.21
C CYS A 17 8.17 -7.11 2.50
N HIS A 18 8.07 -8.19 3.28
CA HIS A 18 7.42 -8.23 4.57
C HIS A 18 5.99 -7.69 4.47
N GLY A 19 5.33 -7.97 3.35
CA GLY A 19 3.97 -7.53 3.08
C GLY A 19 3.82 -6.03 2.77
N SER A 20 4.90 -5.24 2.77
CA SER A 20 4.77 -3.81 2.50
C SER A 20 4.61 -3.57 1.01
N GLY A 21 5.70 -3.77 0.28
CA GLY A 21 5.84 -3.52 -1.14
C GLY A 21 7.25 -3.02 -1.47
N ALA A 22 8.02 -2.56 -0.48
CA ALA A 22 9.38 -2.07 -0.68
C ALA A 22 10.38 -3.23 -0.55
N LYS A 23 11.36 -3.34 -1.46
CA LYS A 23 12.29 -4.47 -1.45
C LYS A 23 12.93 -4.74 -0.06
N PRO A 24 13.23 -6.02 0.27
CA PRO A 24 13.74 -6.52 1.53
C PRO A 24 14.48 -5.54 2.44
N GLY A 25 14.05 -5.44 3.70
CA GLY A 25 14.67 -4.61 4.73
C GLY A 25 14.43 -3.11 4.53
N THR A 26 14.54 -2.64 3.29
CA THR A 26 14.34 -1.25 2.92
C THR A 26 12.85 -0.93 3.01
N GLN A 27 12.39 -0.61 4.22
CA GLN A 27 10.97 -0.35 4.46
C GLN A 27 10.46 0.80 3.59
N PRO A 28 9.13 0.83 3.31
CA PRO A 28 8.55 1.94 2.59
C PRO A 28 8.79 3.21 3.41
N GLN A 29 8.85 4.36 2.74
CA GLN A 29 9.05 5.61 3.46
C GLN A 29 7.66 6.15 3.80
N THR A 30 7.35 6.30 5.10
CA THR A 30 6.07 6.79 5.57
C THR A 30 5.73 8.08 4.83
N CYS A 31 4.58 8.15 4.16
CA CYS A 31 4.20 9.35 3.42
C CYS A 31 4.07 10.52 4.41
N PRO A 32 4.92 11.56 4.32
CA PRO A 32 4.87 12.66 5.26
C PRO A 32 3.62 13.50 5.03
N THR A 33 3.20 13.66 3.77
CA THR A 33 2.03 14.42 3.36
C THR A 33 0.78 14.11 4.20
N CYS A 34 0.59 12.84 4.56
CA CYS A 34 -0.53 12.41 5.38
C CYS A 34 -0.07 11.84 6.73
N HIS A 35 1.18 12.14 7.12
CA HIS A 35 1.79 11.66 8.35
C HIS A 35 1.54 10.15 8.52
N GLY A 36 1.79 9.36 7.49
CA GLY A 36 1.57 7.93 7.51
C GLY A 36 0.09 7.54 7.41
N SER A 37 -0.79 8.17 8.18
CA SER A 37 -2.23 7.95 8.28
C SER A 37 -2.92 7.47 6.99
N GLY A 38 -2.60 8.09 5.85
CA GLY A 38 -3.14 7.74 4.54
C GLY A 38 -4.21 8.71 4.02
N GLN A 39 -4.48 9.83 4.71
CA GLN A 39 -5.48 10.81 4.28
C GLN A 39 -4.94 12.24 4.30
N VAL A 40 -5.48 13.10 3.44
CA VAL A 40 -5.16 14.51 3.34
C VAL A 40 -6.44 15.31 3.62
N GLN A 41 -6.29 16.58 4.00
CA GLN A 41 -7.40 17.47 4.28
C GLN A 41 -7.43 18.60 3.25
N MET A 42 -8.37 18.54 2.30
CA MET A 42 -8.60 19.61 1.35
C MET A 42 -9.26 20.74 2.15
N ARG A 43 -8.42 21.65 2.63
CA ARG A 43 -8.72 22.82 3.45
C ARG A 43 -8.93 24.03 2.54
N GLN A 44 -10.10 24.67 2.61
CA GLN A 44 -10.42 25.89 1.86
C GLN A 44 -10.63 27.01 2.87
N GLY A 45 -9.61 27.21 3.71
CA GLY A 45 -9.56 28.23 4.73
C GLY A 45 -10.57 27.98 5.85
N PHE A 46 -11.85 28.27 5.59
CA PHE A 46 -12.91 28.12 6.57
C PHE A 46 -13.38 26.67 6.61
N PHE A 47 -13.97 26.18 5.51
CA PHE A 47 -14.41 24.80 5.42
C PHE A 47 -13.23 23.92 5.00
N ALA A 48 -13.38 22.61 5.22
CA ALA A 48 -12.39 21.63 4.86
C ALA A 48 -13.03 20.26 4.81
N VAL A 49 -12.46 19.36 4.02
CA VAL A 49 -12.88 17.97 3.92
C VAL A 49 -11.65 17.10 3.88
N GLN A 50 -11.82 15.79 4.07
CA GLN A 50 -10.72 14.83 4.13
C GLN A 50 -10.91 13.74 3.11
N GLN A 51 -9.82 13.37 2.44
CA GLN A 51 -9.85 12.38 1.36
C GLN A 51 -8.58 11.55 1.39
N THR A 52 -8.60 10.39 0.74
CA THR A 52 -7.47 9.48 0.62
C THR A 52 -6.25 10.20 0.04
N CYS A 53 -5.05 9.98 0.59
CA CYS A 53 -3.84 10.60 0.07
C CYS A 53 -3.48 9.96 -1.28
N PRO A 54 -3.49 10.72 -2.39
CA PRO A 54 -3.18 10.17 -3.70
C PRO A 54 -1.69 9.79 -3.80
N HIS A 55 -0.81 10.63 -3.22
CA HIS A 55 0.64 10.45 -3.26
C HIS A 55 1.08 9.02 -2.93
N CYS A 56 0.37 8.34 -2.02
CA CYS A 56 0.65 6.97 -1.62
C CYS A 56 -0.59 6.08 -1.78
N GLN A 57 -1.50 6.46 -2.69
CA GLN A 57 -2.74 5.74 -2.99
C GLN A 57 -3.43 5.22 -1.73
N GLY A 58 -3.54 6.06 -0.69
CA GLY A 58 -4.18 5.69 0.56
C GLY A 58 -3.44 4.66 1.42
N ARG A 59 -2.35 4.05 0.92
CA ARG A 59 -1.62 3.04 1.66
C ARG A 59 -0.88 3.66 2.85
N GLY A 60 -0.51 4.95 2.72
CA GLY A 60 0.24 5.68 3.72
C GLY A 60 1.76 5.55 3.53
N THR A 61 2.18 4.66 2.62
CA THR A 61 3.57 4.29 2.39
C THR A 61 4.06 4.66 1.00
N LEU A 62 5.24 5.29 0.92
CA LEU A 62 5.92 5.60 -0.32
C LEU A 62 6.93 4.49 -0.59
N ILE A 63 6.53 3.58 -1.48
CA ILE A 63 7.34 2.45 -1.92
C ILE A 63 8.26 2.97 -3.03
N LYS A 64 9.25 3.77 -2.62
CA LYS A 64 10.21 4.36 -3.53
C LYS A 64 11.03 3.29 -4.27
N ASP A 65 11.16 2.11 -3.67
CA ASP A 65 11.94 0.96 -4.15
C ASP A 65 11.05 -0.30 -4.27
N PRO A 66 10.20 -0.39 -5.31
CA PRO A 66 9.26 -1.49 -5.51
C PRO A 66 9.86 -2.90 -5.51
N CYS A 67 9.22 -3.81 -4.77
CA CYS A 67 9.54 -5.22 -4.74
C CYS A 67 9.05 -5.83 -6.05
N ASN A 68 9.91 -5.80 -7.08
CA ASN A 68 9.68 -6.32 -8.42
C ASN A 68 8.85 -7.61 -8.43
N LYS A 69 9.22 -8.59 -7.58
CA LYS A 69 8.55 -9.87 -7.44
C LYS A 69 7.02 -9.75 -7.43
N CYS A 70 6.49 -8.76 -6.69
CA CYS A 70 5.06 -8.51 -6.57
C CYS A 70 4.71 -7.14 -7.14
N HIS A 71 5.55 -6.61 -8.03
CA HIS A 71 5.41 -5.28 -8.63
C HIS A 71 5.08 -4.24 -7.55
N GLY A 72 5.75 -4.35 -6.40
CA GLY A 72 5.56 -3.46 -5.27
C GLY A 72 4.15 -3.42 -4.68
N HIS A 73 3.24 -4.32 -5.07
CA HIS A 73 1.89 -4.35 -4.50
C HIS A 73 1.96 -4.78 -3.03
N GLY A 74 2.88 -5.70 -2.75
CA GLY A 74 3.20 -6.25 -1.45
C GLY A 74 2.44 -7.54 -1.12
N ARG A 75 1.77 -8.12 -2.11
CA ARG A 75 1.04 -9.37 -1.96
C ARG A 75 1.08 -10.11 -3.29
N VAL A 76 0.94 -11.44 -3.25
CA VAL A 76 0.97 -12.34 -4.39
C VAL A 76 -0.21 -13.30 -4.30
N GLU A 77 -0.70 -13.79 -5.44
CA GLU A 77 -1.84 -14.70 -5.48
C GLU A 77 -1.49 -16.00 -4.77
N ARG A 78 -2.44 -16.54 -3.99
CA ARG A 78 -2.29 -17.82 -3.31
C ARG A 78 -2.55 -18.92 -4.33
N SER A 79 -1.73 -19.00 -5.39
CA SER A 79 -1.89 -19.99 -6.44
C SER A 79 -1.74 -21.41 -5.88
ZN ZN B . 7.06 -8.04 -2.51
ZN ZN C . 0.22 9.90 1.80
N GLY A 1 2.94 -23.54 -14.76
CA GLY A 1 2.52 -23.32 -16.14
C GLY A 1 1.02 -23.03 -16.15
N VAL A 2 0.23 -24.05 -15.82
CA VAL A 2 -1.23 -23.95 -15.69
C VAL A 2 -1.58 -22.83 -14.71
N THR A 3 -0.70 -22.61 -13.72
CA THR A 3 -0.77 -21.54 -12.74
C THR A 3 -1.07 -20.19 -13.40
N LYS A 4 -0.51 -19.94 -14.59
CA LYS A 4 -0.74 -18.69 -15.30
C LYS A 4 -2.19 -18.57 -15.79
N GLU A 5 -2.84 -19.71 -16.09
CA GLU A 5 -4.20 -19.76 -16.61
C GLU A 5 -5.23 -19.73 -15.50
N ILE A 6 -4.96 -20.46 -14.43
CA ILE A 6 -5.85 -20.49 -13.27
C ILE A 6 -5.68 -19.20 -12.47
N ARG A 7 -6.14 -18.08 -13.04
CA ARG A 7 -6.06 -16.75 -12.43
C ARG A 7 -7.12 -16.58 -11.33
N ILE A 8 -7.07 -17.45 -10.33
CA ILE A 8 -7.92 -17.39 -9.15
C ILE A 8 -7.31 -16.28 -8.26
N PRO A 9 -8.11 -15.35 -7.69
CA PRO A 9 -7.60 -14.26 -6.88
C PRO A 9 -7.11 -14.73 -5.50
N THR A 10 -6.23 -15.74 -5.44
CA THR A 10 -5.69 -16.27 -4.21
C THR A 10 -4.58 -15.31 -3.76
N LEU A 11 -4.96 -14.14 -3.26
CA LEU A 11 -4.00 -13.13 -2.85
C LEU A 11 -3.23 -13.59 -1.61
N GLU A 12 -1.90 -13.64 -1.71
CA GLU A 12 -0.99 -14.05 -0.65
C GLU A 12 -0.03 -12.89 -0.39
N GLU A 13 0.36 -12.72 0.88
CA GLU A 13 1.24 -11.64 1.31
C GLU A 13 2.67 -11.91 0.83
N CYS A 14 3.33 -10.93 0.21
CA CYS A 14 4.69 -11.08 -0.26
C CYS A 14 5.65 -10.97 0.93
N ASP A 15 5.87 -12.10 1.62
CA ASP A 15 6.76 -12.24 2.76
C ASP A 15 8.13 -11.61 2.48
N VAL A 16 8.59 -11.71 1.23
CA VAL A 16 9.84 -11.13 0.76
C VAL A 16 9.94 -9.64 1.14
N CYS A 17 8.87 -8.87 0.94
CA CYS A 17 8.82 -7.46 1.34
C CYS A 17 8.02 -7.28 2.63
N HIS A 18 7.81 -8.38 3.35
CA HIS A 18 7.13 -8.39 4.62
C HIS A 18 5.73 -7.76 4.44
N GLY A 19 5.13 -7.98 3.27
CA GLY A 19 3.84 -7.45 2.91
C GLY A 19 3.78 -5.96 2.64
N SER A 20 4.87 -5.19 2.80
CA SER A 20 4.80 -3.76 2.57
C SER A 20 4.70 -3.45 1.08
N GLY A 21 5.73 -3.90 0.36
CA GLY A 21 5.98 -3.65 -1.04
C GLY A 21 7.40 -3.11 -1.22
N ALA A 22 8.07 -2.71 -0.13
CA ALA A 22 9.44 -2.21 -0.18
C ALA A 22 10.41 -3.40 -0.23
N LYS A 23 11.50 -3.31 -1.01
CA LYS A 23 12.44 -4.43 -1.11
C LYS A 23 12.89 -4.97 0.26
N PRO A 24 13.27 -6.26 0.36
CA PRO A 24 13.68 -6.92 1.59
C PRO A 24 14.41 -6.06 2.61
N GLY A 25 13.96 -6.09 3.86
CA GLY A 25 14.54 -5.39 5.00
C GLY A 25 14.71 -3.89 4.82
N THR A 26 14.11 -3.29 3.78
CA THR A 26 14.22 -1.87 3.50
C THR A 26 12.86 -1.23 3.79
N GLN A 27 12.85 -0.21 4.64
CA GLN A 27 11.64 0.47 5.03
C GLN A 27 11.02 1.23 3.84
N PRO A 28 9.68 1.28 3.76
CA PRO A 28 9.03 2.11 2.77
C PRO A 28 9.18 3.56 3.23
N GLN A 29 8.93 4.54 2.35
CA GLN A 29 9.15 5.94 2.69
C GLN A 29 7.84 6.57 3.13
N THR A 30 7.76 7.01 4.39
CA THR A 30 6.57 7.63 4.97
C THR A 30 6.06 8.74 4.04
N CYS A 31 4.78 8.68 3.63
CA CYS A 31 4.24 9.70 2.76
C CYS A 31 4.19 11.04 3.49
N PRO A 32 4.93 12.06 3.06
CA PRO A 32 4.95 13.33 3.74
C PRO A 32 3.61 14.05 3.52
N THR A 33 3.02 13.91 2.33
CA THR A 33 1.75 14.52 1.93
C THR A 33 0.66 14.39 3.01
N CYS A 34 0.59 13.24 3.68
CA CYS A 34 -0.38 12.98 4.74
C CYS A 34 0.33 12.70 6.08
N HIS A 35 1.62 13.04 6.19
CA HIS A 35 2.42 12.80 7.39
C HIS A 35 2.24 11.36 7.87
N GLY A 36 2.36 10.37 6.96
CA GLY A 36 2.18 8.97 7.29
C GLY A 36 0.71 8.56 7.44
N SER A 37 -0.08 9.34 8.17
CA SER A 37 -1.49 9.16 8.52
C SER A 37 -2.36 8.41 7.49
N GLY A 38 -2.16 8.68 6.19
CA GLY A 38 -2.81 7.98 5.09
C GLY A 38 -3.99 8.71 4.43
N GLN A 39 -4.34 9.91 4.90
CA GLN A 39 -5.46 10.68 4.36
C GLN A 39 -5.10 12.16 4.36
N VAL A 40 -5.71 12.89 3.44
CA VAL A 40 -5.49 14.31 3.19
C VAL A 40 -6.77 15.05 3.54
N GLN A 41 -6.67 16.16 4.28
CA GLN A 41 -7.81 16.97 4.72
C GLN A 41 -7.80 18.28 3.94
N MET A 42 -8.50 18.30 2.80
CA MET A 42 -8.51 19.45 1.90
C MET A 42 -9.48 20.55 2.33
N ARG A 43 -9.30 21.05 3.56
CA ARG A 43 -9.98 22.21 4.13
C ARG A 43 -9.52 22.38 5.58
N GLN A 44 -9.80 23.53 6.18
CA GLN A 44 -9.36 23.89 7.53
C GLN A 44 -10.18 25.09 8.01
N GLY A 45 -10.46 25.16 9.32
CA GLY A 45 -11.24 26.23 9.93
C GLY A 45 -12.50 26.56 9.11
N PHE A 46 -13.13 25.50 8.60
CA PHE A 46 -14.29 25.53 7.73
C PHE A 46 -14.70 24.05 7.58
N PHE A 47 -15.27 23.64 6.45
CA PHE A 47 -15.67 22.27 6.21
C PHE A 47 -14.43 21.43 5.92
N ALA A 48 -13.64 21.15 6.96
CA ALA A 48 -12.39 20.41 6.90
C ALA A 48 -12.60 18.94 6.50
N VAL A 49 -12.99 18.72 5.25
CA VAL A 49 -13.24 17.40 4.70
C VAL A 49 -11.93 16.75 4.32
N GLN A 50 -11.94 15.42 4.18
CA GLN A 50 -10.73 14.68 3.89
C GLN A 50 -11.03 13.47 3.02
N GLN A 51 -9.99 12.94 2.36
CA GLN A 51 -10.07 11.76 1.52
C GLN A 51 -8.79 10.95 1.68
N THR A 52 -8.83 9.69 1.27
CA THR A 52 -7.67 8.80 1.28
C THR A 52 -6.53 9.44 0.48
N CYS A 53 -5.29 9.36 0.96
CA CYS A 53 -4.17 9.94 0.24
C CYS A 53 -3.87 9.10 -1.01
N PRO A 54 -3.99 9.66 -2.23
CA PRO A 54 -3.75 8.91 -3.45
C PRO A 54 -2.26 8.57 -3.61
N HIS A 55 -1.37 9.50 -3.24
CA HIS A 55 0.08 9.38 -3.36
C HIS A 55 0.61 8.04 -2.84
N CYS A 56 0.09 7.58 -1.69
CA CYS A 56 0.44 6.30 -1.06
C CYS A 56 -0.73 5.33 -1.09
N GLN A 57 -1.70 5.53 -1.98
CA GLN A 57 -2.86 4.68 -2.15
C GLN A 57 -3.48 4.29 -0.79
N GLY A 58 -3.59 5.27 0.11
CA GLY A 58 -4.16 5.06 1.45
C GLY A 58 -3.30 4.25 2.41
N ARG A 59 -2.18 3.66 1.99
CA ARG A 59 -1.34 2.86 2.89
C ARG A 59 -0.67 3.76 3.93
N GLY A 60 -0.22 4.93 3.49
CA GLY A 60 0.54 5.88 4.29
C GLY A 60 2.03 5.84 3.92
N THR A 61 2.45 4.74 3.27
CA THR A 61 3.81 4.44 2.90
C THR A 61 4.00 4.50 1.38
N LEU A 62 5.05 5.17 0.93
CA LEU A 62 5.46 5.26 -0.46
C LEU A 62 6.46 4.15 -0.73
N ILE A 63 6.11 3.28 -1.67
CA ILE A 63 6.92 2.17 -2.11
C ILE A 63 7.98 2.72 -3.09
N LYS A 64 8.86 3.59 -2.59
CA LYS A 64 9.91 4.22 -3.38
C LYS A 64 10.88 3.18 -3.96
N ASP A 65 11.15 2.13 -3.19
CA ASP A 65 12.06 1.03 -3.47
C ASP A 65 11.23 -0.25 -3.68
N PRO A 66 10.55 -0.41 -4.83
CA PRO A 66 9.62 -1.50 -5.08
C PRO A 66 10.22 -2.91 -5.11
N CYS A 67 9.54 -3.82 -4.42
CA CYS A 67 9.81 -5.24 -4.40
C CYS A 67 9.31 -5.81 -5.74
N ASN A 68 10.21 -5.83 -6.72
CA ASN A 68 9.98 -6.32 -8.08
C ASN A 68 9.09 -7.57 -8.11
N LYS A 69 9.40 -8.55 -7.26
CA LYS A 69 8.65 -9.81 -7.14
C LYS A 69 7.13 -9.59 -7.16
N CYS A 70 6.63 -8.60 -6.42
CA CYS A 70 5.21 -8.27 -6.37
C CYS A 70 4.94 -6.89 -6.98
N HIS A 71 5.91 -6.33 -7.71
CA HIS A 71 5.81 -4.99 -8.29
C HIS A 71 5.43 -3.98 -7.19
N GLY A 72 5.94 -4.17 -5.98
CA GLY A 72 5.61 -3.29 -4.86
C GLY A 72 4.12 -3.29 -4.48
N HIS A 73 3.33 -4.27 -4.94
CA HIS A 73 1.90 -4.37 -4.61
C HIS A 73 1.68 -4.98 -3.21
N GLY A 74 2.74 -5.37 -2.51
CA GLY A 74 2.64 -5.96 -1.18
C GLY A 74 2.21 -7.43 -1.18
N ARG A 75 1.21 -7.76 -2.00
CA ARG A 75 0.69 -9.12 -2.17
C ARG A 75 0.97 -9.64 -3.58
N VAL A 76 0.75 -10.93 -3.79
CA VAL A 76 0.88 -11.63 -5.07
C VAL A 76 -0.35 -12.52 -5.25
N GLU A 77 -0.83 -12.65 -6.49
CA GLU A 77 -1.97 -13.50 -6.79
C GLU A 77 -1.45 -14.91 -7.07
N ARG A 78 -1.63 -15.83 -6.12
CA ARG A 78 -1.27 -17.23 -6.32
C ARG A 78 -2.28 -17.83 -7.31
N SER A 79 -2.00 -17.57 -8.58
CA SER A 79 -2.78 -17.96 -9.72
C SER A 79 -2.65 -19.46 -9.96
ZN ZN B . 6.99 -8.03 -2.38
ZN ZN C . 0.00 9.78 1.64
N GLY A 1 -21.16 -24.84 -0.52
CA GLY A 1 -21.30 -23.40 -0.41
C GLY A 1 -21.10 -22.91 1.02
N VAL A 2 -20.23 -23.58 1.77
CA VAL A 2 -19.90 -23.20 3.14
C VAL A 2 -19.01 -21.95 3.07
N THR A 3 -19.14 -21.03 4.02
CA THR A 3 -18.36 -19.79 4.04
C THR A 3 -16.84 -20.01 3.96
N LYS A 4 -16.37 -21.20 4.31
CA LYS A 4 -14.95 -21.55 4.22
C LYS A 4 -14.47 -21.52 2.76
N GLU A 5 -15.38 -21.75 1.81
CA GLU A 5 -15.10 -21.74 0.38
C GLU A 5 -14.95 -20.29 -0.09
N ILE A 6 -13.91 -19.60 0.39
CA ILE A 6 -13.64 -18.20 0.11
C ILE A 6 -13.21 -17.95 -1.34
N ARG A 7 -14.12 -18.17 -2.30
CA ARG A 7 -13.88 -17.91 -3.72
C ARG A 7 -13.93 -16.39 -3.97
N ILE A 8 -13.03 -15.65 -3.35
CA ILE A 8 -12.92 -14.20 -3.43
C ILE A 8 -11.46 -13.87 -3.75
N PRO A 9 -11.13 -13.17 -4.85
CA PRO A 9 -9.77 -12.77 -5.22
C PRO A 9 -9.11 -11.88 -4.14
N THR A 10 -8.73 -12.49 -3.02
CA THR A 10 -8.18 -11.82 -1.86
C THR A 10 -6.74 -11.38 -2.13
N LEU A 11 -6.35 -10.24 -1.54
CA LEU A 11 -5.00 -9.71 -1.66
C LEU A 11 -4.20 -10.18 -0.43
N GLU A 12 -3.04 -10.78 -0.64
CA GLU A 12 -2.17 -11.33 0.39
C GLU A 12 -0.81 -10.64 0.35
N GLU A 13 -0.19 -10.45 1.52
CA GLU A 13 1.11 -9.82 1.67
C GLU A 13 2.16 -10.50 0.81
N CYS A 14 2.97 -9.71 0.12
CA CYS A 14 4.13 -10.23 -0.59
C CYS A 14 5.19 -10.47 0.48
N ASP A 15 5.38 -11.74 0.84
CA ASP A 15 6.31 -12.19 1.86
C ASP A 15 7.67 -11.53 1.69
N VAL A 16 8.14 -11.45 0.44
CA VAL A 16 9.41 -10.84 0.08
C VAL A 16 9.57 -9.43 0.65
N CYS A 17 8.50 -8.61 0.68
CA CYS A 17 8.55 -7.28 1.28
C CYS A 17 7.81 -7.23 2.61
N HIS A 18 7.31 -8.38 3.08
CA HIS A 18 6.68 -8.51 4.37
C HIS A 18 5.41 -7.67 4.39
N GLY A 19 4.75 -7.57 3.25
CA GLY A 19 3.53 -6.80 3.11
C GLY A 19 3.74 -5.30 2.91
N SER A 20 4.96 -4.75 3.11
CA SER A 20 5.13 -3.31 2.98
C SER A 20 5.05 -2.86 1.53
N GLY A 21 6.08 -3.21 0.77
CA GLY A 21 6.32 -2.85 -0.61
C GLY A 21 7.81 -2.61 -0.83
N ALA A 22 8.55 -2.29 0.22
CA ALA A 22 9.99 -2.06 0.17
C ALA A 22 10.71 -3.40 0.00
N LYS A 23 11.87 -3.39 -0.65
CA LYS A 23 12.61 -4.63 -0.90
C LYS A 23 12.97 -5.35 0.44
N PRO A 24 13.38 -6.62 0.42
CA PRO A 24 13.66 -7.40 1.61
C PRO A 24 14.39 -6.65 2.72
N GLY A 25 13.84 -6.70 3.95
CA GLY A 25 14.38 -6.07 5.14
C GLY A 25 14.73 -4.58 4.98
N THR A 26 14.16 -3.90 3.98
CA THR A 26 14.40 -2.49 3.71
C THR A 26 13.13 -1.75 4.11
N GLN A 27 13.25 -0.62 4.82
CA GLN A 27 12.07 0.11 5.26
C GLN A 27 11.51 0.98 4.12
N PRO A 28 10.18 1.18 4.07
CA PRO A 28 9.59 2.10 3.12
C PRO A 28 9.88 3.52 3.64
N GLN A 29 9.31 4.54 2.99
CA GLN A 29 9.51 5.92 3.37
C GLN A 29 8.12 6.55 3.56
N THR A 30 7.85 7.11 4.75
CA THR A 30 6.57 7.71 5.10
C THR A 30 6.03 8.62 3.98
N CYS A 31 4.81 8.39 3.50
CA CYS A 31 4.23 9.23 2.47
C CYS A 31 3.94 10.60 3.10
N PRO A 32 4.56 11.70 2.62
CA PRO A 32 4.35 13.01 3.19
C PRO A 32 2.96 13.53 2.87
N THR A 33 2.44 13.23 1.68
CA THR A 33 1.13 13.64 1.19
C THR A 33 0.02 13.41 2.23
N CYS A 34 0.02 12.22 2.84
CA CYS A 34 -0.94 11.84 3.87
C CYS A 34 -0.29 11.84 5.27
N HIS A 35 0.89 12.44 5.41
CA HIS A 35 1.63 12.51 6.67
C HIS A 35 1.71 11.13 7.32
N GLY A 36 1.94 10.09 6.52
CA GLY A 36 2.03 8.71 6.99
C GLY A 36 0.71 8.09 7.45
N SER A 37 -0.40 8.84 7.51
CA SER A 37 -1.67 8.30 8.00
C SER A 37 -2.28 7.28 7.04
N GLY A 38 -1.95 7.40 5.75
CA GLY A 38 -2.55 6.59 4.69
C GLY A 38 -3.75 7.31 4.08
N GLN A 39 -4.11 8.50 4.59
CA GLN A 39 -5.24 9.27 4.08
C GLN A 39 -4.86 10.75 3.97
N VAL A 40 -5.20 11.35 2.83
CA VAL A 40 -4.96 12.75 2.53
C VAL A 40 -6.15 13.55 3.04
N GLN A 41 -5.97 14.85 3.29
CA GLN A 41 -7.07 15.74 3.62
C GLN A 41 -7.29 16.65 2.41
N MET A 42 -8.47 16.56 1.81
CA MET A 42 -8.88 17.44 0.73
C MET A 42 -9.21 18.75 1.44
N ARG A 43 -8.22 19.66 1.55
CA ARG A 43 -8.29 20.90 2.32
C ARG A 43 -9.30 21.95 1.81
N GLN A 44 -10.50 21.55 1.36
CA GLN A 44 -11.54 22.44 0.88
C GLN A 44 -12.29 23.12 2.04
N GLY A 45 -11.53 23.80 2.91
CA GLY A 45 -11.96 24.54 4.09
C GLY A 45 -13.27 24.04 4.70
N PHE A 46 -14.37 24.65 4.26
CA PHE A 46 -15.74 24.36 4.67
C PHE A 46 -15.98 22.86 4.89
N PHE A 47 -15.49 22.03 3.97
CA PHE A 47 -15.64 20.59 4.05
C PHE A 47 -14.28 19.93 3.86
N ALA A 48 -13.31 20.30 4.71
CA ALA A 48 -11.95 19.78 4.67
C ALA A 48 -11.90 18.32 5.14
N VAL A 49 -12.45 17.41 4.33
CA VAL A 49 -12.57 15.99 4.63
C VAL A 49 -11.32 15.21 4.23
N GLN A 50 -11.26 13.95 4.66
CA GLN A 50 -10.15 13.05 4.42
C GLN A 50 -10.54 11.95 3.42
N GLN A 51 -9.56 11.47 2.65
CA GLN A 51 -9.71 10.45 1.62
C GLN A 51 -8.49 9.54 1.66
N THR A 52 -8.60 8.27 1.27
CA THR A 52 -7.47 7.36 1.19
C THR A 52 -6.41 7.92 0.24
N CYS A 53 -5.13 7.85 0.59
CA CYS A 53 -4.08 8.33 -0.29
C CYS A 53 -3.91 7.36 -1.46
N PRO A 54 -4.16 7.78 -2.72
CA PRO A 54 -4.05 6.89 -3.86
C PRO A 54 -2.59 6.52 -4.14
N HIS A 55 -1.68 7.49 -4.04
CA HIS A 55 -0.26 7.33 -4.33
C HIS A 55 0.37 6.09 -3.67
N CYS A 56 0.02 5.81 -2.41
CA CYS A 56 0.51 4.65 -1.67
C CYS A 56 -0.62 3.65 -1.38
N GLN A 57 -1.71 3.70 -2.15
CA GLN A 57 -2.85 2.80 -2.04
C GLN A 57 -3.28 2.62 -0.57
N GLY A 58 -3.39 3.73 0.16
CA GLY A 58 -3.81 3.73 1.55
C GLY A 58 -2.78 3.20 2.56
N ARG A 59 -1.64 2.65 2.11
CA ARG A 59 -0.63 2.10 3.01
C ARG A 59 0.06 3.17 3.85
N GLY A 60 0.11 4.41 3.36
CA GLY A 60 0.78 5.53 4.02
C GLY A 60 2.29 5.51 3.80
N THR A 61 2.79 4.55 3.03
CA THR A 61 4.20 4.33 2.77
C THR A 61 4.51 4.48 1.28
N LEU A 62 5.47 5.34 0.97
CA LEU A 62 6.03 5.45 -0.37
C LEU A 62 7.19 4.47 -0.40
N ILE A 63 7.48 3.95 -1.58
CA ILE A 63 8.52 2.97 -1.77
C ILE A 63 9.39 3.37 -2.96
N LYS A 64 10.45 4.14 -2.68
CA LYS A 64 11.41 4.54 -3.68
C LYS A 64 12.15 3.29 -4.22
N ASP A 65 12.24 2.25 -3.38
CA ASP A 65 12.87 0.95 -3.63
C ASP A 65 11.78 -0.13 -3.81
N PRO A 66 11.00 -0.12 -4.91
CA PRO A 66 9.87 -1.02 -5.07
C PRO A 66 10.28 -2.49 -5.14
N CYS A 67 9.64 -3.33 -4.31
CA CYS A 67 9.82 -4.77 -4.32
C CYS A 67 9.28 -5.30 -5.65
N ASN A 68 10.16 -5.41 -6.65
CA ASN A 68 9.89 -5.85 -8.02
C ASN A 68 8.80 -6.91 -8.12
N LYS A 69 8.91 -8.00 -7.35
CA LYS A 69 7.97 -9.11 -7.33
C LYS A 69 6.50 -8.65 -7.31
N CYS A 70 6.18 -7.67 -6.47
CA CYS A 70 4.83 -7.11 -6.38
C CYS A 70 4.80 -5.68 -6.92
N HIS A 71 5.83 -5.26 -7.65
CA HIS A 71 5.96 -3.91 -8.17
C HIS A 71 5.83 -2.87 -7.04
N GLY A 72 6.32 -3.22 -5.85
CA GLY A 72 6.21 -2.36 -4.69
C GLY A 72 4.76 -2.13 -4.22
N HIS A 73 3.79 -2.93 -4.67
CA HIS A 73 2.39 -2.83 -4.27
C HIS A 73 2.15 -3.44 -2.87
N GLY A 74 3.17 -4.04 -2.27
CA GLY A 74 3.10 -4.60 -0.92
C GLY A 74 2.39 -5.95 -0.86
N ARG A 75 1.26 -6.10 -1.55
CA ARG A 75 0.46 -7.31 -1.55
C ARG A 75 0.06 -7.67 -2.98
N VAL A 76 -0.23 -8.96 -3.21
CA VAL A 76 -0.58 -9.51 -4.51
C VAL A 76 -1.86 -10.33 -4.41
N GLU A 77 -2.55 -10.53 -5.53
CA GLU A 77 -3.78 -11.30 -5.57
C GLU A 77 -3.47 -12.78 -5.33
N ARG A 78 -4.31 -13.46 -4.55
CA ARG A 78 -4.19 -14.87 -4.20
C ARG A 78 -4.57 -15.75 -5.40
N SER A 79 -3.91 -15.56 -6.55
CA SER A 79 -4.20 -16.29 -7.77
C SER A 79 -4.00 -17.80 -7.56
ZN ZN B . 6.75 -7.37 -2.41
ZN ZN C . 0.17 8.58 0.95
N GLY A 1 -1.02 -22.20 -11.80
CA GLY A 1 -0.30 -23.34 -12.37
C GLY A 1 0.96 -22.85 -13.07
N VAL A 2 0.77 -21.97 -14.06
CA VAL A 2 1.88 -21.32 -14.77
C VAL A 2 2.69 -20.50 -13.76
N THR A 3 2.01 -19.98 -12.74
CA THR A 3 2.55 -19.24 -11.62
C THR A 3 1.49 -19.32 -10.52
N LYS A 4 1.74 -18.64 -9.41
CA LYS A 4 0.80 -18.52 -8.31
C LYS A 4 -0.15 -17.37 -8.61
N GLU A 5 0.33 -16.31 -9.26
CA GLU A 5 -0.46 -15.13 -9.59
C GLU A 5 -1.45 -15.36 -10.73
N ILE A 6 -2.21 -16.45 -10.71
CA ILE A 6 -3.27 -16.73 -11.68
C ILE A 6 -4.53 -16.00 -11.20
N ARG A 7 -4.38 -14.69 -11.02
CA ARG A 7 -5.25 -13.67 -10.44
C ARG A 7 -6.59 -14.12 -9.81
N ILE A 8 -6.59 -15.24 -9.10
CA ILE A 8 -7.76 -15.72 -8.36
C ILE A 8 -7.59 -15.22 -6.91
N PRO A 9 -8.61 -14.58 -6.31
CA PRO A 9 -8.56 -14.06 -4.95
C PRO A 9 -7.96 -15.01 -3.91
N THR A 10 -6.68 -14.83 -3.60
CA THR A 10 -5.95 -15.59 -2.59
C THR A 10 -4.83 -14.68 -2.10
N LEU A 11 -5.22 -13.53 -1.57
CA LEU A 11 -4.28 -12.52 -1.13
C LEU A 11 -3.49 -12.94 0.10
N GLU A 12 -2.17 -13.01 -0.06
CA GLU A 12 -1.23 -13.35 1.00
C GLU A 12 -0.15 -12.27 1.03
N GLU A 13 0.42 -12.04 2.21
CA GLU A 13 1.44 -11.03 2.45
C GLU A 13 2.71 -11.33 1.66
N CYS A 14 3.28 -10.32 1.00
CA CYS A 14 4.54 -10.46 0.30
C CYS A 14 5.68 -10.38 1.34
N ASP A 15 6.02 -11.53 1.91
CA ASP A 15 7.08 -11.70 2.90
C ASP A 15 8.38 -11.03 2.45
N VAL A 16 8.66 -11.09 1.15
CA VAL A 16 9.84 -10.48 0.51
C VAL A 16 9.96 -9.02 0.94
N CYS A 17 8.90 -8.22 0.77
CA CYS A 17 8.90 -6.82 1.21
C CYS A 17 8.33 -6.69 2.62
N HIS A 18 8.25 -7.79 3.35
CA HIS A 18 7.77 -7.82 4.73
C HIS A 18 6.36 -7.19 4.79
N GLY A 19 5.57 -7.43 3.74
CA GLY A 19 4.21 -6.91 3.63
C GLY A 19 4.10 -5.41 3.35
N SER A 20 5.21 -4.68 3.14
CA SER A 20 5.14 -3.25 2.91
C SER A 20 4.93 -2.93 1.42
N GLY A 21 6.01 -2.96 0.65
CA GLY A 21 5.97 -2.67 -0.78
C GLY A 21 7.34 -2.39 -1.42
N ALA A 22 8.41 -2.28 -0.64
CA ALA A 22 9.77 -2.07 -1.19
C ALA A 22 10.62 -3.31 -0.92
N LYS A 23 11.69 -3.51 -1.69
CA LYS A 23 12.52 -4.72 -1.63
C LYS A 23 12.98 -5.08 -0.19
N PRO A 24 13.45 -6.32 0.04
CA PRO A 24 13.90 -6.76 1.36
C PRO A 24 14.84 -5.77 2.03
N GLY A 25 14.64 -5.50 3.33
CA GLY A 25 15.47 -4.58 4.08
C GLY A 25 15.19 -3.11 3.74
N THR A 26 15.33 -2.73 2.47
CA THR A 26 15.11 -1.38 1.97
C THR A 26 13.61 -1.06 1.96
N GLN A 27 12.99 -1.03 3.14
CA GLN A 27 11.57 -0.77 3.30
C GLN A 27 11.16 0.60 2.77
N PRO A 28 9.86 0.82 2.46
CA PRO A 28 9.35 2.12 2.06
C PRO A 28 9.56 3.16 3.16
N GLN A 29 9.21 4.41 2.88
CA GLN A 29 9.33 5.49 3.87
C GLN A 29 7.92 6.05 4.16
N THR A 30 7.51 6.08 5.43
CA THR A 30 6.20 6.55 5.87
C THR A 30 5.82 7.86 5.18
N CYS A 31 4.66 7.91 4.50
CA CYS A 31 4.24 9.15 3.86
C CYS A 31 3.91 10.18 4.94
N PRO A 32 4.62 11.31 5.01
CA PRO A 32 4.38 12.30 6.05
C PRO A 32 3.05 13.01 5.83
N THR A 33 2.72 13.30 4.57
CA THR A 33 1.50 13.98 4.15
C THR A 33 0.24 13.44 4.84
N CYS A 34 0.13 12.12 4.96
CA CYS A 34 -0.98 11.44 5.61
C CYS A 34 -0.55 10.76 6.92
N HIS A 35 0.59 11.15 7.47
CA HIS A 35 1.14 10.58 8.71
C HIS A 35 1.11 9.05 8.68
N GLY A 36 1.46 8.46 7.52
CA GLY A 36 1.50 7.02 7.32
C GLY A 36 0.14 6.33 7.19
N SER A 37 -0.99 7.03 7.26
CA SER A 37 -2.30 6.38 7.20
C SER A 37 -2.57 5.82 5.80
N GLY A 38 -2.59 6.75 4.83
CA GLY A 38 -2.93 6.55 3.44
C GLY A 38 -4.13 7.41 3.04
N GLN A 39 -4.58 8.35 3.89
CA GLN A 39 -5.71 9.22 3.59
C GLN A 39 -5.40 10.65 4.04
N VAL A 40 -6.00 11.63 3.36
CA VAL A 40 -5.84 13.05 3.61
C VAL A 40 -7.23 13.64 3.84
N GLN A 41 -7.34 14.63 4.74
CA GLN A 41 -8.59 15.31 5.01
C GLN A 41 -8.53 16.71 4.39
N MET A 42 -9.32 16.95 3.34
CA MET A 42 -9.40 18.25 2.71
C MET A 42 -10.29 19.13 3.59
N ARG A 43 -9.68 19.84 4.53
CA ARG A 43 -10.39 20.73 5.45
C ARG A 43 -10.83 21.99 4.73
N GLN A 44 -11.80 21.88 3.81
CA GLN A 44 -12.32 23.00 3.03
C GLN A 44 -13.22 23.97 3.82
N GLY A 45 -12.80 24.35 5.03
CA GLY A 45 -13.48 25.33 5.86
C GLY A 45 -14.89 24.94 6.30
N PHE A 46 -15.86 24.99 5.37
CA PHE A 46 -17.26 24.70 5.64
C PHE A 46 -17.44 23.20 5.91
N PHE A 47 -16.77 22.36 5.12
CA PHE A 47 -16.75 20.91 5.27
C PHE A 47 -15.29 20.48 5.47
N ALA A 48 -15.10 19.21 5.82
CA ALA A 48 -13.78 18.65 6.02
C ALA A 48 -13.80 17.16 5.63
N VAL A 49 -14.04 16.87 4.34
CA VAL A 49 -14.07 15.50 3.86
C VAL A 49 -12.65 14.98 3.66
N GLN A 50 -12.52 13.71 3.29
CA GLN A 50 -11.23 13.07 3.12
C GLN A 50 -11.17 12.28 1.82
N GLN A 51 -9.96 12.01 1.34
CA GLN A 51 -9.69 11.25 0.13
C GLN A 51 -8.43 10.41 0.37
N THR A 52 -8.21 9.41 -0.50
CA THR A 52 -7.02 8.59 -0.47
C THR A 52 -5.80 9.46 -0.74
N CYS A 53 -4.67 9.24 -0.07
CA CYS A 53 -3.48 10.03 -0.29
C CYS A 53 -2.85 9.65 -1.64
N PRO A 54 -2.78 10.57 -2.63
CA PRO A 54 -2.22 10.25 -3.93
C PRO A 54 -0.71 10.04 -3.85
N HIS A 55 -0.02 10.84 -3.03
CA HIS A 55 1.43 10.81 -2.86
C HIS A 55 1.99 9.39 -2.65
N CYS A 56 1.23 8.53 -1.98
CA CYS A 56 1.60 7.13 -1.74
C CYS A 56 0.54 6.18 -2.27
N GLN A 57 -0.31 6.62 -3.22
CA GLN A 57 -1.37 5.81 -3.82
C GLN A 57 -2.18 5.04 -2.76
N GLY A 58 -2.50 5.69 -1.64
CA GLY A 58 -3.26 5.08 -0.55
C GLY A 58 -2.51 4.01 0.25
N ARG A 59 -1.27 3.68 -0.11
CA ARG A 59 -0.49 2.64 0.57
C ARG A 59 0.13 3.16 1.87
N GLY A 60 -0.04 4.46 2.19
CA GLY A 60 0.52 5.09 3.38
C GLY A 60 2.05 5.20 3.38
N THR A 61 2.72 4.49 2.47
CA THR A 61 4.15 4.35 2.38
C THR A 61 4.68 4.84 1.03
N LEU A 62 5.72 5.66 1.07
CA LEU A 62 6.43 6.10 -0.11
C LEU A 62 7.28 4.90 -0.53
N ILE A 63 6.86 4.24 -1.61
CA ILE A 63 7.49 3.08 -2.18
C ILE A 63 8.83 3.51 -2.78
N LYS A 64 9.83 3.71 -1.91
CA LYS A 64 11.19 4.15 -2.22
C LYS A 64 11.71 3.45 -3.48
N ASP A 65 11.46 2.14 -3.57
CA ASP A 65 11.75 1.28 -4.70
C ASP A 65 10.60 0.28 -4.72
N PRO A 66 10.13 -0.18 -5.88
CA PRO A 66 9.00 -1.10 -5.96
C PRO A 66 9.44 -2.56 -5.79
N CYS A 67 8.86 -3.29 -4.84
CA CYS A 67 9.06 -4.72 -4.72
C CYS A 67 8.33 -5.35 -5.91
N ASN A 68 9.01 -5.41 -7.06
CA ASN A 68 8.48 -5.88 -8.34
C ASN A 68 7.59 -7.10 -8.21
N LYS A 69 8.02 -8.11 -7.43
CA LYS A 69 7.28 -9.33 -7.17
C LYS A 69 5.78 -9.09 -6.93
N CYS A 70 5.45 -8.03 -6.19
CA CYS A 70 4.07 -7.67 -5.87
C CYS A 70 3.72 -6.28 -6.39
N HIS A 71 4.49 -5.77 -7.36
CA HIS A 71 4.35 -4.42 -7.90
C HIS A 71 4.17 -3.42 -6.74
N GLY A 72 4.99 -3.62 -5.70
CA GLY A 72 5.01 -2.84 -4.48
C GLY A 72 3.66 -2.65 -3.77
N HIS A 73 2.68 -3.55 -3.95
CA HIS A 73 1.41 -3.47 -3.22
C HIS A 73 1.61 -3.99 -1.80
N GLY A 74 2.40 -5.05 -1.70
CA GLY A 74 2.80 -5.71 -0.46
C GLY A 74 2.01 -6.98 -0.16
N ARG A 75 1.06 -7.33 -1.02
CA ARG A 75 0.28 -8.55 -0.93
C ARG A 75 0.11 -9.09 -2.36
N VAL A 76 -0.02 -10.41 -2.52
CA VAL A 76 -0.09 -11.08 -3.80
C VAL A 76 -1.20 -12.12 -3.80
N GLU A 77 -1.90 -12.27 -4.94
CA GLU A 77 -2.96 -13.25 -5.12
C GLU A 77 -2.27 -14.59 -5.35
N ARG A 78 -1.79 -15.20 -4.27
CA ARG A 78 -1.03 -16.42 -4.29
C ARG A 78 -1.92 -17.64 -4.53
N SER A 79 -2.61 -17.67 -5.67
CA SER A 79 -3.47 -18.77 -6.09
C SER A 79 -2.69 -19.64 -7.08
ZN ZN B . 6.56 -7.37 -2.13
ZN ZN C . 0.37 9.46 1.89
N GLY A 1 -20.48 -22.36 -5.35
CA GLY A 1 -19.34 -22.88 -4.63
C GLY A 1 -18.17 -21.90 -4.76
N VAL A 2 -18.39 -20.66 -4.31
CA VAL A 2 -17.43 -19.56 -4.38
C VAL A 2 -15.99 -20.02 -4.06
N THR A 3 -15.83 -20.76 -2.96
CA THR A 3 -14.57 -21.30 -2.49
C THR A 3 -13.85 -22.09 -3.59
N LYS A 4 -14.60 -22.92 -4.33
CA LYS A 4 -14.05 -23.69 -5.44
C LYS A 4 -13.81 -22.76 -6.63
N GLU A 5 -14.76 -21.85 -6.89
CA GLU A 5 -14.70 -20.93 -8.01
C GLU A 5 -13.42 -20.09 -8.02
N ILE A 6 -13.01 -19.63 -6.85
CA ILE A 6 -11.80 -18.82 -6.68
C ILE A 6 -10.52 -19.67 -6.81
N ARG A 7 -10.37 -20.37 -7.94
CA ARG A 7 -9.22 -21.23 -8.21
C ARG A 7 -7.89 -20.49 -8.11
N ILE A 8 -7.90 -19.23 -8.58
CA ILE A 8 -6.76 -18.31 -8.62
C ILE A 8 -6.90 -17.01 -7.80
N PRO A 9 -8.03 -16.29 -7.93
CA PRO A 9 -8.32 -15.01 -7.31
C PRO A 9 -8.17 -14.90 -5.79
N THR A 10 -6.95 -14.87 -5.29
CA THR A 10 -6.67 -14.66 -3.88
C THR A 10 -5.31 -14.00 -3.77
N LEU A 11 -5.27 -12.76 -3.27
CA LEU A 11 -4.05 -11.97 -3.20
C LEU A 11 -3.30 -12.23 -1.89
N GLU A 12 -2.28 -13.08 -2.01
CA GLU A 12 -1.42 -13.53 -0.93
C GLU A 12 -0.44 -12.43 -0.53
N GLU A 13 -0.38 -12.11 0.76
CA GLU A 13 0.50 -11.09 1.30
C GLU A 13 1.96 -11.44 1.01
N CYS A 14 2.70 -10.50 0.40
CA CYS A 14 4.10 -10.73 0.08
C CYS A 14 4.94 -10.61 1.36
N ASP A 15 5.10 -11.73 2.06
CA ASP A 15 5.88 -11.86 3.29
C ASP A 15 7.25 -11.19 3.15
N VAL A 16 7.87 -11.34 1.98
CA VAL A 16 9.17 -10.76 1.66
C VAL A 16 9.23 -9.26 1.99
N CYS A 17 8.17 -8.51 1.69
CA CYS A 17 8.09 -7.08 2.02
C CYS A 17 7.11 -6.85 3.17
N HIS A 18 6.81 -7.91 3.94
CA HIS A 18 5.88 -7.88 5.06
C HIS A 18 4.55 -7.24 4.63
N GLY A 19 4.12 -7.54 3.40
CA GLY A 19 2.87 -7.01 2.86
C GLY A 19 2.90 -5.53 2.48
N SER A 20 3.98 -4.78 2.73
CA SER A 20 4.00 -3.37 2.41
C SER A 20 4.09 -3.14 0.91
N GLY A 21 5.23 -3.54 0.37
CA GLY A 21 5.67 -3.36 -1.01
C GLY A 21 7.14 -2.92 -1.05
N ALA A 22 7.75 -2.60 0.10
CA ALA A 22 9.14 -2.17 0.16
C ALA A 22 10.09 -3.35 0.00
N LYS A 23 11.18 -3.19 -0.75
CA LYS A 23 12.15 -4.27 -0.95
C LYS A 23 12.60 -4.85 0.41
N PRO A 24 12.85 -6.16 0.50
CA PRO A 24 13.21 -6.82 1.76
C PRO A 24 14.33 -6.12 2.54
N GLY A 25 15.31 -5.57 1.83
CA GLY A 25 16.45 -4.91 2.46
C GLY A 25 16.27 -3.41 2.70
N THR A 26 15.07 -2.82 2.58
CA THR A 26 14.91 -1.39 2.80
C THR A 26 13.46 -1.05 3.20
N GLN A 27 13.28 -0.02 4.04
CA GLN A 27 11.95 0.43 4.44
C GLN A 27 11.39 1.36 3.37
N PRO A 28 10.05 1.55 3.29
CA PRO A 28 9.45 2.51 2.39
C PRO A 28 9.59 3.90 3.03
N GLN A 29 9.29 4.96 2.27
CA GLN A 29 9.46 6.33 2.77
C GLN A 29 8.12 6.90 3.21
N THR A 30 7.94 7.21 4.50
CA THR A 30 6.71 7.78 5.06
C THR A 30 6.15 8.87 4.15
N CYS A 31 4.91 8.74 3.68
CA CYS A 31 4.32 9.74 2.81
C CYS A 31 4.14 11.05 3.59
N PRO A 32 4.84 12.14 3.22
CA PRO A 32 4.76 13.38 3.95
C PRO A 32 3.41 14.05 3.73
N THR A 33 2.84 13.95 2.52
CA THR A 33 1.56 14.52 2.12
C THR A 33 0.46 14.27 3.17
N CYS A 34 0.44 13.08 3.76
CA CYS A 34 -0.51 12.69 4.79
C CYS A 34 0.16 12.44 6.14
N HIS A 35 1.43 12.84 6.29
CA HIS A 35 2.21 12.62 7.52
C HIS A 35 2.11 11.15 7.95
N GLY A 36 2.20 10.22 6.99
CA GLY A 36 2.09 8.79 7.26
C GLY A 36 0.66 8.30 7.58
N SER A 37 -0.31 9.20 7.77
CA SER A 37 -1.69 8.86 8.13
C SER A 37 -2.46 8.14 7.02
N GLY A 38 -1.89 8.05 5.82
CA GLY A 38 -2.50 7.38 4.67
C GLY A 38 -3.79 8.03 4.19
N GLN A 39 -4.08 9.26 4.63
CA GLN A 39 -5.30 9.96 4.28
C GLN A 39 -5.03 11.46 4.16
N VAL A 40 -5.67 12.10 3.19
CA VAL A 40 -5.61 13.53 2.93
C VAL A 40 -6.90 14.14 3.45
N GLN A 41 -6.78 15.24 4.19
CA GLN A 41 -7.92 15.90 4.79
C GLN A 41 -8.36 17.08 3.92
N MET A 42 -9.53 16.92 3.28
CA MET A 42 -10.15 17.95 2.45
C MET A 42 -10.62 19.09 3.35
N ARG A 43 -9.75 20.06 3.61
CA ARG A 43 -10.03 21.21 4.46
C ARG A 43 -10.97 22.19 3.73
N GLN A 44 -12.18 21.75 3.39
CA GLN A 44 -13.17 22.52 2.66
C GLN A 44 -13.86 23.59 3.53
N GLY A 45 -13.10 24.32 4.34
CA GLY A 45 -13.63 25.35 5.21
C GLY A 45 -14.43 24.77 6.39
N PHE A 46 -15.54 24.10 6.11
CA PHE A 46 -16.45 23.56 7.13
C PHE A 46 -16.09 22.14 7.54
N PHE A 47 -16.45 21.15 6.74
CA PHE A 47 -16.29 19.73 7.06
C PHE A 47 -14.87 19.25 6.75
N ALA A 48 -14.00 19.19 7.75
CA ALA A 48 -12.63 18.71 7.59
C ALA A 48 -12.59 17.18 7.45
N VAL A 49 -13.26 16.62 6.44
CA VAL A 49 -13.26 15.18 6.19
C VAL A 49 -12.08 14.81 5.32
N GLN A 50 -11.74 13.51 5.29
CA GLN A 50 -10.59 13.01 4.57
C GLN A 50 -10.96 12.04 3.45
N GLN A 51 -9.94 11.69 2.66
CA GLN A 51 -9.99 10.73 1.57
C GLN A 51 -8.68 9.94 1.67
N THR A 52 -8.65 8.70 1.20
CA THR A 52 -7.44 7.90 1.21
C THR A 52 -6.36 8.61 0.39
N CYS A 53 -5.11 8.67 0.88
CA CYS A 53 -4.05 9.34 0.15
C CYS A 53 -3.69 8.52 -1.10
N PRO A 54 -3.89 9.05 -2.32
CA PRO A 54 -3.60 8.31 -3.53
C PRO A 54 -2.11 8.11 -3.73
N HIS A 55 -1.30 9.11 -3.39
CA HIS A 55 0.15 9.10 -3.56
C HIS A 55 0.82 7.83 -3.03
N CYS A 56 0.34 7.32 -1.89
CA CYS A 56 0.83 6.10 -1.27
C CYS A 56 -0.26 5.02 -1.24
N GLN A 57 -1.30 5.14 -2.06
CA GLN A 57 -2.38 4.18 -2.17
C GLN A 57 -2.91 3.77 -0.79
N GLY A 58 -3.07 4.76 0.11
CA GLY A 58 -3.56 4.53 1.46
C GLY A 58 -2.57 3.84 2.41
N ARG A 59 -1.42 3.34 1.93
CA ARG A 59 -0.45 2.64 2.76
C ARG A 59 0.34 3.60 3.67
N GLY A 60 0.19 4.92 3.50
CA GLY A 60 0.92 5.92 4.27
C GLY A 60 2.43 5.90 4.01
N THR A 61 2.91 5.02 3.11
CA THR A 61 4.30 4.80 2.83
C THR A 61 4.53 4.77 1.32
N LEU A 62 5.54 5.50 0.86
CA LEU A 62 5.94 5.59 -0.53
C LEU A 62 6.90 4.45 -0.83
N ILE A 63 6.49 3.59 -1.77
CA ILE A 63 7.26 2.45 -2.23
C ILE A 63 8.32 2.96 -3.22
N LYS A 64 9.22 3.81 -2.74
CA LYS A 64 10.30 4.36 -3.56
C LYS A 64 11.23 3.22 -4.01
N ASP A 65 11.39 2.24 -3.13
CA ASP A 65 12.21 1.05 -3.21
C ASP A 65 11.30 -0.18 -3.37
N PRO A 66 10.76 -0.46 -4.57
CA PRO A 66 9.78 -1.52 -4.78
C PRO A 66 10.31 -2.95 -4.66
N CYS A 67 9.51 -3.78 -3.98
CA CYS A 67 9.70 -5.21 -3.87
C CYS A 67 9.32 -5.81 -5.22
N ASN A 68 10.29 -5.87 -6.13
CA ASN A 68 10.13 -6.38 -7.49
C ASN A 68 9.30 -7.66 -7.53
N LYS A 69 9.52 -8.58 -6.58
CA LYS A 69 8.80 -9.85 -6.48
C LYS A 69 7.28 -9.66 -6.64
N CYS A 70 6.74 -8.57 -6.08
CA CYS A 70 5.32 -8.25 -6.16
C CYS A 70 5.12 -6.86 -6.79
N HIS A 71 6.11 -6.39 -7.56
CA HIS A 71 6.10 -5.07 -8.19
C HIS A 71 5.65 -3.99 -7.19
N GLY A 72 6.11 -4.09 -5.93
CA GLY A 72 5.76 -3.15 -4.88
C GLY A 72 4.25 -3.02 -4.60
N HIS A 73 3.42 -3.97 -5.04
CA HIS A 73 1.98 -3.93 -4.78
C HIS A 73 1.68 -4.28 -3.32
N GLY A 74 2.46 -5.21 -2.76
CA GLY A 74 2.33 -5.68 -1.39
C GLY A 74 1.82 -7.13 -1.33
N ARG A 75 1.13 -7.60 -2.36
CA ARG A 75 0.60 -8.95 -2.40
C ARG A 75 0.59 -9.48 -3.84
N VAL A 76 0.54 -10.80 -3.99
CA VAL A 76 0.59 -11.50 -5.27
C VAL A 76 -0.57 -12.49 -5.37
N GLU A 77 -1.11 -12.68 -6.57
CA GLU A 77 -2.22 -13.61 -6.76
C GLU A 77 -1.72 -15.05 -6.58
N ARG A 78 -2.53 -15.89 -5.92
CA ARG A 78 -2.28 -17.30 -5.67
C ARG A 78 -2.26 -18.07 -7.01
N SER A 79 -1.20 -17.84 -7.78
CA SER A 79 -1.00 -18.39 -9.10
C SER A 79 -0.83 -19.91 -9.03
ZN ZN B . 6.66 -7.85 -1.91
ZN ZN C . 0.16 9.55 1.54
N GLY A 1 -3.02 -29.01 1.02
CA GLY A 1 -3.35 -30.29 0.40
C GLY A 1 -4.25 -30.04 -0.80
N VAL A 2 -5.51 -29.69 -0.53
CA VAL A 2 -6.48 -29.34 -1.58
C VAL A 2 -5.91 -28.25 -2.48
N THR A 3 -5.09 -27.36 -1.90
CA THR A 3 -4.36 -26.29 -2.56
C THR A 3 -3.62 -26.79 -3.81
N LYS A 4 -3.13 -28.03 -3.79
CA LYS A 4 -2.43 -28.62 -4.92
C LYS A 4 -3.39 -28.83 -6.11
N GLU A 5 -4.67 -29.08 -5.81
CA GLU A 5 -5.69 -29.36 -6.81
C GLU A 5 -6.36 -28.09 -7.29
N ILE A 6 -6.91 -27.36 -6.32
CA ILE A 6 -7.62 -26.11 -6.57
C ILE A 6 -6.62 -24.98 -6.84
N ARG A 7 -5.97 -25.02 -8.02
CA ARG A 7 -5.01 -24.02 -8.46
C ARG A 7 -5.71 -22.70 -8.86
N ILE A 8 -6.44 -22.11 -7.92
CA ILE A 8 -7.11 -20.83 -8.08
C ILE A 8 -6.03 -19.76 -7.94
N PRO A 9 -6.03 -18.69 -8.76
CA PRO A 9 -5.05 -17.61 -8.67
C PRO A 9 -5.25 -16.83 -7.38
N THR A 10 -4.79 -17.43 -6.28
CA THR A 10 -4.92 -16.94 -4.92
C THR A 10 -3.76 -16.01 -4.61
N LEU A 11 -4.00 -14.69 -4.65
CA LEU A 11 -2.99 -13.70 -4.33
C LEU A 11 -2.88 -13.59 -2.80
N GLU A 12 -1.69 -13.87 -2.26
CA GLU A 12 -1.40 -13.85 -0.84
C GLU A 12 -0.29 -12.84 -0.53
N GLU A 13 -0.24 -12.38 0.72
CA GLU A 13 0.71 -11.39 1.21
C GLU A 13 2.15 -11.74 0.83
N CYS A 14 2.87 -10.78 0.24
CA CYS A 14 4.27 -10.98 -0.12
C CYS A 14 5.11 -10.83 1.14
N ASP A 15 5.31 -11.96 1.84
CA ASP A 15 6.13 -12.06 3.05
C ASP A 15 7.49 -11.39 2.88
N VAL A 16 8.08 -11.52 1.69
CA VAL A 16 9.36 -10.93 1.31
C VAL A 16 9.42 -9.43 1.61
N CYS A 17 8.28 -8.72 1.54
CA CYS A 17 8.19 -7.30 1.88
C CYS A 17 7.12 -7.09 2.97
N HIS A 18 6.81 -8.14 3.73
CA HIS A 18 5.79 -8.16 4.77
C HIS A 18 4.50 -7.48 4.30
N GLY A 19 4.10 -7.74 3.05
CA GLY A 19 2.87 -7.20 2.50
C GLY A 19 2.92 -5.71 2.14
N SER A 20 4.00 -4.98 2.43
CA SER A 20 4.06 -3.57 2.10
C SER A 20 4.22 -3.41 0.59
N GLY A 21 5.40 -3.80 0.13
CA GLY A 21 5.88 -3.66 -1.23
C GLY A 21 7.33 -3.15 -1.19
N ALA A 22 7.86 -2.80 -0.01
CA ALA A 22 9.23 -2.33 0.13
C ALA A 22 10.20 -3.50 0.02
N LYS A 23 11.20 -3.41 -0.84
CA LYS A 23 12.16 -4.49 -1.08
C LYS A 23 12.80 -5.02 0.22
N PRO A 24 13.31 -6.27 0.23
CA PRO A 24 13.92 -6.91 1.38
C PRO A 24 14.79 -5.99 2.24
N GLY A 25 14.59 -6.06 3.56
CA GLY A 25 15.32 -5.31 4.56
C GLY A 25 15.34 -3.80 4.33
N THR A 26 14.40 -3.26 3.54
CA THR A 26 14.30 -1.85 3.23
C THR A 26 12.89 -1.39 3.57
N GLN A 27 12.74 -0.20 4.13
CA GLN A 27 11.44 0.35 4.52
C GLN A 27 10.87 1.20 3.38
N PRO A 28 9.54 1.33 3.27
CA PRO A 28 8.94 2.25 2.32
C PRO A 28 9.20 3.68 2.82
N GLN A 29 8.93 4.69 1.99
CA GLN A 29 9.15 6.07 2.39
C GLN A 29 7.82 6.64 2.91
N THR A 30 7.78 7.07 4.18
CA THR A 30 6.61 7.67 4.78
C THR A 30 6.07 8.79 3.90
N CYS A 31 4.80 8.74 3.49
CA CYS A 31 4.25 9.77 2.63
C CYS A 31 4.24 11.11 3.38
N PRO A 32 5.01 12.12 2.93
CA PRO A 32 5.09 13.39 3.63
C PRO A 32 3.77 14.16 3.46
N THR A 33 3.13 14.06 2.30
CA THR A 33 1.87 14.72 1.96
C THR A 33 0.82 14.60 3.08
N CYS A 34 0.76 13.45 3.74
CA CYS A 34 -0.17 13.18 4.84
C CYS A 34 0.58 12.87 6.14
N HIS A 35 1.89 13.16 6.20
CA HIS A 35 2.73 12.87 7.37
C HIS A 35 2.53 11.41 7.81
N GLY A 36 2.45 10.48 6.86
CA GLY A 36 2.23 9.07 7.14
C GLY A 36 0.81 8.71 7.59
N SER A 37 -0.07 9.68 7.86
CA SER A 37 -1.42 9.45 8.35
C SER A 37 -2.34 8.72 7.35
N GLY A 38 -1.94 8.67 6.08
CA GLY A 38 -2.70 8.03 5.01
C GLY A 38 -3.94 8.83 4.57
N GLN A 39 -4.14 10.04 5.10
CA GLN A 39 -5.27 10.87 4.75
C GLN A 39 -4.88 12.35 4.75
N VAL A 40 -5.63 13.15 4.01
CA VAL A 40 -5.48 14.58 3.85
C VAL A 40 -6.74 15.24 4.41
N GLN A 41 -6.61 16.38 5.09
CA GLN A 41 -7.76 17.13 5.59
C GLN A 41 -7.68 18.56 5.07
N MET A 42 -8.67 18.92 4.25
CA MET A 42 -8.81 20.24 3.69
C MET A 42 -9.35 21.19 4.77
N ARG A 43 -9.26 22.50 4.52
CA ARG A 43 -9.67 23.51 5.49
C ARG A 43 -10.57 24.58 4.87
N GLN A 44 -11.58 24.16 4.10
CA GLN A 44 -12.57 25.06 3.52
C GLN A 44 -13.60 25.45 4.58
N GLY A 45 -13.10 26.15 5.61
CA GLY A 45 -13.83 26.66 6.76
C GLY A 45 -14.93 25.72 7.26
N PHE A 46 -16.17 26.07 6.95
CA PHE A 46 -17.37 25.35 7.34
C PHE A 46 -17.29 23.85 7.08
N PHE A 47 -16.63 23.44 5.99
CA PHE A 47 -16.58 22.03 5.61
C PHE A 47 -15.13 21.55 5.48
N ALA A 48 -14.34 21.66 6.55
CA ALA A 48 -12.95 21.21 6.59
C ALA A 48 -12.88 19.67 6.62
N VAL A 49 -13.29 19.04 5.51
CA VAL A 49 -13.37 17.59 5.38
C VAL A 49 -12.04 16.96 4.99
N GLN A 50 -11.98 15.63 5.11
CA GLN A 50 -10.79 14.84 4.84
C GLN A 50 -11.07 13.72 3.86
N GLN A 51 -10.02 13.24 3.17
CA GLN A 51 -10.09 12.17 2.21
C GLN A 51 -8.83 11.32 2.32
N THR A 52 -8.87 10.10 1.78
CA THR A 52 -7.73 9.19 1.74
C THR A 52 -6.63 9.84 0.89
N CYS A 53 -5.36 9.70 1.28
CA CYS A 53 -4.27 10.27 0.51
C CYS A 53 -4.04 9.45 -0.77
N PRO A 54 -4.23 10.03 -1.98
CA PRO A 54 -4.05 9.29 -3.22
C PRO A 54 -2.58 8.93 -3.45
N HIS A 55 -1.67 9.86 -3.16
CA HIS A 55 -0.22 9.72 -3.36
C HIS A 55 0.31 8.36 -2.88
N CYS A 56 -0.20 7.87 -1.74
CA CYS A 56 0.18 6.57 -1.19
C CYS A 56 -1.01 5.61 -1.09
N GLN A 57 -2.06 5.83 -1.90
CA GLN A 57 -3.26 5.01 -1.92
C GLN A 57 -3.76 4.67 -0.51
N GLY A 58 -3.75 5.66 0.39
CA GLY A 58 -4.19 5.49 1.77
C GLY A 58 -3.27 4.64 2.67
N ARG A 59 -2.21 4.02 2.13
CA ARG A 59 -1.32 3.17 2.90
C ARG A 59 -0.31 3.95 3.74
N GLY A 60 -0.31 5.29 3.64
CA GLY A 60 0.61 6.17 4.36
C GLY A 60 2.09 6.03 3.96
N THR A 61 2.42 5.01 3.16
CA THR A 61 3.77 4.66 2.77
C THR A 61 3.90 4.62 1.25
N LEU A 62 4.99 5.20 0.74
CA LEU A 62 5.32 5.24 -0.67
C LEU A 62 6.32 4.13 -0.95
N ILE A 63 5.93 3.21 -1.86
CA ILE A 63 6.74 2.09 -2.30
C ILE A 63 7.79 2.62 -3.30
N LYS A 64 8.67 3.51 -2.84
CA LYS A 64 9.71 4.07 -3.69
C LYS A 64 10.76 3.01 -4.06
N ASP A 65 10.90 1.99 -3.20
CA ASP A 65 11.81 0.86 -3.32
C ASP A 65 11.01 -0.42 -3.57
N PRO A 66 10.45 -0.62 -4.78
CA PRO A 66 9.57 -1.74 -5.07
C PRO A 66 10.22 -3.13 -4.97
N CYS A 67 9.54 -4.01 -4.23
CA CYS A 67 9.86 -5.41 -4.07
C CYS A 67 9.55 -6.08 -5.41
N ASN A 68 10.56 -6.16 -6.28
CA ASN A 68 10.52 -6.74 -7.61
C ASN A 68 9.61 -7.98 -7.69
N LYS A 69 9.78 -8.92 -6.76
CA LYS A 69 9.02 -10.17 -6.66
C LYS A 69 7.51 -9.94 -6.85
N CYS A 70 6.98 -8.84 -6.32
CA CYS A 70 5.56 -8.49 -6.43
C CYS A 70 5.40 -7.12 -7.08
N HIS A 71 6.44 -6.59 -7.74
CA HIS A 71 6.45 -5.27 -8.35
C HIS A 71 5.94 -4.21 -7.35
N GLY A 72 6.28 -4.36 -6.07
CA GLY A 72 5.84 -3.42 -5.04
C GLY A 72 4.34 -3.44 -4.74
N HIS A 73 3.56 -4.37 -5.32
CA HIS A 73 2.12 -4.45 -5.08
C HIS A 73 1.85 -4.83 -3.62
N GLY A 74 2.60 -5.81 -3.11
CA GLY A 74 2.50 -6.32 -1.75
C GLY A 74 1.92 -7.74 -1.69
N ARG A 75 1.62 -8.39 -2.81
CA ARG A 75 1.07 -9.75 -2.82
C ARG A 75 1.56 -10.53 -4.04
N VAL A 76 1.59 -11.86 -3.93
CA VAL A 76 2.04 -12.79 -4.95
C VAL A 76 1.07 -13.97 -5.02
N GLU A 77 1.01 -14.65 -6.17
CA GLU A 77 0.14 -15.82 -6.31
C GLU A 77 0.71 -16.98 -5.48
N ARG A 78 -0.17 -17.75 -4.85
CA ARG A 78 0.11 -18.92 -4.02
C ARG A 78 0.78 -20.05 -4.83
N SER A 79 2.01 -19.83 -5.30
CA SER A 79 2.83 -20.81 -6.02
C SER A 79 4.28 -20.64 -5.58
ZN ZN B . 6.89 -8.06 -2.15
ZN ZN C . 0.02 9.96 1.66
N GLY A 1 -18.30 -26.07 -4.80
CA GLY A 1 -17.87 -24.69 -4.95
C GLY A 1 -18.22 -23.84 -3.73
N VAL A 2 -18.19 -24.44 -2.54
CA VAL A 2 -18.54 -23.77 -1.30
C VAL A 2 -17.50 -22.73 -0.89
N THR A 3 -17.86 -21.87 0.08
CA THR A 3 -17.04 -20.80 0.63
C THR A 3 -15.90 -21.36 1.48
N LYS A 4 -14.98 -22.04 0.80
CA LYS A 4 -13.77 -22.71 1.25
C LYS A 4 -12.91 -22.93 0.00
N GLU A 5 -13.55 -23.34 -1.09
CA GLU A 5 -12.91 -23.54 -2.38
C GLU A 5 -12.58 -22.16 -2.96
N ILE A 6 -11.48 -21.57 -2.50
CA ILE A 6 -11.01 -20.26 -2.92
C ILE A 6 -10.42 -20.31 -4.35
N ARG A 7 -11.25 -20.66 -5.34
CA ARG A 7 -10.85 -20.73 -6.75
C ARG A 7 -10.26 -19.41 -7.23
N ILE A 8 -10.85 -18.32 -6.74
CA ILE A 8 -10.47 -16.95 -7.05
C ILE A 8 -8.97 -16.74 -6.81
N PRO A 9 -8.26 -16.01 -7.69
CA PRO A 9 -6.83 -15.76 -7.58
C PRO A 9 -6.53 -14.94 -6.31
N THR A 10 -6.40 -15.66 -5.21
CA THR A 10 -6.23 -15.15 -3.87
C THR A 10 -4.96 -14.30 -3.74
N LEU A 11 -5.06 -13.13 -3.08
CA LEU A 11 -3.93 -12.26 -2.85
C LEU A 11 -3.27 -12.70 -1.54
N GLU A 12 -1.97 -12.97 -1.57
CA GLU A 12 -1.18 -13.42 -0.44
C GLU A 12 -0.19 -12.33 -0.04
N GLU A 13 -0.22 -11.90 1.22
CA GLU A 13 0.65 -10.84 1.76
C GLU A 13 2.11 -11.17 1.47
N CYS A 14 2.83 -10.23 0.83
CA CYS A 14 4.22 -10.44 0.51
C CYS A 14 5.08 -10.14 1.74
N ASP A 15 5.30 -11.17 2.56
CA ASP A 15 6.14 -11.12 3.75
C ASP A 15 7.50 -10.49 3.44
N VAL A 16 8.05 -10.80 2.25
CA VAL A 16 9.32 -10.28 1.74
C VAL A 16 9.39 -8.75 1.87
N CYS A 17 8.27 -8.04 1.67
CA CYS A 17 8.20 -6.58 1.82
C CYS A 17 7.23 -6.20 2.94
N HIS A 18 7.00 -7.11 3.89
CA HIS A 18 6.10 -6.95 5.02
C HIS A 18 4.76 -6.33 4.59
N GLY A 19 4.22 -6.81 3.47
CA GLY A 19 2.94 -6.35 2.96
C GLY A 19 2.94 -4.94 2.35
N SER A 20 4.05 -4.19 2.39
CA SER A 20 4.06 -2.84 1.84
C SER A 20 4.13 -2.89 0.32
N GLY A 21 5.29 -3.34 -0.15
CA GLY A 21 5.69 -3.40 -1.54
C GLY A 21 7.14 -2.92 -1.70
N ALA A 22 7.82 -2.45 -0.64
CA ALA A 22 9.19 -1.98 -0.77
C ALA A 22 10.19 -3.14 -0.66
N LYS A 23 11.25 -3.13 -1.47
CA LYS A 23 12.28 -4.16 -1.48
C LYS A 23 12.79 -4.47 -0.05
N PRO A 24 13.06 -5.75 0.29
CA PRO A 24 13.60 -6.18 1.59
C PRO A 24 14.60 -5.20 2.19
N GLY A 25 14.46 -4.89 3.49
CA GLY A 25 15.34 -3.98 4.22
C GLY A 25 15.09 -2.52 3.86
N THR A 26 14.98 -2.24 2.57
CA THR A 26 14.75 -0.95 1.95
C THR A 26 13.31 -0.53 2.23
N GLN A 27 13.01 -0.23 3.50
CA GLN A 27 11.68 0.07 3.99
C GLN A 27 11.03 1.25 3.24
N PRO A 28 9.69 1.27 3.14
CA PRO A 28 9.00 2.34 2.44
C PRO A 28 9.11 3.62 3.27
N GLN A 29 9.19 4.76 2.60
CA GLN A 29 9.32 6.02 3.29
C GLN A 29 7.96 6.53 3.75
N THR A 30 7.89 7.09 4.96
CA THR A 30 6.66 7.62 5.52
C THR A 30 6.08 8.69 4.59
N CYS A 31 4.83 8.55 4.14
CA CYS A 31 4.24 9.57 3.28
C CYS A 31 4.04 10.85 4.10
N PRO A 32 4.71 11.97 3.79
CA PRO A 32 4.54 13.18 4.57
C PRO A 32 3.14 13.76 4.38
N THR A 33 2.61 13.69 3.16
CA THR A 33 1.32 14.20 2.74
C THR A 33 0.19 13.81 3.72
N CYS A 34 0.21 12.58 4.24
CA CYS A 34 -0.76 12.10 5.22
C CYS A 34 -0.04 11.65 6.50
N HIS A 35 1.13 12.23 6.78
CA HIS A 35 1.90 11.99 7.99
C HIS A 35 2.02 10.51 8.34
N GLY A 36 2.25 9.66 7.32
CA GLY A 36 2.45 8.23 7.48
C GLY A 36 1.18 7.40 7.69
N SER A 37 -0.01 8.00 7.81
CA SER A 37 -1.22 7.24 8.08
C SER A 37 -1.79 6.61 6.80
N GLY A 38 -2.27 7.44 5.87
CA GLY A 38 -2.85 6.97 4.62
C GLY A 38 -3.94 7.84 4.01
N GLN A 39 -4.41 8.90 4.70
CA GLN A 39 -5.49 9.75 4.19
C GLN A 39 -5.13 11.24 4.31
N VAL A 40 -5.35 11.99 3.23
CA VAL A 40 -5.15 13.44 3.22
C VAL A 40 -6.32 14.05 3.97
N GLN A 41 -6.06 15.06 4.81
CA GLN A 41 -7.10 15.76 5.54
C GLN A 41 -7.10 17.22 5.12
N MET A 42 -8.18 17.65 4.48
CA MET A 42 -8.37 19.02 4.05
C MET A 42 -8.76 19.86 5.26
N ARG A 43 -7.78 20.13 6.13
CA ARG A 43 -7.94 20.90 7.37
C ARG A 43 -8.22 22.38 7.10
N GLN A 44 -9.35 22.67 6.45
CA GLN A 44 -9.81 24.02 6.13
C GLN A 44 -10.42 24.69 7.36
N GLY A 45 -9.69 24.68 8.48
CA GLY A 45 -10.12 25.28 9.74
C GLY A 45 -11.25 24.50 10.42
N PHE A 46 -12.44 24.47 9.81
CA PHE A 46 -13.64 23.86 10.35
C PHE A 46 -13.92 22.49 9.74
N PHE A 47 -14.29 22.42 8.46
CA PHE A 47 -14.62 21.14 7.81
C PHE A 47 -13.35 20.34 7.52
N ALA A 48 -12.67 19.84 8.55
CA ALA A 48 -11.45 19.07 8.44
C ALA A 48 -11.70 17.65 7.94
N VAL A 49 -12.30 17.53 6.75
CA VAL A 49 -12.62 16.26 6.11
C VAL A 49 -11.37 15.63 5.50
N GLN A 50 -11.48 14.37 5.07
CA GLN A 50 -10.33 13.63 4.57
C GLN A 50 -10.69 12.66 3.45
N GLN A 51 -9.69 12.27 2.66
CA GLN A 51 -9.82 11.31 1.55
C GLN A 51 -8.55 10.46 1.51
N THR A 52 -8.62 9.28 0.89
CA THR A 52 -7.46 8.40 0.72
C THR A 52 -6.32 9.16 0.05
N CYS A 53 -5.09 9.03 0.56
CA CYS A 53 -3.95 9.72 -0.02
C CYS A 53 -3.53 9.00 -1.31
N PRO A 54 -3.60 9.65 -2.48
CA PRO A 54 -3.23 9.02 -3.74
C PRO A 54 -1.73 8.77 -3.83
N HIS A 55 -0.92 9.72 -3.33
CA HIS A 55 0.54 9.69 -3.34
C HIS A 55 1.10 8.33 -2.91
N CYS A 56 0.53 7.74 -1.86
CA CYS A 56 0.92 6.43 -1.33
C CYS A 56 -0.21 5.41 -1.46
N GLN A 57 -1.14 5.63 -2.40
CA GLN A 57 -2.26 4.73 -2.68
C GLN A 57 -2.91 4.22 -1.39
N GLY A 58 -3.15 5.12 -0.44
CA GLY A 58 -3.80 4.80 0.83
C GLY A 58 -2.96 3.98 1.83
N ARG A 59 -1.74 3.53 1.49
CA ARG A 59 -0.93 2.72 2.38
C ARG A 59 -0.17 3.55 3.44
N GLY A 60 -0.18 4.87 3.32
CA GLY A 60 0.61 5.76 4.18
C GLY A 60 2.13 5.66 3.93
N THR A 61 2.57 4.70 3.11
CA THR A 61 3.94 4.33 2.85
C THR A 61 4.30 4.48 1.37
N LEU A 62 5.45 5.10 1.10
CA LEU A 62 5.99 5.33 -0.23
C LEU A 62 6.96 4.21 -0.57
N ILE A 63 6.64 3.49 -1.63
CA ILE A 63 7.40 2.36 -2.16
C ILE A 63 8.70 2.88 -2.76
N LYS A 64 9.69 3.13 -1.90
CA LYS A 64 11.01 3.64 -2.25
C LYS A 64 11.56 2.96 -3.51
N ASP A 65 11.51 1.62 -3.54
CA ASP A 65 11.92 0.78 -4.65
C ASP A 65 11.05 -0.48 -4.59
N PRO A 66 10.39 -0.86 -5.71
CA PRO A 66 9.40 -1.92 -5.71
C PRO A 66 9.98 -3.33 -5.52
N CYS A 67 9.29 -4.10 -4.67
CA CYS A 67 9.56 -5.49 -4.39
C CYS A 67 9.09 -6.28 -5.62
N ASN A 68 10.01 -6.49 -6.57
CA ASN A 68 9.78 -7.18 -7.84
C ASN A 68 8.88 -8.40 -7.68
N LYS A 69 9.13 -9.23 -6.66
CA LYS A 69 8.37 -10.43 -6.33
C LYS A 69 6.84 -10.20 -6.45
N CYS A 70 6.36 -9.04 -6.03
CA CYS A 70 4.95 -8.68 -6.07
C CYS A 70 4.74 -7.38 -6.85
N HIS A 71 5.68 -7.04 -7.76
CA HIS A 71 5.65 -5.80 -8.52
C HIS A 71 5.40 -4.59 -7.61
N GLY A 72 5.93 -4.63 -6.38
CA GLY A 72 5.77 -3.59 -5.39
C GLY A 72 4.31 -3.31 -4.99
N HIS A 73 3.38 -4.25 -5.21
CA HIS A 73 1.99 -4.09 -4.82
C HIS A 73 1.83 -4.27 -3.31
N GLY A 74 2.55 -5.25 -2.77
CA GLY A 74 2.53 -5.62 -1.36
C GLY A 74 2.02 -7.05 -1.15
N ARG A 75 1.42 -7.66 -2.18
CA ARG A 75 0.87 -9.01 -2.12
C ARG A 75 1.00 -9.68 -3.47
N VAL A 76 1.24 -10.99 -3.47
CA VAL A 76 1.36 -11.78 -4.68
C VAL A 76 0.00 -12.39 -4.99
N GLU A 77 -0.40 -12.39 -6.27
CA GLU A 77 -1.65 -12.96 -6.71
C GLU A 77 -1.45 -14.44 -7.01
N ARG A 78 -2.24 -15.31 -6.37
CA ARG A 78 -2.22 -16.75 -6.58
C ARG A 78 -2.77 -17.05 -7.98
N SER A 79 -1.96 -16.75 -8.98
CA SER A 79 -2.26 -16.87 -10.41
C SER A 79 -1.64 -18.15 -10.95
ZN ZN B . 6.68 -7.86 -1.99
ZN ZN C . 0.04 9.50 1.78
N GLY A 1 -14.84 -19.76 6.38
CA GLY A 1 -13.90 -18.91 5.67
C GLY A 1 -14.50 -18.50 4.33
N VAL A 2 -14.81 -19.50 3.50
CA VAL A 2 -15.51 -19.30 2.23
C VAL A 2 -16.95 -18.86 2.48
N THR A 3 -17.43 -19.02 3.71
CA THR A 3 -18.75 -18.68 4.20
C THR A 3 -18.92 -17.16 4.23
N LYS A 4 -19.01 -16.54 3.05
CA LYS A 4 -19.19 -15.11 2.86
C LYS A 4 -19.65 -14.89 1.42
N GLU A 5 -19.66 -13.63 0.97
CA GLU A 5 -20.02 -13.28 -0.39
C GLU A 5 -19.06 -13.99 -1.36
N ILE A 6 -19.58 -14.53 -2.46
CA ILE A 6 -18.80 -15.25 -3.46
C ILE A 6 -17.99 -14.29 -4.36
N ARG A 7 -17.17 -13.47 -3.72
CA ARG A 7 -16.26 -12.52 -4.34
C ARG A 7 -15.17 -12.22 -3.31
N ILE A 8 -14.70 -13.27 -2.64
CA ILE A 8 -13.70 -13.16 -1.57
C ILE A 8 -12.47 -12.39 -2.04
N PRO A 9 -12.15 -11.21 -1.45
CA PRO A 9 -10.98 -10.43 -1.79
C PRO A 9 -9.75 -11.15 -1.24
N THR A 10 -9.35 -12.22 -1.93
CA THR A 10 -8.30 -13.13 -1.52
C THR A 10 -6.91 -12.49 -1.71
N LEU A 11 -6.65 -11.41 -0.97
CA LEU A 11 -5.39 -10.70 -1.00
C LEU A 11 -4.41 -11.33 -0.02
N GLU A 12 -3.13 -11.36 -0.40
CA GLU A 12 -2.02 -11.90 0.35
C GLU A 12 -1.00 -10.79 0.54
N GLU A 13 -0.52 -10.62 1.77
CA GLU A 13 0.48 -9.62 2.10
C GLU A 13 1.82 -10.06 1.49
N CYS A 14 2.50 -9.18 0.77
CA CYS A 14 3.80 -9.53 0.22
C CYS A 14 4.84 -9.50 1.35
N ASP A 15 4.99 -10.64 2.02
CA ASP A 15 5.93 -10.83 3.13
C ASP A 15 7.33 -10.30 2.76
N VAL A 16 7.75 -10.54 1.51
CA VAL A 16 9.02 -10.10 0.95
C VAL A 16 9.28 -8.60 1.20
N CYS A 17 8.23 -7.77 1.22
CA CYS A 17 8.36 -6.34 1.53
C CYS A 17 7.51 -5.99 2.75
N HIS A 18 7.28 -6.96 3.64
CA HIS A 18 6.49 -6.83 4.85
C HIS A 18 5.17 -6.08 4.59
N GLY A 19 4.53 -6.39 3.46
CA GLY A 19 3.26 -5.78 3.09
C GLY A 19 3.32 -4.33 2.60
N SER A 20 4.48 -3.67 2.62
CA SER A 20 4.58 -2.28 2.21
C SER A 20 4.63 -2.17 0.68
N GLY A 21 5.78 -2.56 0.13
CA GLY A 21 6.07 -2.51 -1.29
C GLY A 21 7.54 -2.21 -1.55
N ALA A 22 8.34 -1.82 -0.54
CA ALA A 22 9.77 -1.57 -0.76
C ALA A 22 10.54 -2.90 -0.70
N LYS A 23 11.49 -3.13 -1.60
CA LYS A 23 12.25 -4.38 -1.64
C LYS A 23 12.84 -4.75 -0.27
N PRO A 24 13.04 -6.06 0.03
CA PRO A 24 13.49 -6.54 1.32
C PRO A 24 14.68 -5.77 1.91
N GLY A 25 14.65 -5.58 3.24
CA GLY A 25 15.68 -4.87 3.97
C GLY A 25 15.57 -3.36 3.80
N THR A 26 15.62 -2.88 2.55
CA THR A 26 15.53 -1.46 2.24
C THR A 26 14.09 -0.97 2.46
N GLN A 27 13.75 -0.69 3.72
CA GLN A 27 12.42 -0.27 4.14
C GLN A 27 11.93 0.97 3.38
N PRO A 28 10.60 1.18 3.31
CA PRO A 28 10.04 2.37 2.69
C PRO A 28 10.27 3.59 3.59
N GLN A 29 9.73 4.74 3.23
CA GLN A 29 9.81 5.96 4.06
C GLN A 29 8.39 6.39 4.43
N THR A 30 8.19 7.14 5.51
CA THR A 30 6.84 7.57 5.92
C THR A 30 6.25 8.53 4.88
N CYS A 31 5.01 8.32 4.43
CA CYS A 31 4.39 9.25 3.49
C CYS A 31 3.96 10.52 4.25
N PRO A 32 4.54 11.69 3.96
CA PRO A 32 4.17 12.90 4.67
C PRO A 32 2.77 13.36 4.27
N THR A 33 2.40 13.19 3.00
CA THR A 33 1.11 13.56 2.42
C THR A 33 -0.07 13.12 3.28
N CYS A 34 0.02 11.93 3.88
CA CYS A 34 -1.03 11.38 4.75
C CYS A 34 -0.48 11.14 6.17
N HIS A 35 0.61 11.80 6.54
CA HIS A 35 1.25 11.66 7.85
C HIS A 35 1.38 10.18 8.26
N GLY A 36 1.80 9.34 7.32
CA GLY A 36 2.01 7.92 7.56
C GLY A 36 0.74 7.08 7.71
N SER A 37 -0.47 7.66 7.67
CA SER A 37 -1.69 6.89 7.86
C SER A 37 -1.95 5.96 6.67
N GLY A 38 -2.16 6.59 5.51
CA GLY A 38 -2.51 5.98 4.24
C GLY A 38 -3.74 6.64 3.61
N GLN A 39 -4.25 7.74 4.18
CA GLN A 39 -5.42 8.44 3.65
C GLN A 39 -5.21 9.96 3.60
N VAL A 40 -5.81 10.60 2.60
CA VAL A 40 -5.76 12.04 2.39
C VAL A 40 -7.16 12.61 2.62
N GLN A 41 -7.25 13.82 3.16
CA GLN A 41 -8.52 14.51 3.35
C GLN A 41 -8.60 15.64 2.33
N MET A 42 -9.53 15.55 1.39
CA MET A 42 -9.78 16.58 0.39
C MET A 42 -10.54 17.71 1.10
N ARG A 43 -9.82 18.48 1.92
CA ARG A 43 -10.34 19.57 2.73
C ARG A 43 -10.73 20.78 1.88
N GLN A 44 -11.69 20.59 0.97
CA GLN A 44 -12.21 21.61 0.07
C GLN A 44 -13.18 22.55 0.81
N GLY A 45 -12.69 23.17 1.88
CA GLY A 45 -13.43 24.11 2.70
C GLY A 45 -14.56 23.44 3.50
N PHE A 46 -15.62 23.02 2.81
CA PHE A 46 -16.82 22.45 3.41
C PHE A 46 -16.81 20.92 3.36
N PHE A 47 -16.83 20.36 2.15
CA PHE A 47 -16.93 18.92 1.93
C PHE A 47 -15.59 18.23 2.16
N ALA A 48 -15.07 18.33 3.39
CA ALA A 48 -13.78 17.79 3.79
C ALA A 48 -13.78 16.27 3.92
N VAL A 49 -14.07 15.57 2.83
CA VAL A 49 -14.07 14.12 2.76
C VAL A 49 -12.64 13.60 2.60
N GLN A 50 -12.48 12.29 2.52
CA GLN A 50 -11.16 11.68 2.43
C GLN A 50 -11.13 10.51 1.45
N GLN A 51 -9.94 10.17 0.99
CA GLN A 51 -9.69 9.06 0.07
C GLN A 51 -8.37 8.38 0.44
N THR A 52 -8.12 7.20 -0.11
CA THR A 52 -6.87 6.49 0.06
C THR A 52 -5.74 7.31 -0.55
N CYS A 53 -4.57 7.35 0.08
CA CYS A 53 -3.45 8.12 -0.44
C CYS A 53 -2.81 7.37 -1.62
N PRO A 54 -2.86 7.92 -2.86
CA PRO A 54 -2.28 7.25 -4.02
C PRO A 54 -0.76 7.21 -3.95
N HIS A 55 -0.16 8.29 -3.44
CA HIS A 55 1.29 8.46 -3.29
C HIS A 55 1.98 7.22 -2.70
N CYS A 56 1.28 6.51 -1.81
CA CYS A 56 1.78 5.29 -1.18
C CYS A 56 0.80 4.13 -1.34
N GLN A 57 -0.10 4.17 -2.33
CA GLN A 57 -1.08 3.12 -2.60
C GLN A 57 -1.80 2.65 -1.31
N GLY A 58 -2.15 3.60 -0.44
CA GLY A 58 -2.84 3.32 0.82
C GLY A 58 -1.98 2.62 1.88
N ARG A 59 -0.69 2.39 1.62
CA ARG A 59 0.22 1.73 2.55
C ARG A 59 0.79 2.68 3.62
N GLY A 60 0.53 3.99 3.49
CA GLY A 60 1.10 5.01 4.37
C GLY A 60 2.62 5.18 4.20
N THR A 61 3.26 4.32 3.40
CA THR A 61 4.69 4.23 3.21
C THR A 61 5.09 4.48 1.75
N LEU A 62 6.02 5.40 1.55
CA LEU A 62 6.62 5.74 0.27
C LEU A 62 7.50 4.57 -0.14
N ILE A 63 7.12 3.95 -1.26
CA ILE A 63 7.77 2.81 -1.87
C ILE A 63 9.09 3.24 -2.48
N LYS A 64 10.08 3.48 -1.60
CA LYS A 64 11.43 3.91 -1.92
C LYS A 64 12.01 3.16 -3.13
N ASP A 65 11.89 1.84 -3.15
CA ASP A 65 12.43 0.96 -4.18
C ASP A 65 11.47 -0.22 -4.39
N PRO A 66 10.56 -0.13 -5.40
CA PRO A 66 9.54 -1.12 -5.70
C PRO A 66 9.95 -2.60 -5.67
N CYS A 67 9.23 -3.37 -4.84
CA CYS A 67 9.34 -4.80 -4.70
C CYS A 67 8.70 -5.42 -5.94
N ASN A 68 9.52 -5.67 -6.97
CA ASN A 68 9.15 -6.24 -8.25
C ASN A 68 8.09 -7.34 -8.12
N LYS A 69 8.28 -8.29 -7.19
CA LYS A 69 7.38 -9.41 -6.91
C LYS A 69 5.91 -8.98 -6.87
N CYS A 70 5.62 -7.83 -6.24
CA CYS A 70 4.26 -7.28 -6.13
C CYS A 70 4.16 -5.94 -6.85
N HIS A 71 5.13 -5.61 -7.71
CA HIS A 71 5.22 -4.33 -8.40
C HIS A 71 5.12 -3.18 -7.39
N GLY A 72 5.66 -3.37 -6.19
CA GLY A 72 5.61 -2.37 -5.13
C GLY A 72 4.21 -2.06 -4.61
N HIS A 73 3.20 -2.88 -4.92
CA HIS A 73 1.83 -2.66 -4.45
C HIS A 73 1.68 -3.03 -2.98
N GLY A 74 2.50 -3.95 -2.47
CA GLY A 74 2.51 -4.38 -1.08
C GLY A 74 1.68 -5.63 -0.83
N ARG A 75 0.58 -5.81 -1.55
CA ARG A 75 -0.32 -6.94 -1.43
C ARG A 75 -0.64 -7.46 -2.82
N VAL A 76 -0.78 -8.79 -2.96
CA VAL A 76 -1.02 -9.46 -4.23
C VAL A 76 -2.24 -10.36 -4.10
N GLU A 77 -3.04 -10.50 -5.16
CA GLU A 77 -4.21 -11.36 -5.14
C GLU A 77 -3.77 -12.81 -5.36
N ARG A 78 -4.36 -13.74 -4.60
CA ARG A 78 -4.10 -15.17 -4.69
C ARG A 78 -4.61 -15.70 -6.04
N SER A 79 -3.90 -15.35 -7.10
CA SER A 79 -4.23 -15.66 -8.47
C SER A 79 -4.12 -17.16 -8.73
ZN ZN B . 6.40 -7.00 -2.25
ZN ZN C . 0.43 8.59 1.68
N GLY A 1 -8.07 -30.18 -0.32
CA GLY A 1 -9.49 -30.04 -0.53
C GLY A 1 -9.79 -28.66 -1.10
N VAL A 2 -9.38 -27.63 -0.35
CA VAL A 2 -9.47 -26.24 -0.81
C VAL A 2 -8.60 -26.05 -2.05
N THR A 3 -7.60 -26.93 -2.22
CA THR A 3 -6.70 -27.01 -3.34
C THR A 3 -7.46 -27.52 -4.56
N LYS A 4 -8.37 -26.70 -5.10
CA LYS A 4 -9.20 -27.03 -6.26
C LYS A 4 -9.25 -25.83 -7.20
N GLU A 5 -10.35 -25.65 -7.94
CA GLU A 5 -10.54 -24.57 -8.91
C GLU A 5 -10.76 -23.22 -8.22
N ILE A 6 -9.81 -22.77 -7.40
CA ILE A 6 -9.89 -21.50 -6.69
C ILE A 6 -9.58 -20.33 -7.62
N ARG A 7 -10.34 -20.18 -8.70
CA ARG A 7 -10.21 -19.08 -9.64
C ARG A 7 -10.84 -17.82 -9.04
N ILE A 8 -10.25 -17.34 -7.95
CA ILE A 8 -10.65 -16.15 -7.21
C ILE A 8 -9.38 -15.34 -6.93
N PRO A 9 -9.48 -14.01 -6.74
CA PRO A 9 -8.33 -13.16 -6.49
C PRO A 9 -7.80 -13.37 -5.06
N THR A 10 -7.11 -14.49 -4.82
CA THR A 10 -6.56 -14.84 -3.51
C THR A 10 -5.34 -13.96 -3.19
N LEU A 11 -5.55 -12.66 -3.03
CA LEU A 11 -4.48 -11.73 -2.71
C LEU A 11 -3.96 -11.98 -1.30
N GLU A 12 -2.66 -12.28 -1.19
CA GLU A 12 -1.99 -12.53 0.08
C GLU A 12 -0.71 -11.68 0.13
N GLU A 13 -0.33 -11.30 1.35
CA GLU A 13 0.82 -10.48 1.67
C GLU A 13 2.12 -11.04 1.08
N CYS A 14 2.91 -10.21 0.42
CA CYS A 14 4.21 -10.63 -0.04
C CYS A 14 5.12 -10.60 1.20
N ASP A 15 5.37 -11.79 1.78
CA ASP A 15 6.18 -11.98 2.97
C ASP A 15 7.53 -11.26 2.86
N VAL A 16 8.15 -11.33 1.68
CA VAL A 16 9.42 -10.69 1.37
C VAL A 16 9.42 -9.19 1.71
N CYS A 17 8.27 -8.52 1.57
CA CYS A 17 8.13 -7.11 1.95
C CYS A 17 7.11 -6.95 3.08
N HIS A 18 6.82 -8.03 3.82
CA HIS A 18 5.90 -8.05 4.94
C HIS A 18 4.56 -7.41 4.57
N GLY A 19 4.08 -7.64 3.35
CA GLY A 19 2.81 -7.08 2.90
C GLY A 19 2.82 -5.59 2.57
N SER A 20 3.94 -4.88 2.71
CA SER A 20 3.97 -3.44 2.43
C SER A 20 4.05 -3.17 0.94
N GLY A 21 5.19 -3.53 0.37
CA GLY A 21 5.63 -3.30 -0.99
C GLY A 21 7.12 -2.89 -1.01
N ALA A 22 7.70 -2.61 0.16
CA ALA A 22 9.09 -2.19 0.30
C ALA A 22 10.06 -3.34 0.08
N LYS A 23 11.02 -3.17 -0.82
CA LYS A 23 12.06 -4.13 -1.17
C LYS A 23 12.67 -4.77 0.09
N PRO A 24 12.98 -6.08 0.06
CA PRO A 24 13.56 -6.77 1.21
C PRO A 24 14.84 -6.06 1.67
N GLY A 25 15.08 -6.06 2.98
CA GLY A 25 16.24 -5.40 3.58
C GLY A 25 16.34 -3.91 3.23
N THR A 26 15.20 -3.29 2.88
CA THR A 26 15.10 -1.89 2.52
C THR A 26 13.82 -1.37 3.19
N GLN A 27 13.57 -0.05 3.20
CA GLN A 27 12.41 0.54 3.85
C GLN A 27 11.73 1.56 2.93
N PRO A 28 10.41 1.76 3.06
CA PRO A 28 9.67 2.75 2.30
C PRO A 28 9.78 4.10 3.02
N GLN A 29 9.39 5.19 2.37
CA GLN A 29 9.48 6.51 2.97
C GLN A 29 8.10 7.00 3.41
N THR A 30 7.93 7.39 4.67
CA THR A 30 6.67 7.89 5.21
C THR A 30 6.10 8.99 4.29
N CYS A 31 4.89 8.83 3.77
CA CYS A 31 4.29 9.85 2.92
C CYS A 31 4.03 11.10 3.75
N PRO A 32 4.68 12.24 3.46
CA PRO A 32 4.50 13.45 4.25
C PRO A 32 3.11 14.03 4.02
N THR A 33 2.60 13.96 2.79
CA THR A 33 1.29 14.45 2.38
C THR A 33 0.17 14.09 3.36
N CYS A 34 0.20 12.85 3.88
CA CYS A 34 -0.78 12.36 4.86
C CYS A 34 -0.12 12.06 6.20
N HIS A 35 1.07 12.59 6.46
CA HIS A 35 1.84 12.37 7.68
C HIS A 35 1.88 10.87 8.03
N GLY A 36 2.08 10.02 7.02
CA GLY A 36 2.15 8.57 7.19
C GLY A 36 0.82 7.89 7.55
N SER A 37 -0.28 8.62 7.75
CA SER A 37 -1.55 8.00 8.13
C SER A 37 -2.09 7.11 7.01
N GLY A 38 -2.05 7.66 5.79
CA GLY A 38 -2.58 7.05 4.59
C GLY A 38 -3.79 7.82 4.08
N GLN A 39 -4.18 8.92 4.71
CA GLN A 39 -5.34 9.72 4.29
C GLN A 39 -5.04 11.22 4.27
N VAL A 40 -5.61 11.90 3.28
CA VAL A 40 -5.54 13.35 3.11
C VAL A 40 -6.85 13.93 3.63
N GLN A 41 -6.89 15.26 3.78
CA GLN A 41 -8.10 16.01 4.13
C GLN A 41 -8.26 17.10 3.07
N MET A 42 -9.38 17.06 2.34
CA MET A 42 -9.71 18.00 1.28
C MET A 42 -10.84 18.90 1.77
N ARG A 43 -10.70 20.21 1.52
CA ARG A 43 -11.68 21.23 1.86
C ARG A 43 -12.51 21.53 0.62
N GLN A 44 -13.81 21.24 0.63
CA GLN A 44 -14.71 21.54 -0.48
C GLN A 44 -15.14 23.01 -0.38
N GLY A 45 -14.14 23.92 -0.39
CA GLY A 45 -14.37 25.35 -0.24
C GLY A 45 -14.68 25.68 1.23
N PHE A 46 -15.83 25.21 1.71
CA PHE A 46 -16.31 25.43 3.07
C PHE A 46 -16.07 24.19 3.95
N PHE A 47 -16.87 23.14 3.80
CA PHE A 47 -16.69 21.93 4.60
C PHE A 47 -15.41 21.19 4.18
N ALA A 48 -15.03 20.15 4.92
CA ALA A 48 -13.86 19.35 4.59
C ALA A 48 -14.13 17.90 4.93
N VAL A 49 -13.46 16.98 4.22
CA VAL A 49 -13.58 15.54 4.40
C VAL A 49 -12.26 14.88 4.07
N GLN A 50 -12.06 13.67 4.62
CA GLN A 50 -10.86 12.90 4.39
C GLN A 50 -10.98 12.12 3.08
N GLN A 51 -9.85 11.70 2.51
CA GLN A 51 -9.82 10.84 1.34
C GLN A 51 -8.58 9.95 1.47
N THR A 52 -8.57 8.79 0.84
CA THR A 52 -7.40 7.91 0.83
C THR A 52 -6.27 8.63 0.09
N CYS A 53 -5.05 8.64 0.63
CA CYS A 53 -3.95 9.31 -0.05
C CYS A 53 -3.55 8.50 -1.28
N PRO A 54 -3.68 9.05 -2.50
CA PRO A 54 -3.36 8.31 -3.71
C PRO A 54 -1.85 8.08 -3.84
N HIS A 55 -1.04 9.07 -3.44
CA HIS A 55 0.42 9.05 -3.54
C HIS A 55 1.05 7.75 -3.02
N CYS A 56 0.52 7.22 -1.92
CA CYS A 56 0.96 5.97 -1.29
C CYS A 56 -0.15 4.93 -1.32
N GLN A 57 -1.14 5.09 -2.21
CA GLN A 57 -2.25 4.16 -2.40
C GLN A 57 -2.86 3.74 -1.05
N GLY A 58 -3.07 4.71 -0.16
CA GLY A 58 -3.64 4.46 1.16
C GLY A 58 -2.73 3.74 2.16
N ARG A 59 -1.55 3.24 1.73
CA ARG A 59 -0.66 2.50 2.62
C ARG A 59 0.10 3.43 3.59
N GLY A 60 0.14 4.73 3.31
CA GLY A 60 0.87 5.69 4.14
C GLY A 60 2.36 5.76 3.78
N THR A 61 2.90 4.72 3.14
CA THR A 61 4.29 4.55 2.79
C THR A 61 4.53 4.75 1.30
N LEU A 62 5.51 5.58 0.96
CA LEU A 62 5.96 5.77 -0.40
C LEU A 62 6.92 4.61 -0.71
N ILE A 63 6.53 3.78 -1.66
CA ILE A 63 7.31 2.63 -2.11
C ILE A 63 8.44 3.16 -3.00
N LYS A 64 9.38 3.89 -2.39
CA LYS A 64 10.54 4.42 -3.08
C LYS A 64 11.43 3.26 -3.56
N ASP A 65 11.32 2.11 -2.89
CA ASP A 65 12.04 0.87 -3.09
C ASP A 65 11.06 -0.27 -3.47
N PRO A 66 10.63 -0.38 -4.73
CA PRO A 66 9.68 -1.41 -5.15
C PRO A 66 10.14 -2.85 -4.93
N CYS A 67 9.37 -3.63 -4.17
CA CYS A 67 9.60 -5.06 -4.02
C CYS A 67 9.25 -5.73 -5.35
N ASN A 68 10.25 -5.82 -6.24
CA ASN A 68 10.15 -6.38 -7.58
C ASN A 68 9.28 -7.64 -7.64
N LYS A 69 9.47 -8.56 -6.69
CA LYS A 69 8.71 -9.81 -6.61
C LYS A 69 7.19 -9.59 -6.78
N CYS A 70 6.67 -8.47 -6.27
CA CYS A 70 5.26 -8.11 -6.37
C CYS A 70 5.12 -6.70 -6.96
N HIS A 71 6.11 -6.26 -7.74
CA HIS A 71 6.18 -4.95 -8.36
C HIS A 71 5.77 -3.83 -7.38
N GLY A 72 6.17 -3.93 -6.11
CA GLY A 72 5.85 -2.93 -5.10
C GLY A 72 4.37 -2.85 -4.71
N HIS A 73 3.50 -3.74 -5.21
CA HIS A 73 2.09 -3.77 -4.85
C HIS A 73 1.95 -4.16 -3.37
N GLY A 74 2.79 -5.10 -2.96
CA GLY A 74 2.89 -5.63 -1.60
C GLY A 74 2.11 -6.92 -1.37
N ARG A 75 1.28 -7.34 -2.31
CA ARG A 75 0.52 -8.58 -2.21
C ARG A 75 0.48 -9.27 -3.57
N VAL A 76 0.24 -10.58 -3.57
CA VAL A 76 0.23 -11.42 -4.77
C VAL A 76 -0.99 -12.34 -4.77
N GLU A 77 -1.52 -12.64 -5.96
CA GLU A 77 -2.66 -13.51 -6.15
C GLU A 77 -2.21 -14.96 -5.94
N ARG A 78 -2.09 -15.35 -4.66
CA ARG A 78 -1.64 -16.67 -4.25
C ARG A 78 -2.77 -17.70 -4.38
N SER A 79 -3.42 -17.75 -5.54
CA SER A 79 -4.51 -18.67 -5.80
C SER A 79 -3.96 -20.06 -6.13
ZN ZN B . 6.75 -7.83 -2.04
ZN ZN C . 0.19 9.51 1.53
N GLY A 1 -14.83 -6.43 -16.67
CA GLY A 1 -15.88 -7.38 -16.97
C GLY A 1 -15.69 -8.63 -16.13
N VAL A 2 -15.67 -8.47 -14.81
CA VAL A 2 -15.48 -9.53 -13.81
C VAL A 2 -16.32 -10.78 -14.06
N THR A 3 -17.50 -10.62 -14.67
CA THR A 3 -18.39 -11.72 -15.03
C THR A 3 -17.66 -12.73 -15.92
N LYS A 4 -16.82 -12.22 -16.84
CA LYS A 4 -16.02 -13.03 -17.74
C LYS A 4 -14.63 -13.20 -17.10
N GLU A 5 -14.03 -12.08 -16.70
CA GLU A 5 -12.73 -12.03 -16.05
C GLU A 5 -12.88 -12.48 -14.60
N ILE A 6 -13.22 -13.77 -14.40
CA ILE A 6 -13.46 -14.34 -13.08
C ILE A 6 -12.27 -14.25 -12.11
N ARG A 7 -11.10 -13.83 -12.56
CA ARG A 7 -9.95 -13.59 -11.70
C ARG A 7 -10.17 -12.26 -10.98
N ILE A 8 -11.19 -12.20 -10.11
CA ILE A 8 -11.51 -11.04 -9.30
C ILE A 8 -10.28 -10.63 -8.47
N PRO A 9 -10.19 -9.36 -7.99
CA PRO A 9 -9.08 -8.83 -7.19
C PRO A 9 -8.80 -9.60 -5.89
N THR A 10 -8.28 -10.82 -6.03
CA THR A 10 -7.94 -11.70 -4.93
C THR A 10 -6.47 -11.42 -4.61
N LEU A 11 -6.25 -10.45 -3.73
CA LEU A 11 -4.94 -9.95 -3.37
C LEU A 11 -4.41 -10.60 -2.09
N GLU A 12 -3.15 -11.04 -2.12
CA GLU A 12 -2.43 -11.64 -1.01
C GLU A 12 -1.34 -10.66 -0.60
N GLU A 13 -1.30 -10.31 0.69
CA GLU A 13 -0.34 -9.38 1.29
C GLU A 13 1.08 -9.90 1.03
N CYS A 14 1.95 -9.05 0.47
CA CYS A 14 3.32 -9.46 0.20
C CYS A 14 4.15 -9.42 1.49
N ASP A 15 4.09 -10.53 2.24
CA ASP A 15 4.82 -10.73 3.48
C ASP A 15 6.30 -10.33 3.35
N VAL A 16 6.90 -10.63 2.19
CA VAL A 16 8.28 -10.29 1.84
C VAL A 16 8.59 -8.82 2.13
N CYS A 17 7.66 -7.91 1.86
CA CYS A 17 7.82 -6.48 2.15
C CYS A 17 6.87 -6.04 3.26
N HIS A 18 6.35 -6.99 4.05
CA HIS A 18 5.40 -6.77 5.12
C HIS A 18 4.21 -5.96 4.61
N GLY A 19 3.83 -6.24 3.36
CA GLY A 19 2.73 -5.59 2.68
C GLY A 19 2.95 -4.12 2.32
N SER A 20 4.13 -3.55 2.57
CA SER A 20 4.37 -2.15 2.22
C SER A 20 4.57 -2.03 0.70
N GLY A 21 5.67 -2.63 0.27
CA GLY A 21 6.19 -2.59 -1.08
C GLY A 21 7.71 -2.41 -1.05
N ALA A 22 8.31 -2.09 0.11
CA ALA A 22 9.75 -1.90 0.22
C ALA A 22 10.49 -3.23 0.12
N LYS A 23 11.63 -3.29 -0.58
CA LYS A 23 12.42 -4.51 -0.65
C LYS A 23 12.77 -4.97 0.78
N PRO A 24 12.86 -6.29 1.05
CA PRO A 24 13.15 -6.87 2.36
C PRO A 24 14.07 -6.05 3.26
N GLY A 25 15.35 -5.89 2.88
CA GLY A 25 16.32 -5.18 3.69
C GLY A 25 16.24 -3.66 3.51
N THR A 26 15.03 -3.08 3.52
CA THR A 26 14.82 -1.65 3.37
C THR A 26 13.43 -1.31 3.95
N GLN A 27 13.22 -0.05 4.32
CA GLN A 27 11.97 0.46 4.88
C GLN A 27 11.33 1.42 3.88
N PRO A 28 9.99 1.49 3.80
CA PRO A 28 9.32 2.41 2.91
C PRO A 28 9.46 3.82 3.49
N GLN A 29 9.28 4.86 2.68
CA GLN A 29 9.56 6.23 3.07
C GLN A 29 8.27 7.02 3.34
N THR A 30 8.12 7.65 4.51
CA THR A 30 6.94 8.41 4.90
C THR A 30 6.31 9.18 3.73
N CYS A 31 5.07 8.84 3.38
CA CYS A 31 4.37 9.53 2.30
C CYS A 31 3.92 10.90 2.78
N PRO A 32 4.44 12.00 2.21
CA PRO A 32 4.09 13.33 2.66
C PRO A 32 2.64 13.65 2.27
N THR A 33 2.14 13.11 1.15
CA THR A 33 0.79 13.30 0.66
C THR A 33 -0.27 13.08 1.76
N CYS A 34 -0.09 12.02 2.56
CA CYS A 34 -0.95 11.70 3.69
C CYS A 34 -0.24 11.97 5.03
N HIS A 35 0.91 12.65 5.02
CA HIS A 35 1.70 12.96 6.20
C HIS A 35 1.98 11.67 7.00
N GLY A 36 2.22 10.56 6.30
CA GLY A 36 2.44 9.27 6.94
C GLY A 36 1.16 8.61 7.47
N SER A 37 0.02 9.31 7.48
CA SER A 37 -1.24 8.83 8.03
C SER A 37 -1.91 7.72 7.21
N GLY A 38 -1.42 7.42 6.01
CA GLY A 38 -2.02 6.40 5.15
C GLY A 38 -3.22 6.89 4.35
N GLN A 39 -3.84 8.01 4.76
CA GLN A 39 -5.00 8.57 4.11
C GLN A 39 -4.81 10.07 3.93
N VAL A 40 -5.07 10.54 2.71
CA VAL A 40 -5.00 11.94 2.32
C VAL A 40 -6.20 12.64 2.92
N GLN A 41 -6.08 13.93 3.22
CA GLN A 41 -7.16 14.72 3.79
C GLN A 41 -7.55 15.85 2.83
N MET A 42 -8.71 15.72 2.19
CA MET A 42 -9.25 16.71 1.29
C MET A 42 -10.02 17.74 2.12
N ARG A 43 -9.52 18.98 2.12
CA ARG A 43 -10.11 20.11 2.84
C ARG A 43 -10.95 20.95 1.88
N GLN A 44 -12.16 21.29 2.31
CA GLN A 44 -13.13 22.08 1.57
C GLN A 44 -13.33 23.40 2.35
N GLY A 45 -12.40 24.33 2.15
CA GLY A 45 -12.41 25.64 2.79
C GLY A 45 -11.99 25.55 4.26
N PHE A 46 -12.79 24.86 5.07
CA PHE A 46 -12.54 24.67 6.50
C PHE A 46 -12.62 23.19 6.84
N PHE A 47 -13.81 22.60 6.72
CA PHE A 47 -14.03 21.19 7.00
C PHE A 47 -13.16 20.34 6.07
N ALA A 48 -12.84 19.10 6.48
CA ALA A 48 -12.03 18.21 5.68
C ALA A 48 -12.47 16.76 5.88
N VAL A 49 -12.17 15.91 4.90
CA VAL A 49 -12.48 14.49 4.93
C VAL A 49 -11.27 13.70 4.45
N GLN A 50 -11.10 12.49 4.98
CA GLN A 50 -9.96 11.63 4.70
C GLN A 50 -10.31 10.51 3.72
N GLN A 51 -9.34 10.15 2.86
CA GLN A 51 -9.48 9.11 1.83
C GLN A 51 -8.16 8.33 1.80
N THR A 52 -8.20 7.02 1.56
CA THR A 52 -6.99 6.20 1.47
C THR A 52 -6.01 6.79 0.45
N CYS A 53 -4.71 6.85 0.78
CA CYS A 53 -3.71 7.32 -0.15
C CYS A 53 -3.37 6.19 -1.13
N PRO A 54 -3.63 6.35 -2.44
CA PRO A 54 -3.34 5.30 -3.42
C PRO A 54 -1.84 5.13 -3.61
N HIS A 55 -1.08 6.23 -3.68
CA HIS A 55 0.35 6.21 -3.95
C HIS A 55 1.13 5.21 -3.09
N CYS A 56 0.65 4.91 -1.87
CA CYS A 56 1.26 3.94 -0.98
C CYS A 56 0.25 2.91 -0.48
N GLN A 57 -0.77 2.60 -1.30
CA GLN A 57 -1.82 1.61 -1.00
C GLN A 57 -2.26 1.66 0.47
N GLY A 58 -2.56 2.87 0.97
CA GLY A 58 -3.03 3.05 2.33
C GLY A 58 -1.98 2.86 3.44
N ARG A 59 -0.79 2.33 3.15
CA ARG A 59 0.24 2.07 4.17
C ARG A 59 0.93 3.33 4.67
N GLY A 60 0.77 4.46 3.97
CA GLY A 60 1.34 5.74 4.40
C GLY A 60 2.84 5.89 4.13
N THR A 61 3.45 4.93 3.42
CA THR A 61 4.87 4.95 3.14
C THR A 61 5.13 4.69 1.66
N LEU A 62 5.74 5.65 0.97
CA LEU A 62 6.14 5.56 -0.42
C LEU A 62 7.17 4.45 -0.60
N ILE A 63 7.14 3.88 -1.80
CA ILE A 63 7.95 2.77 -2.21
C ILE A 63 8.93 3.21 -3.31
N LYS A 64 9.97 3.97 -2.94
CA LYS A 64 10.98 4.34 -3.93
C LYS A 64 11.77 3.09 -4.35
N ASP A 65 11.81 2.08 -3.47
CA ASP A 65 12.49 0.79 -3.62
C ASP A 65 11.47 -0.33 -3.86
N PRO A 66 10.95 -0.51 -5.08
CA PRO A 66 9.90 -1.48 -5.38
C PRO A 66 10.29 -2.95 -5.18
N CYS A 67 9.59 -3.62 -4.27
CA CYS A 67 9.67 -5.04 -4.02
C CYS A 67 9.13 -5.72 -5.28
N ASN A 68 10.05 -6.11 -6.18
CA ASN A 68 9.77 -6.74 -7.46
C ASN A 68 8.61 -7.74 -7.40
N LYS A 69 8.64 -8.65 -6.43
CA LYS A 69 7.62 -9.66 -6.21
C LYS A 69 6.19 -9.12 -6.37
N CYS A 70 5.94 -7.90 -5.88
CA CYS A 70 4.63 -7.25 -5.97
C CYS A 70 4.74 -5.90 -6.67
N HIS A 71 5.82 -5.68 -7.43
CA HIS A 71 6.11 -4.43 -8.12
C HIS A 71 5.89 -3.22 -7.18
N GLY A 72 6.33 -3.33 -5.92
CA GLY A 72 6.17 -2.26 -4.95
C GLY A 72 4.72 -1.86 -4.64
N HIS A 73 3.71 -2.68 -5.00
CA HIS A 73 2.32 -2.37 -4.69
C HIS A 73 2.06 -2.67 -3.21
N GLY A 74 2.56 -3.83 -2.77
CA GLY A 74 2.45 -4.35 -1.42
C GLY A 74 1.69 -5.69 -1.37
N ARG A 75 1.12 -6.13 -2.48
CA ARG A 75 0.35 -7.36 -2.52
C ARG A 75 0.39 -7.94 -3.92
N VAL A 76 0.25 -9.27 -4.02
CA VAL A 76 0.26 -10.00 -5.28
C VAL A 76 -1.17 -10.47 -5.55
N GLU A 77 -1.59 -10.54 -6.81
CA GLU A 77 -2.94 -10.99 -7.17
C GLU A 77 -2.88 -12.45 -7.59
N ARG A 78 -3.86 -13.25 -7.14
CA ARG A 78 -3.98 -14.64 -7.57
C ARG A 78 -4.63 -14.65 -8.96
N SER A 79 -3.96 -14.02 -9.94
CA SER A 79 -4.43 -13.92 -11.32
C SER A 79 -4.55 -15.29 -11.95
ZN ZN B . 6.32 -7.06 -1.84
ZN ZN C . 0.44 8.20 1.02
#